data_6TWI
#
_entry.id   6TWI
#
_cell.length_a   64.843
_cell.length_b   215.101
_cell.length_c   78.246
_cell.angle_alpha   90.000
_cell.angle_beta   96.780
_cell.angle_gamma   90.000
#
_symmetry.space_group_name_H-M   'P 1 21 1'
#
loop_
_entity.id
_entity.type
_entity.pdbx_description
1 polymer Hemagglutinin
2 polymer 'Hemagglutinin HA2'
3 branched 'N-acetyl-alpha-neuraminic acid-(2-3)-beta-D-galactopyranose-(1-4)-2-acetamido-2-deoxy-beta-D-glucopyranose'
4 branched 2-acetamido-2-deoxy-beta-D-glucopyranose-(1-4)-2-acetamido-2-deoxy-beta-D-glucopyranose
5 non-polymer 2-acetamido-2-deoxy-beta-D-glucopyranose
6 non-polymer 1,2-ETHANEDIOL
7 non-polymer 'CALCIUM ION'
8 water water
#
loop_
_entity_poly.entity_id
_entity_poly.type
_entity_poly.pdbx_seq_one_letter_code
_entity_poly.pdbx_strand_id
1 'polypeptide(L)'
;DPDKICLGHHAVANGTIVKTLTNEQEEVTNATETVESTSLNRLCMKGRNHKDLGNCHPIGMLIGTPACDLHLTGTWDTLI
ERKNAIAYCYPGATVNEEALRQKIMESGGISKINTGFTYGSSINSAGTTKACMRNGGNSFYAELKWLVSKNKGQNFPQTT
NTYRNADTAEHLIMWGIHHPSSTQEKNDLYGTQSLSISVGSSTYKNNFVPVVGARPQVNGLSSRIDFHWTLVQPGDKITF
SHNGGLIAPSRVSKLIGRGLGIQSEAPIDNSCESKCFWRGGSINTRLPFQNLSPRTVGQCPKYVNKKSLMLATGMRNVPE
LVQGR
;
A,C,E
2 'polypeptide(L)'
;GLFGAIAGFIENGWEGMVDGWYGFRHQNAQGTGQAADYKSTQAAIDQITGKLNRIIKKTNTEFESIESEFSEIDHQIGNV
INWTKDSITDIWTYQAELLVAMENQHTIDMADSEMLNLYERVRKQLRQNAEEDGKGCFEIYHACDDSCMESIRNNTYDHS
QYREEALLNRLNINPVK
;
B,D,F
#
loop_
_chem_comp.id
_chem_comp.type
_chem_comp.name
_chem_comp.formula
CA non-polymer 'CALCIUM ION' 'Ca 2'
EDO non-polymer 1,2-ETHANEDIOL 'C2 H6 O2'
GAL D-saccharide, beta linking beta-D-galactopyranose 'C6 H12 O6'
NAG D-saccharide, beta linking 2-acetamido-2-deoxy-beta-D-glucopyranose 'C8 H15 N O6'
SIA D-saccharide, alpha linking 'N-acetyl-alpha-neuraminic acid' 'C11 H19 N O9'
#
# COMPACT_ATOMS: atom_id res chain seq x y z
N ASP A 1 -55.35 -35.61 13.86
CA ASP A 1 -55.55 -36.33 15.16
C ASP A 1 -54.60 -35.83 16.29
N PRO A 2 -53.26 -35.88 16.07
CA PRO A 2 -52.36 -35.52 17.16
C PRO A 2 -52.17 -34.01 17.30
N ASP A 3 -51.84 -33.56 18.51
CA ASP A 3 -51.44 -32.17 18.75
C ASP A 3 -50.05 -31.95 18.16
N LYS A 4 -49.74 -30.70 17.82
CA LYS A 4 -48.45 -30.39 17.19
C LYS A 4 -47.88 -29.04 17.62
N ILE A 5 -46.55 -28.96 17.59
CA ILE A 5 -45.80 -27.74 17.90
C ILE A 5 -44.84 -27.48 16.74
N CYS A 6 -44.97 -26.30 16.13
CA CYS A 6 -44.19 -25.92 14.96
C CYS A 6 -43.14 -24.89 15.33
N LEU A 7 -41.97 -25.01 14.72
CA LEU A 7 -40.87 -24.07 14.92
C LEU A 7 -40.69 -23.22 13.68
N GLY A 8 -40.31 -21.97 13.89
CA GLY A 8 -40.16 -21.03 12.79
C GLY A 8 -39.31 -19.83 13.14
N HIS A 9 -39.20 -18.93 12.17
CA HIS A 9 -38.40 -17.72 12.27
C HIS A 9 -39.18 -16.54 11.73
N HIS A 10 -38.78 -15.33 12.10
CA HIS A 10 -39.49 -14.12 11.67
C HIS A 10 -39.16 -13.75 10.22
N ALA A 11 -39.98 -12.85 9.66
CA ALA A 11 -39.80 -12.33 8.32
C ALA A 11 -40.41 -10.93 8.20
N VAL A 12 -40.14 -10.27 7.08
CA VAL A 12 -40.69 -8.93 6.79
C VAL A 12 -41.21 -8.84 5.36
N ALA A 13 -42.03 -7.83 5.11
CA ALA A 13 -42.62 -7.60 3.80
C ALA A 13 -41.56 -7.14 2.80
N ASN A 14 -40.94 -6.00 3.09
CA ASN A 14 -39.85 -5.46 2.27
C ASN A 14 -38.50 -5.83 2.88
N GLY A 15 -37.79 -6.76 2.24
CA GLY A 15 -36.43 -7.13 2.63
C GLY A 15 -35.40 -6.17 2.05
N THR A 16 -34.15 -6.32 2.49
CA THR A 16 -33.02 -5.56 1.97
C THR A 16 -32.09 -6.50 1.22
N ILE A 17 -31.62 -6.07 0.05
CA ILE A 17 -30.71 -6.87 -0.77
C ILE A 17 -29.27 -6.65 -0.32
N VAL A 18 -28.54 -7.75 -0.13
CA VAL A 18 -27.10 -7.72 0.18
C VAL A 18 -26.35 -8.72 -0.71
N LYS A 19 -25.02 -8.62 -0.68
CA LYS A 19 -24.15 -9.53 -1.42
C LYS A 19 -23.42 -10.48 -0.47
N THR A 20 -23.26 -11.73 -0.92
CA THR A 20 -22.55 -12.76 -0.15
C THR A 20 -21.40 -13.27 -1.01
N LEU A 21 -20.70 -14.29 -0.52
CA LEU A 21 -19.63 -14.94 -1.30
C LEU A 21 -20.17 -15.62 -2.57
N THR A 22 -21.40 -16.15 -2.50
CA THR A 22 -22.00 -16.96 -3.57
C THR A 22 -23.21 -16.34 -4.28
N ASN A 23 -23.73 -15.21 -3.79
CA ASN A 23 -24.98 -14.65 -4.31
C ASN A 23 -24.94 -13.12 -4.30
N GLU A 24 -25.19 -12.53 -5.47
CA GLU A 24 -25.22 -11.07 -5.63
C GLU A 24 -26.58 -10.44 -5.27
N GLN A 25 -27.65 -11.24 -5.30
CA GLN A 25 -29.02 -10.78 -5.04
C GLN A 25 -29.65 -11.55 -3.86
N GLU A 26 -29.06 -11.38 -2.67
CA GLU A 26 -29.47 -12.09 -1.47
C GLU A 26 -30.35 -11.20 -0.59
N GLU A 27 -31.61 -11.59 -0.39
CA GLU A 27 -32.56 -10.81 0.41
C GLU A 27 -32.44 -11.19 1.88
N VAL A 28 -32.36 -10.18 2.75
CA VAL A 28 -32.28 -10.37 4.21
C VAL A 28 -33.28 -9.46 4.92
N THR A 29 -33.59 -9.79 6.17
CA THR A 29 -34.60 -9.06 6.95
C THR A 29 -34.17 -7.63 7.30
N ASN A 30 -32.87 -7.41 7.45
CA ASN A 30 -32.32 -6.08 7.76
C ASN A 30 -30.85 -6.00 7.36
N ALA A 31 -30.42 -4.81 6.94
CA ALA A 31 -29.02 -4.54 6.58
C ALA A 31 -28.66 -3.09 6.89
N THR A 32 -27.37 -2.82 7.03
CA THR A 32 -26.87 -1.48 7.34
C THR A 32 -25.66 -1.12 6.46
N GLU A 33 -25.54 0.17 6.15
CA GLU A 33 -24.50 0.68 5.25
C GLU A 33 -23.11 0.69 5.92
N THR A 34 -22.06 0.43 5.12
CA THR A 34 -20.66 0.53 5.57
C THR A 34 -19.82 1.61 4.86
N VAL A 35 -20.31 2.14 3.72
CA VAL A 35 -19.63 3.22 2.99
C VAL A 35 -20.40 4.53 3.19
N GLU A 36 -19.74 5.53 3.77
CA GLU A 36 -20.34 6.84 4.00
C GLU A 36 -20.42 7.63 2.68
N SER A 37 -21.62 8.09 2.35
CA SER A 37 -21.87 8.88 1.14
C SER A 37 -21.95 10.39 1.38
N THR A 38 -22.32 10.80 2.60
CA THR A 38 -22.60 12.20 2.92
C THR A 38 -21.55 12.81 3.86
N SER A 39 -21.40 14.13 3.76
CA SER A 39 -20.44 14.89 4.56
C SER A 39 -21.11 16.15 5.10
N LEU A 40 -20.66 16.61 6.27
CA LEU A 40 -21.05 17.92 6.80
C LEU A 40 -20.29 18.98 6.00
N ASN A 41 -20.98 20.02 5.56
CA ASN A 41 -20.38 21.08 4.72
C ASN A 41 -19.78 22.18 5.59
N ARG A 42 -18.95 21.77 6.55
CA ARG A 42 -18.40 22.65 7.58
C ARG A 42 -17.10 22.06 8.09
N LEU A 43 -16.16 22.92 8.47
CA LEU A 43 -15.00 22.51 9.24
C LEU A 43 -15.39 22.56 10.71
N CYS A 44 -15.56 21.38 11.31
CA CYS A 44 -16.02 21.26 12.70
C CYS A 44 -14.83 21.42 13.65
N MET A 45 -14.72 22.59 14.29
CA MET A 45 -13.53 22.97 15.06
C MET A 45 -13.73 23.04 16.58
N LYS A 46 -14.74 22.38 17.12
CA LYS A 46 -14.90 22.31 18.58
C LYS A 46 -13.79 21.44 19.18
N GLY A 47 -13.29 21.85 20.34
CA GLY A 47 -12.14 21.20 20.98
C GLY A 47 -10.83 21.39 20.25
N ARG A 48 -10.71 22.48 19.47
CA ARG A 48 -9.50 22.78 18.70
C ARG A 48 -9.20 24.29 18.73
N ASN A 49 -7.99 24.64 19.17
CA ASN A 49 -7.48 26.01 19.01
C ASN A 49 -7.05 26.17 17.55
N HIS A 50 -7.95 26.69 16.72
CA HIS A 50 -7.74 26.77 15.28
C HIS A 50 -7.43 28.18 14.78
N LYS A 51 -7.02 28.26 13.52
CA LYS A 51 -6.73 29.51 12.84
C LYS A 51 -7.21 29.43 11.39
N ASP A 52 -8.22 30.24 11.04
CA ASP A 52 -8.64 30.40 9.65
C ASP A 52 -7.81 31.52 9.04
N LEU A 53 -7.01 31.19 8.03
CA LEU A 53 -6.10 32.16 7.41
C LEU A 53 -6.80 33.16 6.49
N GLY A 54 -7.98 32.81 5.97
CA GLY A 54 -8.70 33.67 5.04
C GLY A 54 -7.94 33.78 3.73
N ASN A 55 -7.72 35.01 3.25
CA ASN A 55 -6.92 35.25 2.04
C ASN A 55 -5.39 35.32 2.27
N CYS A 56 -4.92 34.95 3.47
CA CYS A 56 -3.49 34.89 3.79
C CYS A 56 -2.92 33.52 3.43
N HIS A 57 -1.89 33.49 2.59
CA HIS A 57 -1.17 32.25 2.28
C HIS A 57 -0.16 31.97 3.40
N PRO A 58 0.07 30.68 3.75
CA PRO A 58 1.03 30.33 4.81
C PRO A 58 2.41 30.99 4.71
N ILE A 59 2.97 31.05 3.51
CA ILE A 59 4.27 31.72 3.26
C ILE A 59 4.19 33.22 3.58
N GLY A 60 3.04 33.84 3.29
CA GLY A 60 2.80 35.25 3.65
C GLY A 60 2.87 35.57 5.14
N MET A 61 2.66 34.57 5.99
CA MET A 61 2.82 34.72 7.45
C MET A 61 4.27 34.99 7.85
N LEU A 62 5.22 34.41 7.11
CA LEU A 62 6.64 34.50 7.43
C LEU A 62 7.28 35.80 6.94
N ILE A 63 6.96 36.20 5.70
CA ILE A 63 7.47 37.45 5.12
C ILE A 63 6.62 38.68 5.48
N GLY A 64 5.35 38.48 5.79
CA GLY A 64 4.49 39.53 6.30
C GLY A 64 3.80 40.33 5.22
N THR A 65 3.04 39.63 4.38
CA THR A 65 2.19 40.27 3.37
C THR A 65 1.04 41.02 4.07
N PRO A 66 0.57 42.15 3.50
CA PRO A 66 -0.59 42.87 4.07
C PRO A 66 -1.77 41.99 4.47
N ALA A 67 -2.11 41.01 3.63
CA ALA A 67 -3.18 40.04 3.91
C ALA A 67 -2.97 39.21 5.20
N CYS A 68 -1.70 39.03 5.60
CA CYS A 68 -1.34 38.22 6.77
C CYS A 68 -1.05 39.02 8.05
N ASP A 69 -1.49 40.28 8.12
CA ASP A 69 -1.17 41.14 9.27
C ASP A 69 -1.75 40.67 10.62
N LEU A 70 -2.87 39.95 10.57
CA LEU A 70 -3.46 39.34 11.77
C LEU A 70 -2.91 37.93 12.06
N HIS A 71 -2.04 37.40 11.19
CA HIS A 71 -1.53 36.03 11.28
C HIS A 71 0.01 35.99 11.25
N LEU A 72 0.65 37.01 11.80
CA LEU A 72 2.12 37.06 11.87
C LEU A 72 2.65 36.21 13.02
N THR A 73 1.91 36.15 14.13
CA THR A 73 2.23 35.28 15.25
C THR A 73 0.99 34.53 15.72
N GLY A 74 1.18 33.58 16.63
CA GLY A 74 0.08 32.84 17.26
C GLY A 74 0.41 31.39 17.55
N THR A 75 -0.50 30.71 18.24
CA THR A 75 -0.45 29.27 18.46
C THR A 75 -1.77 28.66 18.00
N TRP A 76 -1.69 27.41 17.56
CA TRP A 76 -2.85 26.67 17.05
C TRP A 76 -2.54 25.18 17.01
N ASP A 77 -3.58 24.35 17.11
CA ASP A 77 -3.45 22.92 16.79
C ASP A 77 -3.93 22.58 15.38
N THR A 78 -4.67 23.51 14.74
CA THR A 78 -5.16 23.33 13.37
C THR A 78 -5.04 24.64 12.59
N LEU A 79 -4.49 24.57 11.38
CA LEU A 79 -4.29 25.73 10.52
C LEU A 79 -5.06 25.50 9.23
N ILE A 80 -5.97 26.41 8.91
CA ILE A 80 -6.85 26.28 7.73
C ILE A 80 -6.37 27.21 6.63
N GLU A 81 -6.00 26.61 5.49
CA GLU A 81 -5.60 27.36 4.30
C GLU A 81 -6.77 27.40 3.32
N ARG A 82 -6.89 28.51 2.58
CA ARG A 82 -7.99 28.73 1.65
C ARG A 82 -7.51 28.91 0.23
N LYS A 83 -8.45 28.81 -0.72
CA LYS A 83 -8.17 28.91 -2.15
C LYS A 83 -7.89 30.36 -2.54
N ASN A 84 -7.00 30.54 -3.53
CA ASN A 84 -6.56 31.86 -4.02
C ASN A 84 -6.02 32.77 -2.91
N ALA A 85 -5.33 32.17 -1.93
CA ALA A 85 -4.71 32.91 -0.84
C ALA A 85 -3.48 33.64 -1.39
N ILE A 86 -3.24 34.86 -0.89
CA ILE A 86 -2.15 35.70 -1.40
C ILE A 86 -0.89 35.54 -0.54
N ALA A 87 0.19 35.10 -1.19
CA ALA A 87 1.52 35.02 -0.56
C ALA A 87 2.36 36.27 -0.87
N TYR A 88 2.34 36.72 -2.11
CA TYR A 88 3.22 37.79 -2.59
C TYR A 88 2.41 38.96 -3.16
N CYS A 89 2.51 40.13 -2.52
CA CYS A 89 1.92 41.36 -3.06
C CYS A 89 2.78 41.87 -4.23
N TYR A 90 4.09 41.92 -4.03
CA TYR A 90 5.04 42.25 -5.11
C TYR A 90 5.27 41.00 -5.99
N PRO A 91 5.42 41.18 -7.32
CA PRO A 91 5.66 40.01 -8.19
C PRO A 91 6.93 39.22 -7.84
N GLY A 92 6.82 37.90 -7.86
CA GLY A 92 7.94 37.00 -7.53
C GLY A 92 7.48 35.67 -6.95
N ALA A 93 8.44 34.85 -6.57
CA ALA A 93 8.18 33.51 -6.03
C ALA A 93 9.26 33.07 -5.05
N THR A 94 8.91 32.15 -4.16
CA THR A 94 9.86 31.56 -3.22
C THR A 94 10.50 30.33 -3.84
N VAL A 95 11.82 30.20 -3.67
CA VAL A 95 12.54 29.00 -4.11
C VAL A 95 12.29 27.89 -3.08
N ASN A 96 11.98 26.69 -3.57
CA ASN A 96 11.58 25.55 -2.74
C ASN A 96 10.29 25.89 -1.97
N GLU A 97 9.29 26.31 -2.74
CA GLU A 97 8.05 26.90 -2.21
C GLU A 97 7.14 25.91 -1.47
N GLU A 98 6.93 24.75 -2.08
CA GLU A 98 5.99 23.75 -1.56
C GLU A 98 6.44 23.13 -0.23
N ALA A 99 7.74 22.87 -0.09
CA ALA A 99 8.31 22.36 1.15
C ALA A 99 8.14 23.34 2.33
N LEU A 100 8.30 24.63 2.04
CA LEU A 100 8.10 25.68 3.04
C LEU A 100 6.65 25.77 3.50
N ARG A 101 5.72 25.69 2.54
CA ARG A 101 4.28 25.66 2.86
C ARG A 101 3.92 24.47 3.74
N GLN A 102 4.41 23.28 3.35
CA GLN A 102 4.18 22.07 4.13
C GLN A 102 4.72 22.15 5.56
N LYS A 103 5.90 22.74 5.73
CA LYS A 103 6.49 22.95 7.07
C LYS A 103 5.62 23.84 7.96
N ILE A 104 5.08 24.91 7.39
CA ILE A 104 4.21 25.85 8.13
C ILE A 104 2.88 25.17 8.46
N MET A 105 2.32 24.44 7.50
CA MET A 105 1.07 23.70 7.70
C MET A 105 1.19 22.51 8.66
N GLU A 106 2.41 22.02 8.90
CA GLU A 106 2.68 21.00 9.94
C GLU A 106 2.93 21.59 11.34
N SER A 107 3.17 22.90 11.43
CA SER A 107 3.49 23.55 12.70
C SER A 107 2.26 23.77 13.56
N GLY A 108 2.50 24.15 14.82
CA GLY A 108 1.45 24.48 15.77
C GLY A 108 1.57 25.89 16.34
N GLY A 109 2.10 26.81 15.54
CA GLY A 109 2.30 28.20 15.95
C GLY A 109 3.55 28.81 15.36
N ILE A 110 3.63 30.15 15.44
CA ILE A 110 4.78 30.90 14.95
C ILE A 110 5.13 32.00 15.96
N SER A 111 6.40 32.03 16.36
CA SER A 111 6.99 33.16 17.10
C SER A 111 7.86 33.96 16.15
N LYS A 112 8.05 35.25 16.46
CA LYS A 112 8.90 36.14 15.67
C LYS A 112 9.99 36.73 16.56
N ILE A 113 11.22 36.75 16.05
CA ILE A 113 12.39 37.27 16.77
C ILE A 113 13.12 38.28 15.89
N ASN A 114 13.51 39.41 16.47
CA ASN A 114 14.19 40.48 15.73
C ASN A 114 15.60 40.04 15.30
N THR A 115 15.94 40.33 14.04
CA THR A 115 17.29 40.13 13.53
C THR A 115 18.27 41.15 14.12
N GLY A 116 17.77 42.35 14.39
CA GLY A 116 18.59 43.44 14.92
C GLY A 116 19.49 44.12 13.90
N PHE A 117 19.24 43.87 12.62
CA PHE A 117 20.09 44.39 11.54
C PHE A 117 19.92 45.90 11.42
N THR A 118 21.04 46.62 11.32
CA THR A 118 21.04 48.08 11.15
C THR A 118 21.87 48.45 9.94
N TYR A 119 21.65 49.67 9.45
CA TYR A 119 22.21 50.12 8.16
C TYR A 119 22.69 51.57 8.27
N GLY A 120 23.72 51.90 7.51
CA GLY A 120 24.36 53.22 7.56
C GLY A 120 23.52 54.34 6.98
N SER A 121 24.01 55.57 7.15
CA SER A 121 23.29 56.79 6.76
C SER A 121 22.98 56.91 5.26
N SER A 122 23.85 56.33 4.41
CA SER A 122 23.63 56.38 2.95
C SER A 122 22.59 55.37 2.43
N ILE A 123 22.18 54.41 3.26
CA ILE A 123 21.12 53.44 2.90
C ILE A 123 19.76 53.95 3.39
N ASN A 124 18.76 53.91 2.50
CA ASN A 124 17.36 54.05 2.88
C ASN A 124 16.77 52.65 3.08
N SER A 125 16.43 52.31 4.32
CA SER A 125 15.91 50.98 4.67
C SER A 125 14.38 50.87 4.65
N ALA A 126 13.67 51.96 4.37
CA ALA A 126 12.20 52.01 4.39
C ALA A 126 11.60 52.19 2.99
N GLY A 127 12.09 51.43 2.02
CA GLY A 127 11.56 51.43 0.66
C GLY A 127 10.20 50.77 0.61
N THR A 128 9.26 51.39 -0.12
CA THR A 128 7.87 50.91 -0.20
C THR A 128 7.46 50.72 -1.67
N THR A 129 6.23 50.23 -1.89
CA THR A 129 5.72 50.00 -3.24
C THR A 129 4.18 50.03 -3.30
N LYS A 130 3.65 50.27 -4.49
CA LYS A 130 2.20 50.36 -4.72
C LYS A 130 1.51 49.00 -4.65
N ALA A 131 2.23 47.93 -4.97
CA ALA A 131 1.68 46.56 -4.95
C ALA A 131 1.32 46.07 -3.54
N CYS A 132 2.08 46.51 -2.52
CA CYS A 132 1.86 46.13 -1.13
C CYS A 132 1.28 47.31 -0.36
N MET A 133 -0.05 47.45 -0.40
CA MET A 133 -0.76 48.55 0.28
C MET A 133 -1.07 48.17 1.73
N ARG A 134 -1.05 49.19 2.60
CA ARG A 134 -1.39 49.02 4.01
C ARG A 134 -1.85 50.37 4.58
N ASN A 135 -3.05 50.39 5.19
CA ASN A 135 -3.69 51.61 5.71
C ASN A 135 -3.93 52.68 4.63
N GLY A 136 -4.27 52.24 3.41
CA GLY A 136 -4.47 53.13 2.27
C GLY A 136 -3.24 53.90 1.82
N GLY A 137 -2.06 53.32 2.01
CA GLY A 137 -0.78 53.95 1.63
C GLY A 137 0.25 52.93 1.19
N ASN A 138 1.32 53.41 0.56
CA ASN A 138 2.41 52.54 0.09
C ASN A 138 3.16 51.90 1.26
N SER A 139 3.52 50.63 1.08
CA SER A 139 4.14 49.85 2.15
C SER A 139 4.99 48.70 1.58
N PHE A 140 5.42 47.80 2.46
CA PHE A 140 6.25 46.66 2.06
C PHE A 140 5.97 45.48 2.99
N TYR A 141 6.54 44.32 2.63
CA TYR A 141 6.50 43.13 3.48
C TYR A 141 6.95 43.47 4.91
N ALA A 142 6.07 43.23 5.88
CA ALA A 142 6.25 43.68 7.28
C ALA A 142 7.49 43.12 7.97
N GLU A 143 7.90 41.90 7.61
CA GLU A 143 9.04 41.23 8.25
C GLU A 143 10.35 41.41 7.47
N LEU A 144 10.33 42.21 6.40
CA LEU A 144 11.49 42.46 5.56
C LEU A 144 11.68 43.96 5.34
N LYS A 145 12.82 44.34 4.78
CA LYS A 145 13.15 45.74 4.51
C LYS A 145 13.80 45.88 3.13
N TRP A 146 13.21 46.73 2.29
CA TRP A 146 13.78 47.04 0.99
C TRP A 146 14.85 48.11 1.17
N LEU A 147 16.11 47.68 1.04
CA LEU A 147 17.26 48.56 1.21
C LEU A 147 17.65 49.14 -0.14
N VAL A 148 17.72 50.47 -0.23
CA VAL A 148 18.19 51.16 -1.43
C VAL A 148 19.09 52.34 -1.05
N SER A 149 19.87 52.83 -2.01
CA SER A 149 20.73 53.99 -1.79
C SER A 149 19.87 55.24 -1.58
N LYS A 150 20.16 55.99 -0.52
CA LYS A 150 19.37 57.16 -0.13
C LYS A 150 19.41 58.25 -1.21
N ASN A 151 20.61 58.57 -1.68
CA ASN A 151 20.80 59.48 -2.81
C ASN A 151 20.68 58.66 -4.09
N LYS A 152 19.82 59.12 -5.01
CA LYS A 152 19.53 58.40 -6.26
C LYS A 152 20.76 58.40 -7.18
N GLY A 153 21.22 57.21 -7.56
CA GLY A 153 22.40 57.04 -8.42
C GLY A 153 23.68 56.65 -7.71
N GLN A 154 23.79 56.97 -6.42
CA GLN A 154 24.99 56.68 -5.62
C GLN A 154 25.13 55.18 -5.36
N ASN A 155 26.37 54.72 -5.21
CA ASN A 155 26.64 53.30 -4.97
C ASN A 155 26.22 52.87 -3.56
N PHE A 156 25.49 51.76 -3.49
CA PHE A 156 25.03 51.18 -2.23
C PHE A 156 26.26 50.59 -1.52
N PRO A 157 26.51 51.00 -0.25
CA PRO A 157 27.75 50.61 0.42
C PRO A 157 27.78 49.15 0.86
N GLN A 158 28.98 48.59 0.98
CA GLN A 158 29.18 47.21 1.40
C GLN A 158 28.71 47.05 2.85
N THR A 159 27.74 46.16 3.06
CA THR A 159 27.10 45.97 4.35
C THR A 159 27.13 44.48 4.72
N THR A 160 27.51 44.20 5.96
CA THR A 160 27.57 42.83 6.48
C THR A 160 26.75 42.74 7.78
N ASN A 161 25.73 41.88 7.77
CA ASN A 161 24.81 41.70 8.91
C ASN A 161 24.78 40.23 9.32
N THR A 162 24.80 39.97 10.63
CA THR A 162 24.78 38.61 11.17
C THR A 162 23.69 38.45 12.21
N TYR A 163 22.86 37.42 12.04
CA TYR A 163 21.87 37.01 13.03
C TYR A 163 22.32 35.73 13.73
N ARG A 164 22.35 35.75 15.06
CA ARG A 164 22.64 34.56 15.87
C ARG A 164 21.36 34.01 16.49
N ASN A 165 21.13 32.71 16.31
CA ASN A 165 20.04 32.00 16.99
C ASN A 165 20.45 31.78 18.45
N ALA A 166 19.88 32.60 19.34
CA ALA A 166 20.11 32.49 20.79
C ALA A 166 19.15 31.53 21.49
N ASP A 167 18.19 30.98 20.76
CA ASP A 167 17.18 30.07 21.33
C ASP A 167 17.70 28.63 21.34
N THR A 168 17.06 27.79 22.13
CA THR A 168 17.34 26.35 22.15
C THR A 168 16.68 25.58 20.99
N ALA A 169 15.73 26.21 20.30
CA ALA A 169 15.03 25.60 19.16
C ALA A 169 15.51 26.14 17.81
N GLU A 170 15.08 25.47 16.76
CA GLU A 170 15.45 25.80 15.38
C GLU A 170 14.65 27.01 14.88
N HIS A 171 15.32 27.95 14.21
CA HIS A 171 14.71 29.17 13.67
C HIS A 171 14.72 29.16 12.14
N LEU A 172 13.72 29.79 11.53
CA LEU A 172 13.59 29.88 10.07
C LEU A 172 13.75 31.34 9.65
N ILE A 173 14.65 31.58 8.71
CA ILE A 173 14.98 32.93 8.24
C ILE A 173 14.73 33.02 6.74
N MET A 174 14.11 34.13 6.31
CA MET A 174 13.83 34.39 4.90
C MET A 174 14.47 35.71 4.48
N TRP A 175 14.80 35.78 3.20
CA TRP A 175 15.25 37.02 2.57
C TRP A 175 14.83 37.01 1.12
N GLY A 176 14.96 38.15 0.46
CA GLY A 176 14.60 38.29 -0.94
C GLY A 176 15.73 38.93 -1.74
N ILE A 177 15.69 38.70 -3.06
CA ILE A 177 16.63 39.31 -4.00
C ILE A 177 15.80 40.09 -5.01
N HIS A 178 16.00 41.40 -5.08
CA HIS A 178 15.32 42.23 -6.07
C HIS A 178 16.00 42.06 -7.42
N HIS A 179 15.23 41.64 -8.42
CA HIS A 179 15.69 41.55 -9.80
C HIS A 179 15.05 42.71 -10.59
N PRO A 180 15.80 43.80 -10.84
CA PRO A 180 15.18 44.99 -11.47
C PRO A 180 14.73 44.80 -12.93
N SER A 181 13.89 45.73 -13.39
CA SER A 181 13.32 45.68 -14.74
C SER A 181 14.32 46.15 -15.78
N SER A 182 14.88 47.35 -15.58
CA SER A 182 15.81 47.97 -16.52
C SER A 182 17.18 48.20 -15.90
N THR A 183 18.15 48.51 -16.76
CA THR A 183 19.51 48.85 -16.32
C THR A 183 19.57 50.20 -15.60
N GLN A 184 18.72 51.14 -16.01
CA GLN A 184 18.64 52.46 -15.38
C GLN A 184 18.04 52.40 -13.97
N GLU A 185 17.01 51.56 -13.81
CA GLU A 185 16.40 51.32 -12.50
C GLU A 185 17.41 50.78 -11.50
N LYS A 186 18.17 49.77 -11.92
CA LYS A 186 19.24 49.18 -11.11
C LYS A 186 20.27 50.22 -10.67
N ASN A 187 20.67 51.11 -11.58
CA ASN A 187 21.64 52.16 -11.28
C ASN A 187 21.10 53.23 -10.33
N ASP A 188 19.80 53.54 -10.44
CA ASP A 188 19.16 54.51 -9.54
C ASP A 188 19.08 54.02 -8.08
N LEU A 189 18.72 52.76 -7.89
CA LEU A 189 18.52 52.20 -6.55
C LEU A 189 19.83 51.76 -5.88
N TYR A 190 20.65 51.00 -6.62
CA TYR A 190 21.84 50.35 -6.06
C TYR A 190 23.18 50.90 -6.55
N GLY A 191 23.24 51.35 -7.81
CA GLY A 191 24.44 51.99 -8.38
C GLY A 191 24.98 51.26 -9.60
N THR A 192 26.02 51.84 -10.20
CA THR A 192 26.66 51.26 -11.40
C THR A 192 27.58 50.06 -11.09
N GLN A 193 27.99 49.93 -9.82
CA GLN A 193 28.81 48.80 -9.37
C GLN A 193 28.17 47.44 -9.66
N SER A 194 29.01 46.41 -9.82
CA SER A 194 28.52 45.04 -9.98
C SER A 194 27.98 44.54 -8.63
N LEU A 195 26.74 44.05 -8.64
CA LEU A 195 26.06 43.62 -7.41
C LEU A 195 26.36 42.17 -7.07
N SER A 196 26.44 41.89 -5.76
CA SER A 196 26.66 40.54 -5.26
C SER A 196 26.12 40.43 -3.83
N ILE A 197 25.41 39.34 -3.55
CA ILE A 197 24.82 39.09 -2.24
C ILE A 197 25.19 37.67 -1.81
N SER A 198 26.00 37.57 -0.74
CA SER A 198 26.37 36.27 -0.19
C SER A 198 25.63 36.02 1.13
N VAL A 199 25.20 34.78 1.33
CA VAL A 199 24.56 34.34 2.56
C VAL A 199 25.25 33.06 3.02
N GLY A 200 25.58 32.98 4.30
CA GLY A 200 26.34 31.84 4.83
C GLY A 200 26.17 31.59 6.32
N SER A 201 25.99 30.32 6.67
CA SER A 201 25.97 29.85 8.05
C SER A 201 26.87 28.60 8.16
N SER A 202 26.81 27.89 9.28
CA SER A 202 27.52 26.61 9.43
C SER A 202 26.92 25.48 8.59
N THR A 203 25.60 25.50 8.38
CA THR A 203 24.88 24.43 7.68
C THR A 203 24.39 24.81 6.26
N TYR A 204 24.62 26.06 5.84
CA TYR A 204 24.12 26.56 4.56
C TYR A 204 25.02 27.67 4.02
N LYS A 205 25.17 27.72 2.70
CA LYS A 205 25.73 28.90 2.03
C LYS A 205 25.27 29.00 0.58
N ASN A 206 25.25 30.23 0.08
CA ASN A 206 24.86 30.48 -1.31
C ASN A 206 25.26 31.91 -1.71
N ASN A 207 25.35 32.12 -3.02
CA ASN A 207 25.62 33.44 -3.59
C ASN A 207 24.44 33.85 -4.46
N PHE A 208 24.18 35.14 -4.55
CA PHE A 208 23.07 35.69 -5.34
C PHE A 208 23.50 36.96 -6.07
N VAL A 209 23.11 37.08 -7.34
CA VAL A 209 23.35 38.27 -8.14
C VAL A 209 22.03 38.73 -8.73
N PRO A 210 21.64 40.01 -8.47
CA PRO A 210 20.49 40.60 -9.17
C PRO A 210 20.65 40.57 -10.69
N VAL A 211 19.60 40.14 -11.39
CA VAL A 211 19.64 40.02 -12.85
C VAL A 211 18.68 41.04 -13.48
N VAL A 212 19.26 41.92 -14.30
CA VAL A 212 18.49 42.90 -15.07
C VAL A 212 18.01 42.21 -16.35
N GLY A 213 16.70 42.19 -16.55
CA GLY A 213 16.11 41.55 -17.74
C GLY A 213 14.66 41.98 -17.94
N ALA A 214 14.30 42.25 -19.19
CA ALA A 214 12.92 42.61 -19.55
C ALA A 214 12.04 41.37 -19.48
N ARG A 215 10.83 41.54 -18.97
CA ARG A 215 9.90 40.42 -18.79
C ARG A 215 8.46 40.96 -18.59
N PRO A 216 7.43 40.11 -18.81
CA PRO A 216 6.04 40.57 -18.70
C PRO A 216 5.67 41.16 -17.34
N GLN A 217 4.81 42.17 -17.36
CA GLN A 217 4.40 42.87 -16.14
C GLN A 217 3.32 42.10 -15.38
N VAL A 218 3.45 42.06 -14.06
CA VAL A 218 2.44 41.51 -13.16
C VAL A 218 2.02 42.66 -12.26
N ASN A 219 0.75 43.07 -12.39
CA ASN A 219 0.20 44.25 -11.69
C ASN A 219 1.04 45.51 -11.96
N GLY A 220 1.37 45.72 -13.23
CA GLY A 220 2.14 46.90 -13.67
C GLY A 220 3.59 46.96 -13.24
N LEU A 221 4.21 45.79 -13.07
CA LEU A 221 5.60 45.69 -12.55
C LEU A 221 6.38 44.57 -13.23
N SER A 222 7.32 44.94 -14.10
CA SER A 222 8.20 43.98 -14.78
C SER A 222 9.34 43.46 -13.90
N SER A 223 9.65 44.16 -12.80
CA SER A 223 10.64 43.68 -11.84
C SER A 223 10.10 42.54 -10.98
N ARG A 224 11.01 41.84 -10.31
CA ARG A 224 10.67 40.70 -9.44
C ARG A 224 11.37 40.82 -8.09
N ILE A 225 10.78 40.18 -7.08
CA ILE A 225 11.44 39.94 -5.80
C ILE A 225 11.25 38.47 -5.44
N ASP A 226 12.27 37.66 -5.72
CA ASP A 226 12.25 36.23 -5.40
C ASP A 226 12.78 36.01 -3.98
N PHE A 227 12.18 35.06 -3.27
CA PHE A 227 12.53 34.77 -1.88
C PHE A 227 13.31 33.46 -1.75
N HIS A 228 14.15 33.40 -0.71
CA HIS A 228 14.92 32.21 -0.37
C HIS A 228 14.86 32.02 1.14
N TRP A 229 15.12 30.79 1.58
CA TRP A 229 15.03 30.47 3.00
C TRP A 229 15.95 29.34 3.43
N THR A 230 16.21 29.29 4.74
CA THR A 230 16.93 28.19 5.35
C THR A 230 16.65 28.13 6.84
N LEU A 231 17.07 27.04 7.46
CA LEU A 231 16.90 26.83 8.89
C LEU A 231 18.22 27.15 9.58
N VAL A 232 18.16 27.98 10.62
CA VAL A 232 19.32 28.35 11.43
C VAL A 232 19.23 27.59 12.74
N GLN A 233 20.23 26.73 13.00
CA GLN A 233 20.20 25.84 14.16
C GLN A 233 20.54 26.60 15.45
N PRO A 234 20.19 26.02 16.64
CA PRO A 234 20.50 26.65 17.93
C PRO A 234 21.99 26.93 18.13
N GLY A 235 22.34 28.18 18.47
CA GLY A 235 23.73 28.59 18.67
C GLY A 235 24.42 29.12 17.42
N ASP A 236 24.00 28.65 16.24
CA ASP A 236 24.65 28.99 14.98
C ASP A 236 24.30 30.41 14.53
N LYS A 237 25.22 31.01 13.77
CA LYS A 237 25.02 32.33 13.18
C LYS A 237 24.75 32.20 11.68
N ILE A 238 24.09 33.21 11.12
CA ILE A 238 23.93 33.32 9.66
C ILE A 238 24.29 34.75 9.25
N THR A 239 25.15 34.89 8.25
CA THR A 239 25.75 36.17 7.88
C THR A 239 25.39 36.57 6.45
N PHE A 240 24.85 37.78 6.29
CA PHE A 240 24.52 38.36 4.99
C PHE A 240 25.55 39.43 4.65
N SER A 241 26.16 39.33 3.45
CA SER A 241 27.02 40.39 2.92
C SER A 241 26.49 40.82 1.57
N HIS A 242 26.34 42.13 1.37
CA HIS A 242 25.59 42.67 0.24
C HIS A 242 25.93 44.12 -0.07
N ASN A 243 25.83 44.49 -1.34
CA ASN A 243 26.07 45.87 -1.80
C ASN A 243 24.96 46.35 -2.74
N GLY A 244 23.71 46.02 -2.38
CA GLY A 244 22.53 46.42 -3.14
C GLY A 244 21.83 45.22 -3.76
N GLY A 245 20.51 45.15 -3.57
CA GLY A 245 19.69 44.07 -4.11
C GLY A 245 19.07 43.16 -3.06
N LEU A 246 19.64 43.12 -1.87
CA LEU A 246 19.10 42.30 -0.78
C LEU A 246 17.81 42.93 -0.25
N ILE A 247 16.80 42.09 -0.07
CA ILE A 247 15.61 42.40 0.70
C ILE A 247 15.83 41.70 2.03
N ALA A 248 16.36 42.44 3.00
CA ALA A 248 16.88 41.87 4.24
C ALA A 248 15.78 41.66 5.29
N PRO A 249 15.86 40.57 6.08
CA PRO A 249 14.88 40.33 7.15
C PRO A 249 15.08 41.24 8.35
N SER A 250 14.00 41.85 8.83
CA SER A 250 13.98 42.54 10.13
C SER A 250 13.67 41.56 11.26
N ARG A 251 12.92 40.50 10.94
CA ARG A 251 12.58 39.44 11.91
C ARG A 251 12.69 38.05 11.30
N VAL A 252 12.96 37.05 12.15
CA VAL A 252 12.96 35.63 11.77
C VAL A 252 11.80 34.91 12.45
N SER A 253 11.50 33.69 11.98
CA SER A 253 10.38 32.89 12.48
C SER A 253 10.85 31.67 13.26
N LYS A 254 10.04 31.24 14.22
CA LYS A 254 10.21 29.97 14.91
C LYS A 254 8.91 29.18 14.82
N LEU A 255 8.93 28.04 14.13
CA LEU A 255 7.77 27.15 14.07
C LEU A 255 7.67 26.37 15.36
N ILE A 256 6.54 26.50 16.06
CA ILE A 256 6.34 25.94 17.40
C ILE A 256 5.46 24.69 17.31
N GLY A 257 5.92 23.59 17.91
CA GLY A 257 5.10 22.39 18.08
C GLY A 257 4.58 21.78 16.78
N ARG A 258 3.43 21.10 16.88
CA ARG A 258 2.82 20.40 15.75
C ARG A 258 1.34 20.76 15.63
N GLY A 259 0.83 20.66 14.40
CA GLY A 259 -0.58 20.91 14.13
C GLY A 259 -1.05 20.29 12.82
N LEU A 260 -2.36 20.32 12.60
CA LEU A 260 -2.98 19.73 11.41
C LEU A 260 -3.35 20.79 10.38
N GLY A 261 -2.55 20.88 9.32
CA GLY A 261 -2.86 21.74 8.18
C GLY A 261 -4.00 21.20 7.32
N ILE A 262 -5.06 22.01 7.17
CA ILE A 262 -6.22 21.66 6.34
C ILE A 262 -6.36 22.66 5.19
N GLN A 263 -6.54 22.13 3.98
CA GLN A 263 -6.90 22.93 2.81
C GLN A 263 -8.35 22.63 2.47
N SER A 264 -9.23 23.62 2.64
CA SER A 264 -10.68 23.42 2.45
C SER A 264 -11.42 24.67 2.00
N GLU A 265 -12.61 24.46 1.44
CA GLU A 265 -13.49 25.53 0.98
C GLU A 265 -14.72 25.73 1.87
N ALA A 266 -14.77 25.05 3.02
CA ALA A 266 -15.96 25.03 3.88
C ALA A 266 -15.81 26.00 5.08
N PRO A 267 -16.94 26.60 5.53
CA PRO A 267 -16.90 27.52 6.66
C PRO A 267 -16.68 26.85 8.02
N ILE A 268 -16.20 27.62 8.99
CA ILE A 268 -15.93 27.14 10.35
C ILE A 268 -17.25 26.93 11.10
N ASP A 269 -17.27 25.93 11.97
CA ASP A 269 -18.35 25.73 12.93
C ASP A 269 -17.76 25.22 14.25
N ASN A 270 -17.88 26.02 15.31
CA ASN A 270 -17.34 25.68 16.64
C ASN A 270 -18.31 24.91 17.55
N SER A 271 -19.51 24.58 17.05
CA SER A 271 -20.51 23.87 17.87
C SER A 271 -20.33 22.34 17.92
N CYS A 272 -19.54 21.78 17.01
CA CYS A 272 -19.35 20.31 16.94
C CYS A 272 -17.90 19.91 16.62
N GLU A 273 -17.59 18.63 16.89
CA GLU A 273 -16.23 18.09 16.77
C GLU A 273 -16.05 17.22 15.52
N SER A 274 -14.79 17.00 15.15
CA SER A 274 -14.42 16.09 14.07
C SER A 274 -12.94 15.72 14.13
N LYS A 275 -12.60 14.56 13.57
CA LYS A 275 -11.22 14.11 13.42
C LYS A 275 -10.81 13.87 11.96
N CYS A 276 -11.70 14.15 11.01
CA CYS A 276 -11.45 13.90 9.58
C CYS A 276 -11.96 15.05 8.73
N PHE A 277 -11.11 15.57 7.85
CA PHE A 277 -11.43 16.74 7.04
C PHE A 277 -11.03 16.54 5.58
N TRP A 278 -11.70 17.29 4.70
CA TRP A 278 -11.38 17.30 3.27
C TRP A 278 -11.73 18.67 2.66
N ARG A 279 -11.61 18.79 1.33
CA ARG A 279 -11.90 20.04 0.61
C ARG A 279 -13.32 20.58 0.90
N GLY A 280 -14.29 19.69 0.96
CA GLY A 280 -15.70 20.01 1.15
C GLY A 280 -16.21 20.16 2.58
N GLY A 281 -15.44 19.70 3.57
CA GLY A 281 -15.82 19.89 4.97
C GLY A 281 -15.30 18.80 5.90
N SER A 282 -16.19 18.28 6.75
CA SER A 282 -15.84 17.31 7.78
C SER A 282 -16.60 16.01 7.60
N ILE A 283 -15.97 14.89 8.01
CA ILE A 283 -16.57 13.57 7.95
C ILE A 283 -16.63 13.01 9.37
N ASN A 284 -17.81 13.07 9.99
CA ASN A 284 -18.03 12.63 11.38
C ASN A 284 -18.64 11.22 11.50
N THR A 285 -18.65 10.47 10.41
CA THR A 285 -19.28 9.14 10.39
C THR A 285 -18.55 8.11 11.26
N ARG A 286 -19.32 7.14 11.77
CA ARG A 286 -18.76 5.98 12.48
C ARG A 286 -18.41 4.81 11.54
N LEU A 287 -18.74 4.93 10.26
CA LEU A 287 -18.52 3.84 9.29
C LEU A 287 -17.05 3.70 8.91
N PRO A 288 -16.62 2.47 8.56
CA PRO A 288 -15.20 2.22 8.23
C PRO A 288 -14.73 2.74 6.88
N PHE A 289 -15.66 2.96 5.93
CA PHE A 289 -15.32 3.38 4.56
C PHE A 289 -16.08 4.62 4.14
N GLN A 290 -15.56 5.31 3.11
CA GLN A 290 -16.20 6.49 2.53
C GLN A 290 -15.92 6.59 1.03
N ASN A 291 -16.79 7.30 0.30
CA ASN A 291 -16.64 7.51 -1.15
C ASN A 291 -16.68 8.99 -1.56
N LEU A 292 -16.40 9.88 -0.61
CA LEU A 292 -16.44 11.33 -0.85
C LEU A 292 -15.21 11.78 -1.64
N SER A 293 -14.03 11.48 -1.09
CA SER A 293 -12.77 11.91 -1.70
C SER A 293 -11.59 11.02 -1.27
N PRO A 294 -10.65 10.76 -2.20
CA PRO A 294 -9.41 10.08 -1.82
C PRO A 294 -8.41 10.99 -1.09
N ARG A 295 -8.61 12.31 -1.15
CA ARG A 295 -7.77 13.27 -0.44
C ARG A 295 -8.44 13.71 0.87
N THR A 296 -7.95 13.18 1.99
CA THR A 296 -8.42 13.56 3.32
C THR A 296 -7.25 13.68 4.30
N VAL A 297 -7.48 14.33 5.43
CA VAL A 297 -6.48 14.46 6.50
C VAL A 297 -7.10 14.20 7.86
N GLY A 298 -6.30 13.63 8.77
CA GLY A 298 -6.73 13.31 10.13
C GLY A 298 -6.92 11.83 10.34
N GLN A 299 -7.88 11.47 11.19
CA GLN A 299 -8.26 10.08 11.45
C GLN A 299 -9.55 9.79 10.70
N CYS A 300 -9.43 9.10 9.55
CA CYS A 300 -10.50 9.03 8.56
C CYS A 300 -10.93 7.61 8.21
N PRO A 301 -12.19 7.44 7.74
CA PRO A 301 -12.56 6.21 7.05
C PRO A 301 -11.78 6.06 5.75
N LYS A 302 -11.51 4.83 5.34
CA LYS A 302 -10.70 4.58 4.15
C LYS A 302 -11.53 4.76 2.89
N TYR A 303 -10.97 5.47 1.91
CA TYR A 303 -11.66 5.72 0.64
C TYR A 303 -11.77 4.43 -0.16
N VAL A 304 -12.95 4.21 -0.76
CA VAL A 304 -13.20 3.04 -1.59
C VAL A 304 -13.95 3.44 -2.87
N ASN A 305 -13.75 2.67 -3.94
CA ASN A 305 -14.45 2.87 -5.22
C ASN A 305 -15.78 2.11 -5.23
N LYS A 306 -16.69 2.50 -4.33
CA LYS A 306 -18.00 1.85 -4.18
C LYS A 306 -19.04 2.85 -3.71
N LYS A 307 -20.20 2.85 -4.35
CA LYS A 307 -21.32 3.70 -3.95
C LYS A 307 -22.00 3.20 -2.69
N SER A 308 -22.08 1.88 -2.53
CA SER A 308 -22.73 1.27 -1.36
C SER A 308 -22.24 -0.17 -1.11
N LEU A 309 -22.08 -0.51 0.17
CA LEU A 309 -21.81 -1.88 0.61
C LEU A 309 -22.67 -2.19 1.84
N MET A 310 -23.76 -2.91 1.63
CA MET A 310 -24.69 -3.25 2.71
C MET A 310 -24.20 -4.46 3.50
N LEU A 311 -24.10 -4.28 4.81
CA LEU A 311 -23.73 -5.34 5.75
C LEU A 311 -25.00 -5.89 6.37
N ALA A 312 -25.20 -7.21 6.27
CA ALA A 312 -26.41 -7.86 6.76
C ALA A 312 -26.45 -7.88 8.29
N THR A 313 -27.58 -7.48 8.85
CA THR A 313 -27.82 -7.50 10.29
C THR A 313 -29.03 -8.39 10.62
N GLY A 314 -29.30 -9.36 9.75
CA GLY A 314 -30.44 -10.26 9.92
C GLY A 314 -30.38 -11.46 9.00
N MET A 315 -31.22 -12.44 9.30
CA MET A 315 -31.30 -13.70 8.53
C MET A 315 -31.87 -13.49 7.12
N ARG A 316 -31.86 -14.57 6.32
CA ARG A 316 -32.54 -14.57 5.01
C ARG A 316 -34.02 -14.24 5.19
N ASN A 317 -34.53 -13.34 4.35
CA ASN A 317 -35.95 -13.01 4.35
C ASN A 317 -36.68 -13.98 3.44
N VAL A 318 -37.56 -14.80 4.02
CA VAL A 318 -38.39 -15.74 3.28
C VAL A 318 -39.85 -15.44 3.65
N PRO A 319 -40.51 -14.53 2.88
CA PRO A 319 -41.85 -14.04 3.27
C PRO A 319 -43.00 -15.01 2.99
N GLU A 320 -44.15 -14.74 3.61
CA GLU A 320 -45.33 -15.59 3.49
C GLU A 320 -46.04 -15.38 2.16
N GLY B 1 -29.44 -23.32 2.26
CA GLY B 1 -28.42 -22.79 3.22
C GLY B 1 -27.61 -23.91 3.87
N LEU B 2 -26.52 -23.52 4.54
CA LEU B 2 -25.57 -24.47 5.13
C LEU B 2 -26.20 -25.48 6.11
N PHE B 3 -27.15 -25.03 6.91
CA PHE B 3 -27.75 -25.88 7.95
C PHE B 3 -29.13 -26.45 7.61
N GLY B 4 -29.73 -25.99 6.52
CA GLY B 4 -30.95 -26.60 5.99
C GLY B 4 -32.29 -26.15 6.56
N ALA B 5 -32.27 -25.29 7.59
CA ALA B 5 -33.51 -24.84 8.25
C ALA B 5 -34.13 -23.63 7.54
N ILE B 6 -33.49 -22.47 7.65
CA ILE B 6 -34.01 -21.23 7.06
C ILE B 6 -33.77 -21.25 5.56
N ALA B 7 -34.83 -20.96 4.79
CA ALA B 7 -34.86 -21.15 3.33
C ALA B 7 -34.62 -22.61 2.92
N GLY B 8 -35.06 -23.54 3.77
CA GLY B 8 -34.85 -24.97 3.59
C GLY B 8 -36.08 -25.74 4.03
N PHE B 9 -35.94 -26.60 5.05
CA PHE B 9 -37.07 -27.43 5.49
C PHE B 9 -38.19 -26.65 6.18
N ILE B 10 -37.87 -25.48 6.75
CA ILE B 10 -38.89 -24.52 7.18
C ILE B 10 -39.28 -23.69 5.95
N GLU B 11 -40.50 -23.92 5.46
CA GLU B 11 -40.97 -23.38 4.16
C GLU B 11 -40.83 -21.85 4.03
N ASN B 12 -41.15 -21.14 5.10
CA ASN B 12 -41.04 -19.68 5.11
C ASN B 12 -41.03 -19.12 6.53
N GLY B 13 -40.68 -17.84 6.64
CA GLY B 13 -40.72 -17.12 7.90
C GLY B 13 -42.11 -16.62 8.23
N TRP B 14 -42.30 -16.15 9.46
CA TRP B 14 -43.58 -15.64 9.95
C TRP B 14 -43.54 -14.13 10.11
N GLU B 15 -44.28 -13.41 9.28
CA GLU B 15 -44.38 -11.95 9.36
C GLU B 15 -45.06 -11.47 10.64
N GLY B 16 -45.99 -12.27 11.17
CA GLY B 16 -46.70 -11.95 12.41
C GLY B 16 -45.86 -11.94 13.67
N MET B 17 -44.76 -12.70 13.68
CA MET B 17 -43.85 -12.75 14.83
C MET B 17 -42.95 -11.52 14.86
N VAL B 18 -43.43 -10.48 15.55
CA VAL B 18 -42.70 -9.21 15.71
C VAL B 18 -41.96 -9.10 17.05
N ASP B 19 -42.23 -10.03 17.98
CA ASP B 19 -41.62 -10.02 19.31
C ASP B 19 -40.30 -10.81 19.42
N GLY B 20 -39.84 -11.41 18.32
CA GLY B 20 -38.57 -12.16 18.33
C GLY B 20 -38.12 -12.65 16.96
N TRP B 21 -36.97 -13.31 16.96
CA TRP B 21 -36.34 -13.83 15.74
C TRP B 21 -36.75 -15.28 15.48
N TYR B 22 -36.77 -16.08 16.53
CA TYR B 22 -37.19 -17.48 16.48
C TYR B 22 -38.30 -17.72 17.49
N GLY B 23 -39.16 -18.70 17.23
CA GLY B 23 -40.27 -18.99 18.14
C GLY B 23 -41.08 -20.23 17.81
N PHE B 24 -42.24 -20.32 18.46
CA PHE B 24 -43.10 -21.50 18.43
C PHE B 24 -44.52 -21.12 18.02
N ARG B 25 -45.15 -22.01 17.25
CA ARG B 25 -46.59 -22.01 17.06
C ARG B 25 -47.10 -23.40 17.44
N HIS B 26 -48.24 -23.47 18.11
CA HIS B 26 -48.81 -24.76 18.54
C HIS B 26 -50.30 -24.84 18.21
N GLN B 27 -50.84 -26.05 18.35
CA GLN B 27 -52.29 -26.26 18.30
C GLN B 27 -52.69 -27.46 19.14
N ASN B 28 -53.86 -27.37 19.76
CA ASN B 28 -54.41 -28.42 20.61
C ASN B 28 -55.92 -28.22 20.76
N ALA B 29 -56.57 -28.99 21.64
CA ALA B 29 -58.01 -28.83 21.93
C ALA B 29 -58.40 -27.41 22.32
N GLN B 30 -57.55 -26.73 23.08
CA GLN B 30 -57.80 -25.35 23.52
C GLN B 30 -57.68 -24.31 22.39
N GLY B 31 -56.76 -24.53 21.45
CA GLY B 31 -56.62 -23.67 20.26
C GLY B 31 -55.18 -23.35 19.90
N THR B 32 -55.02 -22.47 18.91
CA THR B 32 -53.69 -22.07 18.41
C THR B 32 -53.03 -21.03 19.30
N GLY B 33 -51.75 -20.79 19.05
CA GLY B 33 -50.99 -19.78 19.78
C GLY B 33 -49.65 -19.48 19.15
N GLN B 34 -48.94 -18.49 19.71
CA GLN B 34 -47.61 -18.12 19.24
C GLN B 34 -46.78 -17.50 20.38
N ALA B 35 -45.48 -17.79 20.36
CA ALA B 35 -44.54 -17.21 21.33
C ALA B 35 -43.11 -17.25 20.81
N ALA B 36 -42.33 -16.23 21.15
CA ALA B 36 -40.93 -16.13 20.74
C ALA B 36 -40.00 -16.78 21.77
N ASP B 37 -38.88 -17.32 21.29
CA ASP B 37 -37.85 -17.88 22.14
C ASP B 37 -36.78 -16.82 22.38
N TYR B 38 -36.59 -16.43 23.63
CA TYR B 38 -35.65 -15.36 23.99
C TYR B 38 -34.19 -15.78 23.86
N LYS B 39 -33.87 -17.02 24.26
CA LYS B 39 -32.49 -17.51 24.30
C LYS B 39 -31.84 -17.56 22.92
N SER B 40 -32.52 -18.18 21.96
CA SER B 40 -32.02 -18.29 20.58
C SER B 40 -32.01 -16.95 19.85
N THR B 41 -33.03 -16.13 20.10
CA THR B 41 -33.12 -14.76 19.55
C THR B 41 -31.94 -13.91 20.02
N GLN B 42 -31.65 -13.95 21.31
CA GLN B 42 -30.56 -13.18 21.91
C GLN B 42 -29.19 -13.71 21.46
N ALA B 43 -29.07 -15.03 21.32
CA ALA B 43 -27.84 -15.65 20.80
C ALA B 43 -27.44 -15.12 19.42
N ALA B 44 -28.43 -14.94 18.55
CA ALA B 44 -28.20 -14.38 17.21
C ALA B 44 -27.91 -12.88 17.24
N ILE B 45 -28.68 -12.13 18.02
CA ILE B 45 -28.54 -10.67 18.14
C ILE B 45 -27.20 -10.27 18.77
N ASP B 46 -26.75 -11.02 19.78
CA ASP B 46 -25.44 -10.77 20.41
C ASP B 46 -24.27 -10.96 19.43
N GLN B 47 -24.36 -11.99 18.58
CA GLN B 47 -23.30 -12.26 17.61
C GLN B 47 -23.21 -11.20 16.50
N ILE B 48 -24.35 -10.68 16.06
CA ILE B 48 -24.39 -9.59 15.07
C ILE B 48 -23.92 -8.27 15.69
N THR B 49 -24.34 -7.98 16.92
CA THR B 49 -23.82 -6.86 17.69
C THR B 49 -22.29 -6.92 17.81
N GLY B 50 -21.75 -8.11 18.04
CA GLY B 50 -20.31 -8.34 18.09
C GLY B 50 -19.59 -7.99 16.78
N LYS B 51 -20.18 -8.38 15.65
CA LYS B 51 -19.66 -8.03 14.34
C LYS B 51 -19.65 -6.51 14.09
N LEU B 52 -20.74 -5.84 14.46
CA LEU B 52 -20.86 -4.39 14.28
C LEU B 52 -19.82 -3.61 15.10
N ASN B 53 -19.54 -4.06 16.32
CA ASN B 53 -18.49 -3.46 17.15
C ASN B 53 -17.10 -3.57 16.50
N ARG B 54 -16.82 -4.70 15.87
CA ARG B 54 -15.53 -4.92 15.20
C ARG B 54 -15.43 -4.19 13.86
N ILE B 55 -16.51 -4.21 13.07
CA ILE B 55 -16.50 -3.67 11.70
C ILE B 55 -16.76 -2.15 11.67
N ILE B 56 -17.75 -1.67 12.44
CA ILE B 56 -18.13 -0.25 12.42
C ILE B 56 -17.15 0.58 13.27
N LYS B 57 -15.99 0.86 12.69
CA LYS B 57 -14.96 1.70 13.30
C LYS B 57 -13.91 2.10 12.26
N LYS B 58 -13.06 3.06 12.64
CA LYS B 58 -11.94 3.50 11.80
C LYS B 58 -10.64 3.39 12.58
N THR B 59 -9.51 3.53 11.89
CA THR B 59 -8.20 3.54 12.54
C THR B 59 -7.99 4.91 13.20
N ASN B 60 -7.10 4.96 14.19
CA ASN B 60 -6.74 6.21 14.87
C ASN B 60 -5.37 6.76 14.40
N THR B 61 -4.95 6.39 13.18
CA THR B 61 -3.71 6.89 12.59
C THR B 61 -3.95 8.29 12.00
N GLU B 62 -3.19 9.26 12.46
CA GLU B 62 -3.28 10.65 11.96
C GLU B 62 -2.53 10.77 10.63
N PHE B 63 -3.28 10.97 9.55
CA PHE B 63 -2.71 11.18 8.22
C PHE B 63 -2.61 12.66 7.89
N GLU B 64 -1.51 13.05 7.25
CA GLU B 64 -1.30 14.41 6.75
C GLU B 64 -1.42 14.44 5.24
N SER B 65 -1.55 15.65 4.71
CA SER B 65 -1.70 15.86 3.27
C SER B 65 -0.38 15.64 2.54
N ILE B 66 -0.42 14.89 1.45
CA ILE B 66 0.68 14.81 0.47
C ILE B 66 0.31 15.31 -0.94
N GLU B 67 -0.97 15.65 -1.15
CA GLU B 67 -1.45 16.28 -2.39
C GLU B 67 -2.01 17.65 -2.05
N SER B 68 -1.46 18.70 -2.65
CA SER B 68 -1.94 20.06 -2.42
C SER B 68 -3.24 20.30 -3.19
N GLU B 69 -4.25 20.78 -2.47
CA GLU B 69 -5.56 21.11 -3.06
C GLU B 69 -5.52 22.34 -3.97
N PHE B 70 -4.82 23.39 -3.54
CA PHE B 70 -4.86 24.70 -4.23
C PHE B 70 -3.58 25.09 -4.98
N SER B 71 -2.71 24.12 -5.29
CA SER B 71 -1.49 24.39 -6.06
C SER B 71 -0.89 23.12 -6.66
N GLU B 72 -0.06 23.30 -7.68
CA GLU B 72 0.57 22.19 -8.39
C GLU B 72 1.85 21.71 -7.69
N ILE B 73 2.32 20.54 -8.10
CA ILE B 73 3.56 19.95 -7.62
C ILE B 73 4.30 19.27 -8.77
N ASP B 74 5.55 18.88 -8.54
CA ASP B 74 6.38 18.19 -9.53
C ASP B 74 5.61 17.02 -10.16
N HIS B 75 5.77 16.86 -11.48
CA HIS B 75 5.01 15.87 -12.25
C HIS B 75 5.38 14.44 -11.88
N GLN B 76 6.67 14.20 -11.67
CA GLN B 76 7.17 12.86 -11.33
C GLN B 76 6.69 12.39 -9.96
N ILE B 77 6.88 13.22 -8.93
CA ILE B 77 6.44 12.91 -7.56
C ILE B 77 4.90 12.80 -7.48
N GLY B 78 4.20 13.62 -8.26
CA GLY B 78 2.73 13.56 -8.36
C GLY B 78 2.23 12.25 -8.95
N ASN B 79 2.93 11.74 -9.96
CA ASN B 79 2.61 10.44 -10.56
C ASN B 79 2.84 9.27 -9.61
N VAL B 80 3.89 9.35 -8.80
CA VAL B 80 4.17 8.33 -7.78
C VAL B 80 3.08 8.33 -6.70
N ILE B 81 2.68 9.52 -6.26
CA ILE B 81 1.60 9.68 -5.27
C ILE B 81 0.27 9.13 -5.83
N ASN B 82 -0.08 9.53 -7.05
CA ASN B 82 -1.29 9.03 -7.74
C ASN B 82 -1.30 7.51 -7.90
N TRP B 83 -0.14 6.94 -8.24
CA TRP B 83 0.00 5.49 -8.39
C TRP B 83 -0.20 4.78 -7.05
N THR B 84 0.43 5.31 -6.00
CA THR B 84 0.35 4.76 -4.65
C THR B 84 -1.07 4.86 -4.09
N LYS B 85 -1.68 6.04 -4.19
CA LYS B 85 -3.06 6.24 -3.71
C LYS B 85 -4.08 5.34 -4.41
N ASP B 86 -3.97 5.22 -5.73
CA ASP B 86 -4.85 4.32 -6.50
C ASP B 86 -4.61 2.84 -6.20
N SER B 87 -3.36 2.46 -5.91
CA SER B 87 -3.03 1.10 -5.50
C SER B 87 -3.58 0.77 -4.10
N ILE B 88 -3.47 1.73 -3.18
CA ILE B 88 -4.03 1.59 -1.82
C ILE B 88 -5.56 1.54 -1.86
N THR B 89 -6.17 2.39 -2.69
CA THR B 89 -7.62 2.41 -2.84
C THR B 89 -8.18 1.10 -3.45
N ASP B 90 -7.45 0.51 -4.39
CA ASP B 90 -7.81 -0.80 -4.93
C ASP B 90 -7.79 -1.90 -3.85
N ILE B 91 -6.81 -1.84 -2.95
CA ILE B 91 -6.70 -2.79 -1.84
C ILE B 91 -7.87 -2.63 -0.87
N TRP B 92 -8.17 -1.40 -0.46
CA TRP B 92 -9.26 -1.14 0.48
C TRP B 92 -10.65 -1.41 -0.10
N THR B 93 -10.84 -1.11 -1.39
CA THR B 93 -12.08 -1.44 -2.09
C THR B 93 -12.28 -2.95 -2.14
N TYR B 94 -11.22 -3.66 -2.50
CA TYR B 94 -11.22 -5.12 -2.53
C TYR B 94 -11.48 -5.72 -1.14
N GLN B 95 -10.75 -5.21 -0.14
CA GLN B 95 -10.87 -5.70 1.23
C GLN B 95 -12.25 -5.43 1.84
N ALA B 96 -12.87 -4.31 1.48
CA ALA B 96 -14.22 -3.97 1.92
C ALA B 96 -15.27 -4.91 1.29
N GLU B 97 -15.15 -5.15 -0.02
CA GLU B 97 -16.03 -6.09 -0.74
C GLU B 97 -15.94 -7.53 -0.21
N LEU B 98 -14.73 -7.97 0.09
CA LEU B 98 -14.49 -9.33 0.62
C LEU B 98 -15.00 -9.48 2.05
N LEU B 99 -14.70 -8.50 2.89
CA LEU B 99 -15.16 -8.50 4.28
C LEU B 99 -16.69 -8.62 4.36
N VAL B 100 -17.38 -7.72 3.67
CA VAL B 100 -18.84 -7.65 3.74
C VAL B 100 -19.47 -8.92 3.15
N ALA B 101 -18.95 -9.39 2.01
CA ALA B 101 -19.42 -10.62 1.37
C ALA B 101 -19.23 -11.85 2.27
N MET B 102 -18.06 -11.94 2.91
CA MET B 102 -17.74 -13.01 3.85
C MET B 102 -18.60 -12.94 5.10
N GLU B 103 -18.72 -11.73 5.66
CA GLU B 103 -19.54 -11.52 6.87
C GLU B 103 -21.03 -11.77 6.64
N ASN B 104 -21.53 -11.37 5.47
CA ASN B 104 -22.93 -11.63 5.08
C ASN B 104 -23.23 -13.11 4.95
N GLN B 105 -22.29 -13.88 4.38
CA GLN B 105 -22.42 -15.34 4.28
C GLN B 105 -22.48 -15.99 5.65
N HIS B 106 -21.56 -15.59 6.54
CA HIS B 106 -21.50 -16.12 7.90
C HIS B 106 -22.71 -15.73 8.75
N THR B 107 -23.20 -14.50 8.61
CA THR B 107 -24.38 -14.02 9.35
C THR B 107 -25.63 -14.83 8.98
N ILE B 108 -25.82 -15.06 7.69
CA ILE B 108 -26.94 -15.85 7.16
C ILE B 108 -26.90 -17.30 7.68
N ASP B 109 -25.72 -17.91 7.62
CA ASP B 109 -25.54 -19.30 8.07
C ASP B 109 -25.57 -19.45 9.59
N MET B 110 -25.04 -18.46 10.31
CA MET B 110 -25.16 -18.40 11.77
C MET B 110 -26.63 -18.42 12.20
N ALA B 111 -27.42 -17.54 11.59
CA ALA B 111 -28.86 -17.46 11.86
C ALA B 111 -29.58 -18.78 11.51
N ASP B 112 -29.16 -19.39 10.41
CA ASP B 112 -29.64 -20.71 10.00
C ASP B 112 -29.33 -21.79 11.04
N SER B 113 -28.14 -21.73 11.64
CA SER B 113 -27.73 -22.70 12.68
C SER B 113 -28.48 -22.55 14.00
N GLU B 114 -28.77 -21.32 14.41
CA GLU B 114 -29.53 -21.08 15.65
C GLU B 114 -30.95 -21.64 15.58
N MET B 115 -31.59 -21.50 14.41
CA MET B 115 -32.88 -22.14 14.13
C MET B 115 -32.80 -23.66 14.25
N LEU B 116 -31.73 -24.24 13.69
CA LEU B 116 -31.48 -25.68 13.76
C LEU B 116 -31.19 -26.17 15.18
N ASN B 117 -30.38 -25.42 15.92
CA ASN B 117 -30.04 -25.76 17.31
C ASN B 117 -31.27 -25.77 18.22
N LEU B 118 -32.18 -24.81 18.01
CA LEU B 118 -33.47 -24.78 18.70
C LEU B 118 -34.33 -25.99 18.34
N TYR B 119 -34.46 -26.27 17.04
CA TYR B 119 -35.17 -27.45 16.53
C TYR B 119 -34.63 -28.75 17.14
N GLU B 120 -33.30 -28.86 17.19
CA GLU B 120 -32.65 -30.04 17.75
C GLU B 120 -32.90 -30.23 19.25
N ARG B 121 -32.85 -29.15 20.03
CA ARG B 121 -33.09 -29.24 21.49
C ARG B 121 -34.55 -29.65 21.81
N VAL B 122 -35.49 -29.22 20.96
CA VAL B 122 -36.90 -29.62 21.10
C VAL B 122 -37.10 -31.10 20.74
N ARG B 123 -36.44 -31.59 19.69
CA ARG B 123 -36.50 -33.00 19.30
C ARG B 123 -36.05 -33.93 20.44
N LYS B 124 -34.92 -33.60 21.05
CA LYS B 124 -34.34 -34.39 22.14
C LYS B 124 -35.17 -34.30 23.43
N GLN B 125 -35.75 -33.13 23.69
CA GLN B 125 -36.74 -32.94 24.76
C GLN B 125 -37.91 -33.92 24.66
N LEU B 126 -38.56 -33.91 23.50
CA LEU B 126 -39.75 -34.73 23.25
C LEU B 126 -39.41 -36.22 23.19
N ARG B 127 -38.21 -36.54 22.73
CA ARG B 127 -37.66 -37.90 22.76
C ARG B 127 -38.51 -38.88 21.91
N GLN B 128 -39.26 -39.79 22.53
CA GLN B 128 -40.09 -40.76 21.80
C GLN B 128 -41.59 -40.41 21.86
N ASN B 129 -41.92 -39.24 22.40
CA ASN B 129 -43.32 -38.80 22.51
C ASN B 129 -43.82 -38.04 21.28
N ALA B 130 -42.94 -37.76 20.33
CA ALA B 130 -43.29 -37.00 19.12
C ALA B 130 -42.52 -37.47 17.90
N GLU B 131 -43.01 -37.05 16.72
CA GLU B 131 -42.37 -37.36 15.45
C GLU B 131 -42.25 -36.10 14.58
N GLU B 132 -41.22 -36.06 13.74
CA GLU B 132 -40.98 -34.94 12.85
C GLU B 132 -41.87 -35.08 11.61
N ASP B 133 -42.43 -33.96 11.15
CA ASP B 133 -43.29 -33.94 9.96
C ASP B 133 -42.56 -33.52 8.67
N GLY B 134 -41.36 -32.96 8.80
CA GLY B 134 -40.54 -32.55 7.64
C GLY B 134 -40.55 -31.05 7.34
N LYS B 135 -41.56 -30.35 7.84
CA LYS B 135 -41.74 -28.91 7.60
C LYS B 135 -41.34 -28.05 8.81
N GLY B 136 -40.67 -28.65 9.79
CA GLY B 136 -40.25 -27.97 11.02
C GLY B 136 -41.17 -28.10 12.21
N CYS B 137 -42.12 -29.04 12.16
CA CYS B 137 -43.06 -29.28 13.26
C CYS B 137 -42.88 -30.65 13.88
N PHE B 138 -43.36 -30.79 15.11
CA PHE B 138 -43.33 -32.05 15.86
C PHE B 138 -44.77 -32.45 16.18
N GLU B 139 -45.22 -33.58 15.62
CA GLU B 139 -46.55 -34.12 15.94
C GLU B 139 -46.49 -34.89 17.25
N ILE B 140 -47.07 -34.32 18.30
CA ILE B 140 -47.03 -34.88 19.65
C ILE B 140 -48.17 -35.88 19.82
N TYR B 141 -47.85 -37.12 20.20
CA TYR B 141 -48.82 -38.22 20.27
C TYR B 141 -49.48 -38.37 21.66
N HIS B 142 -49.81 -37.24 22.29
CA HIS B 142 -50.59 -37.24 23.52
C HIS B 142 -51.26 -35.87 23.70
N ALA B 143 -52.16 -35.80 24.68
CA ALA B 143 -52.84 -34.54 24.99
C ALA B 143 -51.84 -33.56 25.59
N CYS B 144 -51.52 -32.50 24.84
CA CYS B 144 -50.56 -31.50 25.26
C CYS B 144 -51.23 -30.13 25.30
N ASP B 145 -51.78 -29.79 26.47
CA ASP B 145 -52.48 -28.51 26.69
C ASP B 145 -51.50 -27.33 26.79
N ASP B 146 -52.03 -26.12 27.02
CA ASP B 146 -51.22 -24.89 27.11
C ASP B 146 -50.04 -24.96 28.10
N SER B 147 -50.22 -25.68 29.22
CA SER B 147 -49.15 -25.87 30.21
C SER B 147 -48.07 -26.82 29.70
N CYS B 148 -48.49 -27.92 29.07
CA CYS B 148 -47.57 -28.86 28.42
C CYS B 148 -46.76 -28.19 27.31
N MET B 149 -47.43 -27.34 26.51
CA MET B 149 -46.77 -26.59 25.45
C MET B 149 -45.78 -25.56 26.00
N GLU B 150 -46.17 -24.89 27.09
CA GLU B 150 -45.30 -23.93 27.77
C GLU B 150 -44.01 -24.60 28.29
N SER B 151 -44.14 -25.80 28.85
CA SER B 151 -42.99 -26.56 29.37
C SER B 151 -41.98 -26.97 28.28
N ILE B 152 -42.47 -27.21 27.07
CA ILE B 152 -41.60 -27.49 25.91
C ILE B 152 -40.82 -26.22 25.53
N ARG B 153 -41.50 -25.08 25.49
CA ARG B 153 -40.88 -23.78 25.24
C ARG B 153 -39.92 -23.37 26.37
N ASN B 154 -40.28 -23.69 27.61
CA ASN B 154 -39.50 -23.32 28.80
C ASN B 154 -38.34 -24.30 29.09
N ASN B 155 -38.25 -25.40 28.34
CA ASN B 155 -37.20 -26.41 28.49
C ASN B 155 -37.33 -27.16 29.84
N THR B 156 -38.57 -27.48 30.20
CA THR B 156 -38.87 -28.25 31.43
C THR B 156 -39.85 -29.41 31.18
N TYR B 157 -39.90 -29.88 29.94
CA TYR B 157 -40.82 -30.97 29.54
C TYR B 157 -40.20 -32.30 29.96
N ASP B 158 -40.93 -33.08 30.75
CA ASP B 158 -40.48 -34.40 31.21
C ASP B 158 -41.13 -35.48 30.33
N HIS B 159 -40.31 -36.11 29.48
CA HIS B 159 -40.78 -37.12 28.52
C HIS B 159 -41.38 -38.37 29.17
N SER B 160 -40.84 -38.76 30.33
CA SER B 160 -41.28 -39.99 31.02
C SER B 160 -42.70 -39.91 31.60
N GLN B 161 -43.18 -38.68 31.84
CA GLN B 161 -44.56 -38.45 32.31
C GLN B 161 -45.61 -38.88 31.27
N TYR B 162 -45.32 -38.67 29.98
CA TYR B 162 -46.25 -38.99 28.88
C TYR B 162 -45.82 -40.18 28.01
N ARG B 163 -44.74 -40.88 28.38
CA ARG B 163 -44.11 -41.91 27.52
C ARG B 163 -45.03 -43.08 27.20
N GLU B 164 -45.71 -43.60 28.22
CA GLU B 164 -46.64 -44.73 28.07
C GLU B 164 -47.75 -44.42 27.08
N GLU B 165 -48.46 -43.32 27.31
CA GLU B 165 -49.56 -42.87 26.45
C GLU B 165 -49.10 -42.64 25.00
N ALA B 166 -47.94 -42.00 24.84
CA ALA B 166 -47.42 -41.65 23.53
C ALA B 166 -46.99 -42.86 22.69
N LEU B 167 -46.28 -43.80 23.31
CA LEU B 167 -45.86 -45.03 22.62
C LEU B 167 -47.04 -45.87 22.14
N LEU B 168 -48.12 -45.93 22.92
CA LEU B 168 -49.36 -46.61 22.50
C LEU B 168 -50.02 -45.93 21.29
N ASN B 169 -50.10 -44.60 21.34
CA ASN B 169 -50.70 -43.82 20.25
C ASN B 169 -49.89 -43.85 18.95
N ARG B 170 -48.56 -43.95 19.06
CA ARG B 170 -47.69 -44.04 17.88
C ARG B 170 -47.80 -45.38 17.16
N LEU B 171 -47.79 -46.47 17.94
CA LEU B 171 -47.90 -47.83 17.38
C LEU B 171 -49.29 -48.19 16.86
N ASN B 172 -50.33 -47.58 17.43
CA ASN B 172 -51.73 -47.77 17.00
C ASN B 172 -52.20 -49.21 17.18
N ASP C 1 -31.39 -46.40 35.36
CA ASP C 1 -31.67 -47.87 35.17
C ASP C 1 -30.81 -48.51 34.04
N PRO C 2 -30.88 -47.98 32.80
CA PRO C 2 -30.12 -48.63 31.73
C PRO C 2 -28.63 -48.22 31.72
N ASP C 3 -27.81 -49.02 31.05
CA ASP C 3 -26.40 -48.69 30.84
C ASP C 3 -26.32 -47.51 29.87
N LYS C 4 -25.31 -46.67 30.03
CA LYS C 4 -25.18 -45.48 29.20
C LYS C 4 -23.75 -45.14 28.80
N ILE C 5 -23.64 -44.45 27.66
CA ILE C 5 -22.36 -43.98 27.14
C ILE C 5 -22.52 -42.49 26.82
N CYS C 6 -21.59 -41.68 27.32
CA CYS C 6 -21.62 -40.23 27.21
C CYS C 6 -20.48 -39.72 26.35
N LEU C 7 -20.81 -38.84 25.41
CA LEU C 7 -19.79 -38.17 24.58
C LEU C 7 -19.39 -36.86 25.23
N GLY C 8 -18.12 -36.51 25.10
CA GLY C 8 -17.62 -35.27 25.65
C GLY C 8 -16.30 -34.82 25.07
N HIS C 9 -15.78 -33.73 25.63
CA HIS C 9 -14.55 -33.11 25.19
C HIS C 9 -13.76 -32.62 26.38
N HIS C 10 -12.46 -32.40 26.17
CA HIS C 10 -11.58 -31.96 27.24
C HIS C 10 -11.81 -30.50 27.64
N ALA C 11 -11.27 -30.14 28.80
CA ALA C 11 -11.24 -28.76 29.28
C ALA C 11 -9.98 -28.55 30.10
N VAL C 12 -9.71 -27.29 30.44
CA VAL C 12 -8.53 -26.91 31.22
C VAL C 12 -8.88 -25.84 32.26
N ALA C 13 -8.08 -25.79 33.33
CA ALA C 13 -8.20 -24.76 34.36
C ALA C 13 -7.68 -23.43 33.85
N ASN C 14 -6.47 -23.45 33.29
CA ASN C 14 -5.84 -22.25 32.71
C ASN C 14 -6.35 -21.93 31.29
N GLY C 15 -7.49 -21.26 31.22
CA GLY C 15 -8.06 -20.80 29.94
C GLY C 15 -7.34 -19.57 29.41
N THR C 16 -7.55 -19.28 28.11
CA THR C 16 -6.96 -18.12 27.45
C THR C 16 -8.03 -17.38 26.64
N ILE C 17 -8.03 -16.05 26.72
CA ILE C 17 -9.00 -15.21 26.01
C ILE C 17 -8.50 -14.92 24.59
N VAL C 18 -9.39 -15.06 23.62
CA VAL C 18 -9.12 -14.70 22.22
C VAL C 18 -10.30 -13.95 21.60
N LYS C 19 -10.04 -13.26 20.49
CA LYS C 19 -11.07 -12.53 19.76
C LYS C 19 -11.51 -13.33 18.53
N THR C 20 -12.83 -13.44 18.34
CA THR C 20 -13.41 -14.06 17.16
C THR C 20 -14.16 -12.98 16.37
N LEU C 21 -14.82 -13.38 15.28
CA LEU C 21 -15.66 -12.47 14.50
C LEU C 21 -16.83 -11.92 15.32
N THR C 22 -17.47 -12.80 16.10
CA THR C 22 -18.68 -12.47 16.86
C THR C 22 -18.48 -12.09 18.33
N ASN C 23 -17.29 -12.36 18.88
CA ASN C 23 -17.05 -12.22 20.33
C ASN C 23 -15.61 -11.81 20.62
N GLU C 24 -15.44 -10.76 21.43
CA GLU C 24 -14.12 -10.23 21.80
C GLU C 24 -13.52 -10.83 23.09
N GLN C 25 -14.33 -11.56 23.87
CA GLN C 25 -13.89 -12.19 25.12
C GLN C 25 -14.23 -13.69 25.11
N GLU C 26 -13.74 -14.38 24.09
CA GLU C 26 -13.99 -15.81 23.90
C GLU C 26 -12.89 -16.65 24.56
N GLU C 27 -13.25 -17.55 25.46
CA GLU C 27 -12.29 -18.37 26.19
C GLU C 27 -12.06 -19.70 25.47
N VAL C 28 -10.78 -20.05 25.28
CA VAL C 28 -10.39 -21.30 24.60
C VAL C 28 -9.33 -22.05 25.41
N THR C 29 -9.14 -23.32 25.09
CA THR C 29 -8.25 -24.20 25.86
C THR C 29 -6.77 -23.87 25.68
N ASN C 30 -6.41 -23.36 24.50
CA ASN C 30 -5.03 -22.94 24.23
C ASN C 30 -5.02 -21.88 23.13
N ALA C 31 -4.00 -21.02 23.17
CA ALA C 31 -3.81 -19.98 22.16
C ALA C 31 -2.33 -19.61 22.05
N THR C 32 -1.96 -19.03 20.90
CA THR C 32 -0.57 -18.67 20.62
C THR C 32 -0.46 -17.28 19.99
N GLU C 33 0.64 -16.60 20.31
CA GLU C 33 0.85 -15.21 19.91
C GLU C 33 1.29 -15.12 18.45
N THR C 34 0.76 -14.13 17.73
CA THR C 34 1.16 -13.85 16.34
C THR C 34 1.95 -12.54 16.15
N VAL C 35 1.98 -11.66 17.16
CA VAL C 35 2.74 -10.40 17.10
C VAL C 35 3.94 -10.46 18.06
N GLU C 36 5.14 -10.27 17.51
CA GLU C 36 6.36 -10.27 18.31
C GLU C 36 6.52 -8.94 19.05
N SER C 37 6.71 -9.02 20.37
CA SER C 37 6.84 -7.84 21.24
C SER C 37 8.27 -7.58 21.69
N THR C 38 9.02 -8.64 22.00
CA THR C 38 10.38 -8.53 22.50
C THR C 38 11.41 -8.57 21.37
N SER C 39 12.51 -7.83 21.56
CA SER C 39 13.61 -7.77 20.60
C SER C 39 14.93 -8.14 21.27
N LEU C 40 15.81 -8.77 20.52
CA LEU C 40 17.19 -8.98 20.95
C LEU C 40 17.94 -7.67 20.71
N ASN C 41 18.54 -7.11 21.76
CA ASN C 41 19.20 -5.79 21.70
C ASN C 41 20.64 -5.91 21.18
N ARG C 42 20.79 -6.57 20.03
CA ARG C 42 22.09 -6.93 19.46
C ARG C 42 21.93 -7.14 17.96
N LEU C 43 23.00 -6.90 17.20
CA LEU C 43 23.04 -7.20 15.77
C LEU C 43 23.56 -8.62 15.56
N CYS C 44 22.69 -9.50 15.07
CA CYS C 44 22.99 -10.93 14.92
C CYS C 44 23.64 -11.22 13.56
N MET C 45 24.96 -11.42 13.56
CA MET C 45 25.78 -11.48 12.33
C MET C 45 26.32 -12.86 11.94
N LYS C 46 25.76 -13.94 12.48
CA LYS C 46 26.21 -15.30 12.13
C LYS C 46 25.90 -15.58 10.66
N GLY C 47 26.88 -16.12 9.95
CA GLY C 47 26.76 -16.39 8.52
C GLY C 47 26.80 -15.16 7.61
N ARG C 48 27.30 -14.04 8.13
CA ARG C 48 27.39 -12.79 7.37
C ARG C 48 28.81 -12.25 7.40
N ASN C 49 29.41 -12.09 6.22
CA ASN C 49 30.66 -11.35 6.08
C ASN C 49 30.31 -9.86 6.19
N HIS C 50 30.46 -9.31 7.39
CA HIS C 50 29.98 -7.96 7.71
C HIS C 50 31.10 -6.95 7.98
N LYS C 51 30.77 -5.67 7.81
CA LYS C 51 31.67 -4.56 8.12
C LYS C 51 30.96 -3.60 9.09
N ASP C 52 31.45 -3.55 10.32
CA ASP C 52 31.05 -2.55 11.30
C ASP C 52 31.94 -1.32 11.14
N LEU C 53 31.37 -0.22 10.67
CA LEU C 53 32.14 0.99 10.37
C LEU C 53 32.54 1.81 11.61
N GLY C 54 31.91 1.57 12.76
CA GLY C 54 32.22 2.33 13.99
C GLY C 54 31.83 3.78 13.81
N ASN C 55 32.77 4.70 14.05
CA ASN C 55 32.52 6.13 13.85
C ASN C 55 32.93 6.65 12.45
N CYS C 56 33.11 5.74 11.48
CA CYS C 56 33.32 6.10 10.08
C CYS C 56 31.98 6.18 9.34
N HIS C 57 31.71 7.31 8.70
CA HIS C 57 30.51 7.48 7.88
C HIS C 57 30.79 6.90 6.48
N PRO C 58 29.80 6.22 5.85
CA PRO C 58 29.96 5.64 4.50
C PRO C 58 30.60 6.54 3.44
N ILE C 59 30.23 7.81 3.41
CA ILE C 59 30.85 8.80 2.50
C ILE C 59 32.34 8.99 2.78
N GLY C 60 32.73 8.95 4.05
CA GLY C 60 34.14 9.00 4.45
C GLY C 60 35.02 7.89 3.88
N MET C 61 34.42 6.74 3.55
CA MET C 61 35.13 5.63 2.90
C MET C 61 35.64 6.02 1.51
N LEU C 62 34.88 6.86 0.80
CA LEU C 62 35.22 7.26 -0.56
C LEU C 62 36.25 8.39 -0.61
N ILE C 63 36.14 9.35 0.30
CA ILE C 63 37.05 10.50 0.36
C ILE C 63 38.28 10.27 1.25
N GLY C 64 38.15 9.40 2.26
CA GLY C 64 39.28 8.95 3.06
C GLY C 64 39.56 9.78 4.30
N THR C 65 38.52 9.98 5.10
CA THR C 65 38.63 10.67 6.38
C THR C 65 39.44 9.81 7.36
N PRO C 66 40.26 10.42 8.24
CA PRO C 66 41.07 9.66 9.20
C PRO C 66 40.36 8.52 9.94
N ALA C 67 39.12 8.75 10.36
CA ALA C 67 38.30 7.72 11.02
C ALA C 67 37.98 6.52 10.11
N CYS C 68 38.04 6.72 8.79
CA CYS C 68 37.78 5.68 7.80
C CYS C 68 39.04 5.02 7.17
N ASP C 69 40.21 5.15 7.80
CA ASP C 69 41.46 4.61 7.22
C ASP C 69 41.48 3.09 7.07
N LEU C 70 40.87 2.39 8.02
CA LEU C 70 40.77 0.93 7.98
C LEU C 70 39.54 0.42 7.21
N HIS C 71 38.77 1.33 6.59
CA HIS C 71 37.59 0.98 5.80
C HIS C 71 37.61 1.64 4.42
N LEU C 72 38.81 1.81 3.85
CA LEU C 72 38.96 2.42 2.52
C LEU C 72 38.57 1.45 1.40
N THR C 73 38.85 0.16 1.60
CA THR C 73 38.46 -0.90 0.68
C THR C 73 37.90 -2.09 1.48
N GLY C 74 37.30 -3.04 0.76
CA GLY C 74 36.80 -4.26 1.37
C GLY C 74 35.69 -4.92 0.58
N THR C 75 35.21 -6.04 1.11
CA THR C 75 34.01 -6.72 0.60
C THR C 75 33.15 -7.16 1.78
N TRP C 76 31.84 -7.18 1.55
CA TRP C 76 30.85 -7.46 2.59
C TRP C 76 29.49 -7.76 1.98
N ASP C 77 28.65 -8.48 2.71
CA ASP C 77 27.23 -8.62 2.37
C ASP C 77 26.32 -7.78 3.31
N THR C 78 26.88 -7.29 4.41
CA THR C 78 26.18 -6.43 5.36
C THR C 78 27.10 -5.28 5.78
N LEU C 79 26.61 -4.04 5.68
CA LEU C 79 27.36 -2.85 6.08
C LEU C 79 26.60 -2.12 7.17
N ILE C 80 27.25 -1.89 8.31
CA ILE C 80 26.62 -1.32 9.50
C ILE C 80 27.12 0.11 9.73
N GLU C 81 26.20 1.06 9.78
CA GLU C 81 26.49 2.46 10.08
C GLU C 81 26.01 2.79 11.49
N ARG C 82 26.77 3.63 12.20
CA ARG C 82 26.46 4.00 13.59
C ARG C 82 26.08 5.49 13.69
N LYS C 83 25.58 5.86 14.86
CA LYS C 83 25.17 7.23 15.17
C LYS C 83 26.39 8.14 15.28
N ASN C 84 26.24 9.38 14.81
CA ASN C 84 27.29 10.42 14.86
C ASN C 84 28.60 10.01 14.14
N ALA C 85 28.46 9.30 13.02
CA ALA C 85 29.61 8.83 12.25
C ALA C 85 30.26 10.02 11.52
N ILE C 86 31.59 10.08 11.59
CA ILE C 86 32.35 11.20 11.02
C ILE C 86 32.57 10.98 9.52
N ALA C 87 32.01 11.87 8.70
CA ALA C 87 32.21 11.87 7.25
C ALA C 87 33.29 12.88 6.84
N TYR C 88 33.23 14.08 7.41
CA TYR C 88 34.09 15.20 7.00
C TYR C 88 34.87 15.72 8.20
N CYS C 89 36.21 15.70 8.09
CA CYS C 89 37.08 16.30 9.11
C CYS C 89 37.15 17.81 8.91
N TYR C 90 37.25 18.26 7.66
CA TYR C 90 37.21 19.67 7.31
C TYR C 90 35.75 20.11 7.09
N PRO C 91 35.38 21.35 7.50
CA PRO C 91 34.00 21.83 7.31
C PRO C 91 33.50 21.76 5.87
N GLY C 92 32.25 21.31 5.71
CA GLY C 92 31.65 21.16 4.40
C GLY C 92 30.57 20.10 4.33
N ALA C 93 30.18 19.76 3.10
CA ALA C 93 29.14 18.76 2.84
C ALA C 93 29.21 18.29 1.39
N THR C 94 28.46 17.25 1.08
CA THR C 94 28.38 16.69 -0.27
C THR C 94 27.04 17.06 -0.91
N VAL C 95 27.08 17.37 -2.21
CA VAL C 95 25.86 17.61 -2.99
C VAL C 95 25.29 16.24 -3.38
N ASN C 96 23.96 16.09 -3.21
CA ASN C 96 23.27 14.79 -3.28
C ASN C 96 23.89 13.80 -2.29
N GLU C 97 23.81 14.18 -1.03
CA GLU C 97 24.49 13.47 0.07
C GLU C 97 23.82 12.13 0.40
N GLU C 98 22.50 12.14 0.48
CA GLU C 98 21.72 10.96 0.84
C GLU C 98 21.72 9.91 -0.28
N ALA C 99 21.66 10.36 -1.53
CA ALA C 99 21.74 9.46 -2.68
C ALA C 99 23.07 8.70 -2.73
N LEU C 100 24.17 9.38 -2.41
CA LEU C 100 25.50 8.78 -2.32
C LEU C 100 25.61 7.77 -1.16
N ARG C 101 25.10 8.16 0.00
CA ARG C 101 25.09 7.28 1.18
C ARG C 101 24.27 6.02 0.92
N GLN C 102 23.10 6.17 0.29
CA GLN C 102 22.25 5.02 -0.06
C GLN C 102 22.91 4.07 -1.08
N LYS C 103 23.64 4.62 -2.06
CA LYS C 103 24.41 3.81 -3.00
C LYS C 103 25.49 2.95 -2.34
N ILE C 104 26.21 3.54 -1.38
CA ILE C 104 27.28 2.85 -0.65
C ILE C 104 26.70 1.75 0.24
N MET C 105 25.60 2.07 0.93
CA MET C 105 24.92 1.11 1.81
C MET C 105 24.18 -0.01 1.06
N GLU C 106 23.95 0.16 -0.24
CA GLU C 106 23.43 -0.91 -1.11
C GLU C 106 24.53 -1.82 -1.70
N SER C 107 25.77 -1.33 -1.73
CA SER C 107 26.88 -2.09 -2.33
C SER C 107 27.33 -3.27 -1.47
N GLY C 108 28.14 -4.13 -2.08
CA GLY C 108 28.77 -5.26 -1.38
C GLY C 108 30.27 -5.18 -1.31
N GLY C 109 30.82 -3.96 -1.35
CA GLY C 109 32.27 -3.76 -1.31
C GLY C 109 32.73 -2.49 -2.01
N ILE C 110 33.97 -2.10 -1.74
CA ILE C 110 34.62 -0.96 -2.39
C ILE C 110 36.03 -1.36 -2.82
N SER C 111 36.37 -1.00 -4.06
CA SER C 111 37.72 -1.12 -4.58
C SER C 111 38.21 0.26 -5.01
N LYS C 112 39.50 0.52 -4.82
CA LYS C 112 40.12 1.82 -5.13
C LYS C 112 41.05 1.70 -6.33
N ILE C 113 40.95 2.66 -7.26
CA ILE C 113 41.77 2.72 -8.46
C ILE C 113 42.45 4.08 -8.54
N ASN C 114 43.76 4.10 -8.80
CA ASN C 114 44.52 5.35 -8.93
C ASN C 114 44.04 6.16 -10.12
N THR C 115 43.94 7.48 -9.94
CA THR C 115 43.63 8.39 -11.02
C THR C 115 44.84 8.62 -11.92
N GLY C 116 46.05 8.53 -11.34
CA GLY C 116 47.29 8.81 -12.06
C GLY C 116 47.54 10.28 -12.32
N PHE C 117 46.87 11.15 -11.56
CA PHE C 117 46.97 12.60 -11.74
C PHE C 117 48.34 13.10 -11.31
N THR C 118 49.03 13.80 -12.22
CA THR C 118 50.31 14.44 -11.92
C THR C 118 50.18 15.95 -12.09
N TYR C 119 51.04 16.69 -11.41
CA TYR C 119 50.99 18.16 -11.38
C TYR C 119 52.38 18.75 -11.58
N GLY C 120 52.45 19.91 -12.21
CA GLY C 120 53.71 20.59 -12.50
C GLY C 120 54.39 21.15 -11.26
N SER C 121 55.63 21.61 -11.46
CA SER C 121 56.47 22.12 -10.36
C SER C 121 55.88 23.31 -9.60
N SER C 122 55.08 24.14 -10.27
CA SER C 122 54.45 25.31 -9.63
C SER C 122 53.24 24.98 -8.72
N ILE C 123 52.78 23.73 -8.75
CA ILE C 123 51.71 23.27 -7.86
C ILE C 123 52.28 22.47 -6.68
N ASN C 124 51.83 22.83 -5.47
CA ASN C 124 52.04 22.04 -4.26
C ASN C 124 50.78 21.22 -4.00
N SER C 125 50.89 19.89 -4.13
CA SER C 125 49.76 18.97 -3.95
C SER C 125 49.69 18.36 -2.55
N ALA C 126 50.63 18.72 -1.66
CA ALA C 126 50.69 18.16 -0.31
C ALA C 126 50.10 19.11 0.76
N GLY C 127 49.00 19.78 0.42
CA GLY C 127 48.30 20.62 1.39
C GLY C 127 47.63 19.79 2.46
N THR C 128 47.81 20.21 3.72
CA THR C 128 47.26 19.50 4.88
C THR C 128 46.53 20.50 5.79
N THR C 129 45.92 19.99 6.86
CA THR C 129 45.17 20.83 7.79
C THR C 129 45.02 20.17 9.16
N LYS C 130 44.96 21.00 10.20
CA LYS C 130 44.80 20.53 11.59
C LYS C 130 43.39 19.98 11.86
N ALA C 131 42.42 20.34 11.02
CA ALA C 131 41.07 19.76 11.08
C ALA C 131 41.07 18.24 10.83
N CYS C 132 41.96 17.78 9.95
CA CYS C 132 42.10 16.36 9.61
C CYS C 132 43.38 15.79 10.23
N MET C 133 43.33 15.46 11.51
CA MET C 133 44.47 14.89 12.25
C MET C 133 44.67 13.43 11.89
N ARG C 134 45.93 13.01 11.84
CA ARG C 134 46.31 11.63 11.59
C ARG C 134 47.64 11.37 12.30
N ASN C 135 47.60 10.52 13.33
CA ASN C 135 48.77 10.22 14.18
C ASN C 135 49.39 11.46 14.87
N GLY C 136 48.53 12.41 15.25
CA GLY C 136 48.96 13.63 15.95
C GLY C 136 49.63 14.70 15.08
N GLY C 137 49.51 14.58 13.76
CA GLY C 137 50.08 15.56 12.83
C GLY C 137 49.03 16.02 11.82
N ASN C 138 49.28 17.18 11.21
CA ASN C 138 48.41 17.71 10.16
C ASN C 138 48.42 16.79 8.95
N SER C 139 47.25 16.59 8.37
CA SER C 139 47.05 15.67 7.26
C SER C 139 45.85 16.11 6.41
N PHE C 140 45.38 15.22 5.54
CA PHE C 140 44.26 15.54 4.64
C PHE C 140 43.51 14.26 4.30
N TYR C 141 42.36 14.43 3.64
CA TYR C 141 41.61 13.31 3.06
C TYR C 141 42.54 12.43 2.22
N ALA C 142 42.62 11.15 2.57
CA ALA C 142 43.60 10.24 1.96
C ALA C 142 43.43 10.01 0.46
N GLU C 143 42.19 10.06 -0.03
CA GLU C 143 41.91 9.81 -1.45
C GLU C 143 41.84 11.08 -2.29
N LEU C 144 42.13 12.24 -1.70
CA LEU C 144 42.12 13.52 -2.40
C LEU C 144 43.41 14.30 -2.14
N LYS C 145 43.64 15.32 -2.95
CA LYS C 145 44.84 16.17 -2.83
C LYS C 145 44.44 17.64 -2.87
N TRP C 146 44.85 18.40 -1.85
CA TRP C 146 44.65 19.84 -1.80
C TRP C 146 45.75 20.52 -2.61
N LEU C 147 45.38 21.06 -3.77
CA LEU C 147 46.31 21.71 -4.69
C LEU C 147 46.34 23.21 -4.40
N VAL C 148 47.53 23.76 -4.21
CA VAL C 148 47.75 25.20 -4.07
C VAL C 148 48.98 25.63 -4.85
N SER C 149 49.17 26.94 -5.01
CA SER C 149 50.36 27.49 -5.66
C SER C 149 51.58 27.28 -4.76
N LYS C 150 52.69 26.82 -5.35
CA LYS C 150 53.93 26.57 -4.60
C LYS C 150 54.45 27.85 -3.96
N ASN C 151 54.49 28.93 -4.73
CA ASN C 151 54.88 30.25 -4.23
C ASN C 151 53.63 31.00 -3.76
N LYS C 152 53.65 31.42 -2.49
CA LYS C 152 52.50 32.07 -1.85
C LYS C 152 52.22 33.44 -2.48
N GLY C 153 51.03 33.61 -3.04
CA GLY C 153 50.63 34.85 -3.71
C GLY C 153 50.51 34.73 -5.22
N GLN C 154 51.33 33.88 -5.83
CA GLN C 154 51.34 33.73 -7.29
C GLN C 154 50.11 32.98 -7.81
N ASN C 155 49.83 33.17 -9.09
CA ASN C 155 48.65 32.61 -9.74
C ASN C 155 48.80 31.11 -9.99
N PHE C 156 47.75 30.35 -9.65
CA PHE C 156 47.70 28.91 -9.88
C PHE C 156 47.53 28.71 -11.40
N PRO C 157 48.36 27.84 -12.01
CA PRO C 157 48.34 27.70 -13.47
C PRO C 157 47.14 26.92 -14.00
N GLN C 158 46.75 27.20 -15.25
CA GLN C 158 45.57 26.57 -15.87
C GLN C 158 45.85 25.08 -16.15
N THR C 159 45.47 24.24 -15.19
CA THR C 159 45.82 22.81 -15.19
C THR C 159 44.70 21.95 -15.76
N THR C 160 45.09 20.86 -16.44
CA THR C 160 44.16 19.89 -17.01
C THR C 160 44.54 18.47 -16.59
N ASN C 161 43.60 17.77 -15.96
CA ASN C 161 43.78 16.38 -15.53
C ASN C 161 42.62 15.55 -16.08
N THR C 162 42.94 14.41 -16.68
CA THR C 162 41.93 13.51 -17.25
C THR C 162 42.09 12.09 -16.72
N TYR C 163 40.98 11.53 -16.23
CA TYR C 163 40.92 10.12 -15.82
C TYR C 163 40.17 9.31 -16.86
N ARG C 164 40.73 8.16 -17.23
CA ARG C 164 40.09 7.20 -18.13
C ARG C 164 39.74 5.94 -17.35
N ASN C 165 38.49 5.48 -17.49
CA ASN C 165 38.03 4.24 -16.87
C ASN C 165 38.38 3.06 -17.78
N ALA C 166 39.45 2.35 -17.43
CA ALA C 166 39.91 1.15 -18.16
C ALA C 166 39.16 -0.14 -17.76
N ASP C 167 38.35 -0.06 -16.70
CA ASP C 167 37.63 -1.23 -16.17
C ASP C 167 36.38 -1.52 -17.00
N THR C 168 35.77 -2.69 -16.77
CA THR C 168 34.48 -3.07 -17.39
C THR C 168 33.26 -2.69 -16.54
N ALA C 169 33.48 -2.21 -15.30
CA ALA C 169 32.41 -1.73 -14.43
C ALA C 169 32.51 -0.21 -14.24
N GLU C 170 31.40 0.42 -13.88
CA GLU C 170 31.36 1.88 -13.66
C GLU C 170 32.13 2.29 -12.41
N HIS C 171 32.77 3.45 -12.47
CA HIS C 171 33.64 3.96 -11.41
C HIS C 171 33.03 5.24 -10.79
N LEU C 172 33.03 5.31 -9.46
CA LEU C 172 32.54 6.47 -8.73
C LEU C 172 33.70 7.43 -8.46
N ILE C 173 33.62 8.64 -9.02
CA ILE C 173 34.66 9.66 -8.88
C ILE C 173 34.15 10.82 -8.01
N MET C 174 34.96 11.23 -7.05
CA MET C 174 34.63 12.35 -6.16
C MET C 174 35.72 13.40 -6.23
N TRP C 175 35.32 14.65 -6.12
CA TRP C 175 36.25 15.78 -6.00
C TRP C 175 35.65 16.80 -5.07
N GLY C 176 36.46 17.78 -4.68
CA GLY C 176 36.03 18.84 -3.77
C GLY C 176 36.31 20.22 -4.32
N ILE C 177 35.57 21.21 -3.84
CA ILE C 177 35.78 22.61 -4.19
C ILE C 177 36.03 23.36 -2.88
N HIS C 178 37.19 24.02 -2.78
CA HIS C 178 37.53 24.82 -1.62
C HIS C 178 36.90 26.21 -1.77
N HIS C 179 36.19 26.65 -0.72
CA HIS C 179 35.59 27.97 -0.65
C HIS C 179 36.32 28.73 0.45
N PRO C 180 37.25 29.65 0.09
CA PRO C 180 38.09 30.33 1.09
C PRO C 180 37.33 31.20 2.11
N SER C 181 37.98 31.43 3.25
CA SER C 181 37.42 32.25 4.33
C SER C 181 37.46 33.74 4.01
N SER C 182 38.53 34.19 3.35
CA SER C 182 38.71 35.60 2.98
C SER C 182 39.45 35.74 1.65
N THR C 183 39.49 36.97 1.17
CA THR C 183 40.19 37.32 -0.07
C THR C 183 41.70 37.19 0.08
N GLN C 184 42.22 37.60 1.24
CA GLN C 184 43.65 37.47 1.55
C GLN C 184 44.13 36.02 1.49
N GLU C 185 43.33 35.11 2.07
CA GLU C 185 43.60 33.68 2.00
C GLU C 185 43.55 33.18 0.55
N LYS C 186 42.46 33.52 -0.14
CA LYS C 186 42.26 33.14 -1.55
C LYS C 186 43.43 33.54 -2.44
N ASN C 187 43.95 34.76 -2.26
CA ASN C 187 45.10 35.26 -3.04
C ASN C 187 46.38 34.50 -2.71
N ASP C 188 46.62 34.25 -1.41
CA ASP C 188 47.81 33.51 -0.97
C ASP C 188 47.90 32.09 -1.57
N LEU C 189 46.76 31.41 -1.66
CA LEU C 189 46.73 30.02 -2.13
C LEU C 189 46.67 29.90 -3.65
N TYR C 190 45.79 30.68 -4.28
CA TYR C 190 45.48 30.54 -5.71
C TYR C 190 45.81 31.76 -6.60
N GLY C 191 46.25 32.87 -6.00
CA GLY C 191 46.50 34.11 -6.73
C GLY C 191 45.28 34.99 -6.92
N THR C 192 45.52 36.21 -7.37
CA THR C 192 44.48 37.24 -7.54
C THR C 192 43.53 36.99 -8.73
N GLN C 193 43.99 36.23 -9.73
CA GLN C 193 43.17 35.87 -10.90
C GLN C 193 41.85 35.16 -10.58
N SER C 194 40.88 35.31 -11.46
CA SER C 194 39.52 34.79 -11.25
C SER C 194 39.48 33.27 -11.40
N LEU C 195 39.02 32.58 -10.36
CA LEU C 195 39.06 31.12 -10.28
C LEU C 195 37.87 30.47 -10.98
N SER C 196 38.13 29.36 -11.68
CA SER C 196 37.09 28.62 -12.41
C SER C 196 37.45 27.14 -12.53
N ILE C 197 36.55 26.28 -12.08
CA ILE C 197 36.74 24.82 -12.12
C ILE C 197 35.63 24.20 -12.97
N SER C 198 36.00 23.44 -13.99
CA SER C 198 35.05 22.75 -14.86
C SER C 198 35.35 21.26 -14.92
N VAL C 199 34.31 20.45 -14.71
CA VAL C 199 34.38 18.99 -14.83
C VAL C 199 33.51 18.59 -16.01
N GLY C 200 33.95 17.56 -16.75
CA GLY C 200 33.25 17.12 -17.95
C GLY C 200 33.56 15.70 -18.37
N SER C 201 32.51 14.89 -18.52
CA SER C 201 32.60 13.55 -19.10
C SER C 201 31.56 13.43 -20.23
N SER C 202 31.34 12.21 -20.72
CA SER C 202 30.27 11.94 -21.70
C SER C 202 28.87 12.12 -21.10
N THR C 203 28.67 11.59 -19.89
CA THR C 203 27.37 11.58 -19.22
C THR C 203 27.13 12.74 -18.23
N TYR C 204 28.14 13.59 -18.01
CA TYR C 204 28.09 14.62 -16.96
C TYR C 204 28.91 15.85 -17.32
N LYS C 205 28.46 17.01 -16.85
CA LYS C 205 29.24 18.25 -16.93
C LYS C 205 28.77 19.26 -15.88
N ASN C 206 29.69 20.11 -15.42
CA ASN C 206 29.37 21.18 -14.48
C ASN C 206 30.51 22.20 -14.40
N ASN C 207 30.18 23.40 -13.93
CA ASN C 207 31.15 24.44 -13.63
C ASN C 207 30.99 24.84 -12.16
N PHE C 208 32.13 25.03 -11.48
CA PHE C 208 32.16 25.42 -10.08
C PHE C 208 33.04 26.65 -9.93
N VAL C 209 32.57 27.61 -9.13
CA VAL C 209 33.32 28.83 -8.84
C VAL C 209 33.57 28.88 -7.32
N PRO C 210 34.84 28.91 -6.90
CA PRO C 210 35.17 29.15 -5.48
C PRO C 210 34.60 30.49 -4.99
N VAL C 211 34.01 30.48 -3.80
CA VAL C 211 33.27 31.62 -3.27
C VAL C 211 33.93 32.08 -1.98
N VAL C 212 34.48 33.29 -2.01
CA VAL C 212 34.94 33.99 -0.82
C VAL C 212 33.74 34.73 -0.26
N GLY C 213 33.45 34.51 1.03
CA GLY C 213 32.30 35.15 1.67
C GLY C 213 32.33 35.03 3.17
N ALA C 214 31.65 35.96 3.84
CA ALA C 214 31.59 35.99 5.30
C ALA C 214 30.64 34.90 5.81
N ARG C 215 31.13 34.08 6.73
CA ARG C 215 30.35 33.00 7.33
C ARG C 215 31.05 32.49 8.60
N PRO C 216 30.29 31.89 9.54
CA PRO C 216 30.86 31.56 10.84
C PRO C 216 31.85 30.41 10.82
N GLN C 217 32.66 30.31 11.87
CA GLN C 217 33.69 29.29 12.00
C GLN C 217 33.10 27.98 12.49
N VAL C 218 33.33 26.90 11.73
CA VAL C 218 33.02 25.53 12.16
C VAL C 218 34.36 24.88 12.49
N ASN C 219 34.54 24.49 13.76
CA ASN C 219 35.82 23.97 14.26
C ASN C 219 36.98 24.96 14.03
N GLY C 220 36.69 26.25 14.24
CA GLY C 220 37.66 27.33 14.04
C GLY C 220 37.92 27.80 12.62
N LEU C 221 37.17 27.27 11.65
CA LEU C 221 37.43 27.50 10.22
C LEU C 221 36.18 28.01 9.49
N SER C 222 36.26 29.24 8.98
CA SER C 222 35.19 29.81 8.15
C SER C 222 35.22 29.27 6.71
N SER C 223 36.34 28.67 6.30
CA SER C 223 36.43 28.01 4.99
C SER C 223 35.57 26.75 4.94
N ARG C 224 35.30 26.31 3.71
CA ARG C 224 34.51 25.11 3.46
C ARG C 224 35.15 24.34 2.32
N ILE C 225 35.08 23.02 2.39
CA ILE C 225 35.39 22.16 1.26
C ILE C 225 34.17 21.29 0.99
N ASP C 226 33.43 21.63 -0.06
CA ASP C 226 32.26 20.86 -0.47
C ASP C 226 32.66 19.83 -1.51
N PHE C 227 31.98 18.68 -1.48
CA PHE C 227 32.27 17.57 -2.40
C PHE C 227 31.16 17.36 -3.42
N HIS C 228 31.55 16.81 -4.57
CA HIS C 228 30.63 16.47 -5.66
C HIS C 228 31.02 15.13 -6.24
N TRP C 229 30.11 14.49 -6.96
CA TRP C 229 30.37 13.15 -7.47
C TRP C 229 29.57 12.79 -8.72
N THR C 230 30.06 11.76 -9.42
CA THR C 230 29.40 11.23 -10.61
C THR C 230 29.93 9.81 -10.93
N LEU C 231 29.23 9.12 -11.82
CA LEU C 231 29.62 7.78 -12.27
C LEU C 231 30.26 7.87 -13.65
N VAL C 232 31.51 7.41 -13.75
CA VAL C 232 32.21 7.31 -15.04
C VAL C 232 32.01 5.90 -15.60
N GLN C 233 31.38 5.81 -16.78
CA GLN C 233 31.06 4.52 -17.39
C GLN C 233 32.31 3.86 -18.00
N PRO C 234 32.28 2.52 -18.21
CA PRO C 234 33.43 1.82 -18.82
C PRO C 234 33.85 2.40 -20.17
N GLY C 235 35.14 2.74 -20.29
CA GLY C 235 35.69 3.33 -21.52
C GLY C 235 35.65 4.85 -21.59
N ASP C 236 34.74 5.47 -20.83
CA ASP C 236 34.56 6.92 -20.83
C ASP C 236 35.67 7.62 -20.04
N LYS C 237 35.94 8.87 -20.40
CA LYS C 237 36.91 9.72 -19.71
C LYS C 237 36.18 10.83 -18.95
N ILE C 238 36.83 11.36 -17.91
CA ILE C 238 36.35 12.54 -17.20
C ILE C 238 37.51 13.53 -17.04
N THR C 239 37.29 14.77 -17.46
CA THR C 239 38.34 15.79 -17.51
C THR C 239 38.06 16.91 -16.51
N PHE C 240 39.11 17.35 -15.81
CA PHE C 240 39.04 18.46 -14.85
C PHE C 240 39.87 19.63 -15.39
N SER C 241 39.21 20.76 -15.65
CA SER C 241 39.87 22.01 -16.05
C SER C 241 39.78 22.97 -14.88
N HIS C 242 40.92 23.43 -14.37
CA HIS C 242 40.94 24.25 -13.16
C HIS C 242 42.16 25.18 -13.06
N ASN C 243 42.02 26.22 -12.26
CA ASN C 243 43.09 27.18 -12.01
C ASN C 243 43.07 27.69 -10.55
N GLY C 244 42.80 26.78 -9.61
CA GLY C 244 42.80 27.10 -8.18
C GLY C 244 41.43 26.85 -7.56
N GLY C 245 41.40 26.02 -6.52
CA GLY C 245 40.18 25.70 -5.78
C GLY C 245 39.81 24.23 -5.78
N LEU C 246 40.33 23.47 -6.74
CA LEU C 246 40.03 22.05 -6.87
C LEU C 246 40.74 21.22 -5.80
N ILE C 247 39.98 20.33 -5.17
CA ILE C 247 40.51 19.29 -4.31
C ILE C 247 40.41 18.01 -5.15
N ALA C 248 41.49 17.67 -5.83
CA ALA C 248 41.47 16.66 -6.89
C ALA C 248 41.62 15.24 -6.35
N PRO C 249 40.95 14.25 -6.99
CA PRO C 249 41.08 12.87 -6.55
C PRO C 249 42.41 12.22 -6.94
N SER C 250 43.06 11.59 -5.96
CA SER C 250 44.21 10.71 -6.21
C SER C 250 43.76 9.28 -6.50
N ARG C 251 42.60 8.88 -5.97
CA ARG C 251 41.97 7.60 -6.30
C ARG C 251 40.46 7.75 -6.52
N VAL C 252 39.91 6.86 -7.35
CA VAL C 252 38.46 6.74 -7.57
C VAL C 252 37.96 5.44 -6.94
N SER C 253 36.65 5.31 -6.79
CA SER C 253 36.04 4.13 -6.16
C SER C 253 35.24 3.28 -7.14
N LYS C 254 35.09 2.01 -6.80
CA LYS C 254 34.25 1.08 -7.56
C LYS C 254 33.40 0.29 -6.56
N LEU C 255 32.09 0.51 -6.61
CA LEU C 255 31.15 -0.23 -5.76
C LEU C 255 30.93 -1.60 -6.38
N ILE C 256 31.17 -2.65 -5.61
CA ILE C 256 31.14 -4.03 -6.11
C ILE C 256 29.92 -4.76 -5.57
N GLY C 257 29.10 -5.28 -6.48
CA GLY C 257 27.99 -6.17 -6.12
C GLY C 257 26.92 -5.50 -5.28
N ARG C 258 26.30 -6.28 -4.41
CA ARG C 258 25.15 -5.86 -3.61
C ARG C 258 25.31 -6.27 -2.15
N GLY C 259 24.64 -5.53 -1.26
CA GLY C 259 24.66 -5.80 0.18
C GLY C 259 23.50 -5.15 0.92
N LEU C 260 23.39 -5.46 2.21
CA LEU C 260 22.31 -4.96 3.06
C LEU C 260 22.83 -3.89 4.03
N GLY C 261 22.34 -2.66 3.87
CA GLY C 261 22.71 -1.55 4.74
C GLY C 261 21.86 -1.51 5.99
N ILE C 262 22.51 -1.43 7.15
CA ILE C 262 21.82 -1.34 8.44
C ILE C 262 22.31 -0.11 9.18
N GLN C 263 21.38 0.65 9.76
CA GLN C 263 21.69 1.77 10.65
C GLN C 263 21.18 1.40 12.04
N SER C 264 22.09 1.25 12.99
CA SER C 264 21.75 0.73 14.31
C SER C 264 22.78 1.09 15.37
N GLU C 265 22.34 1.11 16.63
CA GLU C 265 23.20 1.39 17.78
C GLU C 265 23.63 0.13 18.55
N ALA C 266 23.03 -1.02 18.24
CA ALA C 266 23.19 -2.23 19.05
C ALA C 266 24.56 -2.90 18.85
N PRO C 267 25.12 -3.54 19.91
CA PRO C 267 26.39 -4.26 19.76
C PRO C 267 26.32 -5.49 18.86
N ILE C 268 27.48 -5.88 18.33
CA ILE C 268 27.57 -7.01 17.39
C ILE C 268 27.51 -8.32 18.18
N ASP C 269 26.90 -9.35 17.57
CA ASP C 269 26.88 -10.70 18.12
C ASP C 269 27.02 -11.70 16.98
N ASN C 270 28.09 -12.49 17.01
CA ASN C 270 28.41 -13.44 15.95
C ASN C 270 27.84 -14.87 16.17
N SER C 271 27.28 -15.12 17.36
CA SER C 271 26.68 -16.43 17.67
C SER C 271 25.23 -16.55 17.17
N CYS C 272 24.49 -15.43 17.20
CA CYS C 272 23.09 -15.40 16.75
C CYS C 272 22.96 -15.16 15.25
N GLU C 273 21.90 -15.71 14.66
CA GLU C 273 21.57 -15.56 13.23
C GLU C 273 20.32 -14.68 13.08
N SER C 274 20.21 -13.98 11.95
CA SER C 274 19.03 -13.16 11.64
C SER C 274 18.91 -12.77 10.18
N LYS C 275 17.68 -12.47 9.77
CA LYS C 275 17.39 -11.88 8.46
C LYS C 275 16.64 -10.54 8.53
N CYS C 276 16.42 -10.01 9.74
CA CYS C 276 15.66 -8.76 9.94
C CYS C 276 16.34 -7.91 11.01
N PHE C 277 16.49 -6.62 10.71
CA PHE C 277 17.22 -5.69 11.59
C PHE C 277 16.49 -4.35 11.71
N TRP C 278 16.72 -3.67 12.83
CA TRP C 278 16.20 -2.32 13.06
C TRP C 278 17.19 -1.53 13.93
N ARG C 279 16.83 -0.30 14.29
CA ARG C 279 17.70 0.62 15.04
C ARG C 279 18.17 0.02 16.37
N GLY C 280 17.23 -0.52 17.13
CA GLY C 280 17.47 -1.12 18.44
C GLY C 280 17.98 -2.55 18.49
N GLY C 281 18.03 -3.25 17.36
CA GLY C 281 18.63 -4.59 17.31
C GLY C 281 18.19 -5.50 16.16
N SER C 282 17.94 -6.77 16.48
CA SER C 282 17.52 -7.80 15.52
C SER C 282 16.15 -8.37 15.89
N ILE C 283 15.47 -8.92 14.89
CA ILE C 283 14.17 -9.60 15.08
C ILE C 283 14.29 -11.02 14.50
N ASN C 284 14.56 -11.98 15.38
CA ASN C 284 14.75 -13.40 15.00
C ASN C 284 13.45 -14.21 14.89
N THR C 285 12.31 -13.61 15.25
CA THR C 285 11.05 -14.34 15.42
C THR C 285 10.56 -15.07 14.15
N ARG C 286 9.83 -16.15 14.38
CA ARG C 286 9.16 -16.90 13.30
C ARG C 286 7.73 -16.38 13.07
N LEU C 287 7.28 -15.43 13.90
CA LEU C 287 5.91 -14.91 13.84
C LEU C 287 5.71 -13.96 12.67
N PRO C 288 4.46 -13.91 12.12
CA PRO C 288 4.17 -13.10 10.94
C PRO C 288 4.15 -11.59 11.15
N PHE C 289 3.92 -11.14 12.39
CA PHE C 289 3.79 -9.70 12.71
C PHE C 289 4.71 -9.28 13.85
N GLN C 290 4.98 -7.98 13.94
CA GLN C 290 5.80 -7.37 15.01
C GLN C 290 5.34 -5.94 15.32
N ASN C 291 5.50 -5.52 16.57
CA ASN C 291 5.14 -4.15 17.00
C ASN C 291 6.33 -3.35 17.57
N LEU C 292 7.55 -3.70 17.13
CA LEU C 292 8.77 -3.07 17.62
C LEU C 292 9.04 -1.73 16.92
N SER C 293 9.01 -1.74 15.59
CA SER C 293 9.28 -0.55 14.80
C SER C 293 8.75 -0.68 13.38
N PRO C 294 8.22 0.43 12.81
CA PRO C 294 7.85 0.43 11.39
C PRO C 294 9.05 0.48 10.43
N ARG C 295 10.19 0.98 10.90
CA ARG C 295 11.41 1.05 10.08
C ARG C 295 12.30 -0.16 10.34
N THR C 296 12.31 -1.09 9.38
CA THR C 296 13.16 -2.28 9.42
C THR C 296 13.76 -2.55 8.04
N VAL C 297 14.77 -3.42 8.01
CA VAL C 297 15.41 -3.86 6.77
C VAL C 297 15.63 -5.38 6.75
N GLY C 298 15.60 -5.96 5.55
CA GLY C 298 15.78 -7.40 5.35
C GLY C 298 14.47 -8.10 5.09
N GLN C 299 14.43 -9.40 5.42
CA GLN C 299 13.20 -10.21 5.31
C GLN C 299 12.52 -10.21 6.68
N CYS C 300 11.51 -9.34 6.83
CA CYS C 300 10.96 -9.01 8.15
C CYS C 300 9.49 -9.40 8.32
N PRO C 301 9.06 -9.59 9.59
CA PRO C 301 7.62 -9.62 9.88
C PRO C 301 7.01 -8.23 9.67
N LYS C 302 5.74 -8.20 9.30
CA LYS C 302 5.07 -6.93 8.99
C LYS C 302 4.72 -6.16 10.25
N TYR C 303 4.93 -4.85 10.23
CA TYR C 303 4.62 -3.99 11.36
C TYR C 303 3.10 -3.81 11.52
N VAL C 304 2.64 -3.79 12.76
CA VAL C 304 1.22 -3.63 13.09
C VAL C 304 1.05 -2.76 14.34
N ASN C 305 -0.09 -2.06 14.42
CA ASN C 305 -0.43 -1.25 15.60
C ASN C 305 -1.25 -2.10 16.57
N LYS C 306 -0.61 -3.10 17.16
CA LYS C 306 -1.26 -4.03 18.10
C LYS C 306 -0.24 -4.63 19.06
N LYS C 307 -0.56 -4.62 20.35
CA LYS C 307 0.29 -5.24 21.38
C LYS C 307 0.28 -6.77 21.25
N SER C 308 -0.92 -7.34 21.09
CA SER C 308 -1.10 -8.80 21.03
C SER C 308 -2.23 -9.19 20.08
N LEU C 309 -2.03 -10.31 19.37
CA LEU C 309 -3.09 -10.96 18.59
C LEU C 309 -3.00 -12.48 18.81
N MET C 310 -3.89 -13.01 19.64
CA MET C 310 -3.84 -14.41 20.05
C MET C 310 -4.64 -15.29 19.09
N LEU C 311 -3.94 -16.21 18.43
CA LEU C 311 -4.54 -17.20 17.54
C LEU C 311 -4.92 -18.43 18.36
N ALA C 312 -6.18 -18.84 18.29
CA ALA C 312 -6.66 -19.99 19.04
C ALA C 312 -6.09 -21.28 18.45
N THR C 313 -5.55 -22.13 19.31
CA THR C 313 -5.05 -23.45 18.94
C THR C 313 -5.83 -24.54 19.67
N GLY C 314 -7.10 -24.27 19.96
CA GLY C 314 -7.94 -25.17 20.73
C GLY C 314 -9.40 -24.74 20.72
N MET C 315 -10.26 -25.65 21.18
CA MET C 315 -11.70 -25.43 21.26
C MET C 315 -12.10 -24.44 22.36
N ARG C 316 -13.39 -24.10 22.42
CA ARG C 316 -13.96 -23.34 23.55
C ARG C 316 -13.71 -24.09 24.86
N ASN C 317 -13.20 -23.39 25.87
CA ASN C 317 -12.99 -23.96 27.19
C ASN C 317 -14.26 -23.76 28.01
N VAL C 318 -14.92 -24.86 28.34
CA VAL C 318 -16.17 -24.86 29.11
C VAL C 318 -15.91 -25.67 30.40
N PRO C 319 -15.47 -24.99 31.48
CA PRO C 319 -15.05 -25.68 32.70
C PRO C 319 -16.22 -26.19 33.57
N GLU C 320 -15.87 -26.84 34.69
CA GLU C 320 -16.80 -27.63 35.53
C GLU C 320 -17.12 -28.94 34.85
N GLY D 1 -22.83 -22.27 19.70
CA GLY D 1 -21.94 -22.46 18.52
C GLY D 1 -22.66 -22.99 17.30
N LEU D 2 -21.98 -22.94 16.14
CA LEU D 2 -22.59 -23.32 14.85
C LEU D 2 -23.21 -24.71 14.83
N PHE D 3 -22.53 -25.70 15.39
CA PHE D 3 -22.98 -27.10 15.33
C PHE D 3 -23.68 -27.60 16.59
N GLY D 4 -23.68 -26.80 17.65
CA GLY D 4 -24.57 -27.00 18.79
C GLY D 4 -24.13 -27.99 19.86
N ALA D 5 -22.91 -28.54 19.76
CA ALA D 5 -22.43 -29.53 20.72
C ALA D 5 -21.57 -28.89 21.82
N ILE D 6 -20.40 -28.38 21.45
CA ILE D 6 -19.49 -27.72 22.40
C ILE D 6 -20.08 -26.37 22.79
N ALA D 7 -20.18 -26.14 24.10
CA ALA D 7 -20.94 -25.01 24.68
C ALA D 7 -22.40 -25.00 24.22
N GLY D 8 -22.97 -26.20 24.06
CA GLY D 8 -24.32 -26.39 23.54
C GLY D 8 -25.04 -27.46 24.34
N PHE D 9 -25.49 -28.54 23.69
CA PHE D 9 -26.18 -29.62 24.41
C PHE D 9 -25.26 -30.41 25.35
N ILE D 10 -23.97 -30.47 25.03
CA ILE D 10 -22.97 -30.94 25.99
C ILE D 10 -22.72 -29.78 26.96
N GLU D 11 -23.06 -29.99 28.24
CA GLU D 11 -23.07 -28.92 29.24
C GLU D 11 -21.68 -28.30 29.48
N ASN D 12 -20.68 -29.16 29.62
CA ASN D 12 -19.30 -28.70 29.85
C ASN D 12 -18.26 -29.76 29.47
N GLY D 13 -17.01 -29.33 29.42
CA GLY D 13 -15.88 -30.22 29.13
C GLY D 13 -15.37 -30.96 30.35
N TRP D 14 -14.51 -31.95 30.12
CA TRP D 14 -13.94 -32.79 31.18
C TRP D 14 -12.46 -32.45 31.42
N GLU D 15 -12.17 -31.87 32.57
CA GLU D 15 -10.78 -31.59 32.97
C GLU D 15 -9.96 -32.87 33.21
N GLY D 16 -10.64 -33.94 33.63
CA GLY D 16 -9.99 -35.25 33.84
C GLY D 16 -9.50 -35.98 32.60
N MET D 17 -9.98 -35.59 31.42
CA MET D 17 -9.50 -36.18 30.16
C MET D 17 -8.23 -35.48 29.68
N VAL D 18 -7.08 -36.11 29.94
CA VAL D 18 -5.76 -35.56 29.59
C VAL D 18 -5.07 -36.26 28.41
N ASP D 19 -5.70 -37.32 27.87
CA ASP D 19 -5.11 -38.13 26.79
C ASP D 19 -5.82 -37.94 25.44
N GLY D 20 -6.60 -36.86 25.31
CA GLY D 20 -7.34 -36.60 24.09
C GLY D 20 -8.23 -35.37 24.18
N TRP D 21 -8.72 -34.93 23.03
CA TRP D 21 -9.58 -33.75 22.91
C TRP D 21 -11.04 -34.14 23.03
N TYR D 22 -11.40 -35.27 22.44
CA TYR D 22 -12.74 -35.83 22.51
C TYR D 22 -12.67 -37.23 23.08
N GLY D 23 -13.76 -37.69 23.67
CA GLY D 23 -13.81 -39.05 24.21
C GLY D 23 -15.14 -39.51 24.75
N PHE D 24 -15.09 -40.67 25.41
CA PHE D 24 -16.25 -41.38 25.91
C PHE D 24 -16.15 -41.55 27.42
N ARG D 25 -17.28 -41.40 28.11
CA ARG D 25 -17.44 -41.92 29.46
C ARG D 25 -18.61 -42.89 29.43
N HIS D 26 -18.55 -43.95 30.24
CA HIS D 26 -19.65 -44.91 30.30
C HIS D 26 -19.85 -45.51 31.69
N GLN D 27 -21.04 -46.11 31.86
CA GLN D 27 -21.40 -46.81 33.09
C GLN D 27 -22.15 -48.09 32.70
N ASN D 28 -21.67 -49.22 33.20
CA ASN D 28 -22.36 -50.50 33.04
C ASN D 28 -22.21 -51.31 34.34
N ALA D 29 -22.66 -52.57 34.33
CA ALA D 29 -22.49 -53.45 35.49
C ALA D 29 -21.01 -53.64 35.88
N GLN D 30 -20.15 -53.82 34.89
CA GLN D 30 -18.72 -54.07 35.14
C GLN D 30 -17.98 -52.87 35.77
N GLY D 31 -18.29 -51.66 35.34
CA GLY D 31 -17.65 -50.48 35.94
C GLY D 31 -17.88 -49.14 35.27
N THR D 32 -17.18 -48.14 35.78
CA THR D 32 -17.17 -46.78 35.26
C THR D 32 -15.95 -46.64 34.37
N GLY D 33 -16.16 -46.19 33.14
CA GLY D 33 -15.07 -46.08 32.15
C GLY D 33 -14.85 -44.68 31.61
N GLN D 34 -13.61 -44.43 31.17
CA GLN D 34 -13.27 -43.23 30.40
C GLN D 34 -12.21 -43.60 29.35
N ALA D 35 -12.38 -43.09 28.13
CA ALA D 35 -11.42 -43.31 27.05
C ALA D 35 -11.48 -42.19 26.03
N ALA D 36 -10.32 -41.86 25.46
CA ALA D 36 -10.20 -40.81 24.43
C ALA D 36 -10.40 -41.40 23.04
N ASP D 37 -11.03 -40.63 22.15
CA ASP D 37 -11.13 -40.98 20.74
C ASP D 37 -9.94 -40.37 19.99
N TYR D 38 -9.04 -41.22 19.51
CA TYR D 38 -7.84 -40.79 18.79
C TYR D 38 -8.16 -40.12 17.45
N LYS D 39 -9.10 -40.70 16.69
CA LYS D 39 -9.39 -40.27 15.32
C LYS D 39 -9.95 -38.85 15.22
N SER D 40 -10.94 -38.52 16.06
CA SER D 40 -11.52 -37.19 16.09
C SER D 40 -10.55 -36.16 16.70
N THR D 41 -9.81 -36.58 17.73
CA THR D 41 -8.77 -35.76 18.35
C THR D 41 -7.69 -35.35 17.33
N GLN D 42 -7.18 -36.33 16.61
CA GLN D 42 -6.11 -36.10 15.63
C GLN D 42 -6.61 -35.28 14.43
N ALA D 43 -7.86 -35.51 14.02
CA ALA D 43 -8.48 -34.71 12.95
C ALA D 43 -8.53 -33.22 13.29
N ALA D 44 -8.89 -32.90 14.54
CA ALA D 44 -8.89 -31.52 15.03
C ALA D 44 -7.47 -30.94 15.11
N ILE D 45 -6.54 -31.72 15.65
CA ILE D 45 -5.15 -31.29 15.82
C ILE D 45 -4.47 -31.04 14.46
N ASP D 46 -4.66 -31.96 13.51
CA ASP D 46 -4.09 -31.83 12.16
C ASP D 46 -4.58 -30.55 11.46
N GLN D 47 -5.86 -30.25 11.59
CA GLN D 47 -6.44 -29.05 10.98
C GLN D 47 -5.87 -27.74 11.57
N ILE D 48 -5.67 -27.73 12.89
CA ILE D 48 -5.04 -26.58 13.56
C ILE D 48 -3.55 -26.46 13.22
N THR D 49 -2.85 -27.60 13.14
CA THR D 49 -1.45 -27.61 12.70
C THR D 49 -1.29 -27.04 11.29
N GLY D 50 -2.20 -27.41 10.39
CA GLY D 50 -2.25 -26.86 9.03
C GLY D 50 -2.40 -25.35 8.96
N LYS D 51 -3.19 -24.79 9.88
CA LYS D 51 -3.33 -23.33 10.01
C LYS D 51 -2.06 -22.66 10.50
N LEU D 52 -1.41 -23.26 11.49
CA LEU D 52 -0.14 -22.75 12.03
C LEU D 52 0.97 -22.74 10.99
N ASN D 53 1.05 -23.81 10.20
CA ASN D 53 2.00 -23.90 9.07
C ASN D 53 1.76 -22.79 8.04
N ARG D 54 0.48 -22.47 7.82
CA ARG D 54 0.08 -21.44 6.86
C ARG D 54 0.27 -20.01 7.40
N ILE D 55 -0.13 -19.79 8.65
CA ILE D 55 -0.14 -18.44 9.25
C ILE D 55 1.21 -18.02 9.84
N ILE D 56 1.88 -18.92 10.57
CA ILE D 56 3.14 -18.59 11.25
C ILE D 56 4.30 -18.64 10.24
N LYS D 57 4.43 -17.56 9.46
CA LYS D 57 5.50 -17.38 8.49
C LYS D 57 5.57 -15.93 8.00
N LYS D 58 6.68 -15.60 7.33
CA LYS D 58 6.90 -14.26 6.75
C LYS D 58 7.25 -14.35 5.27
N THR D 59 7.24 -13.21 4.60
CA THR D 59 7.54 -13.14 3.17
C THR D 59 9.04 -13.20 2.92
N ASN D 60 9.42 -13.71 1.74
CA ASN D 60 10.82 -13.81 1.33
C ASN D 60 11.40 -12.51 0.77
N THR D 61 10.58 -11.46 0.64
CA THR D 61 10.99 -10.22 -0.03
C THR D 61 12.06 -9.45 0.75
N GLU D 62 13.10 -9.03 0.04
CA GLU D 62 14.20 -8.26 0.61
C GLU D 62 13.84 -6.77 0.59
N PHE D 63 13.72 -6.17 1.78
CA PHE D 63 13.41 -4.75 1.92
C PHE D 63 14.64 -3.97 2.37
N GLU D 64 15.00 -2.94 1.59
CA GLU D 64 16.08 -2.02 1.95
C GLU D 64 15.51 -0.78 2.63
N SER D 65 16.40 0.01 3.23
CA SER D 65 16.00 1.23 3.94
C SER D 65 15.65 2.34 2.96
N ILE D 66 14.57 3.06 3.25
CA ILE D 66 14.22 4.32 2.55
C ILE D 66 14.10 5.50 3.52
N GLU D 67 14.55 5.32 4.77
CA GLU D 67 14.51 6.36 5.79
C GLU D 67 15.78 6.27 6.62
N SER D 68 16.56 7.35 6.64
CA SER D 68 17.79 7.38 7.41
C SER D 68 17.49 7.55 8.90
N GLU D 69 18.12 6.72 9.72
CA GLU D 69 17.99 6.76 11.18
C GLU D 69 18.71 7.95 11.79
N PHE D 70 19.86 8.33 11.21
CA PHE D 70 20.77 9.32 11.82
C PHE D 70 20.95 10.63 11.02
N SER D 71 20.25 10.78 9.91
CA SER D 71 20.26 12.03 9.14
C SER D 71 18.86 12.35 8.60
N GLU D 72 18.62 13.61 8.28
CA GLU D 72 17.30 14.07 7.81
C GLU D 72 17.25 14.14 6.29
N ILE D 73 16.35 13.34 5.70
CA ILE D 73 16.10 13.36 4.26
C ILE D 73 15.21 14.54 3.86
N ASP D 74 15.06 14.74 2.56
CA ASP D 74 14.24 15.84 1.99
C ASP D 74 12.80 15.81 2.54
N HIS D 75 12.23 16.99 2.73
CA HIS D 75 10.96 17.14 3.46
C HIS D 75 9.74 16.58 2.72
N GLN D 76 9.64 16.86 1.42
CA GLN D 76 8.48 16.42 0.63
C GLN D 76 8.44 14.91 0.44
N ILE D 77 9.58 14.31 0.07
CA ILE D 77 9.68 12.86 -0.08
C ILE D 77 9.49 12.13 1.26
N GLY D 78 9.96 12.74 2.35
CA GLY D 78 9.76 12.20 3.70
C GLY D 78 8.29 12.10 4.12
N ASN D 79 7.49 13.08 3.71
CA ASN D 79 6.04 13.06 3.94
C ASN D 79 5.34 11.98 3.11
N VAL D 80 5.77 11.80 1.86
CA VAL D 80 5.24 10.75 0.99
C VAL D 80 5.56 9.36 1.57
N ILE D 81 6.78 9.19 2.07
CA ILE D 81 7.20 7.94 2.72
C ILE D 81 6.37 7.69 3.98
N ASN D 82 6.26 8.71 4.82
CA ASN D 82 5.45 8.62 6.06
C ASN D 82 3.99 8.28 5.81
N TRP D 83 3.40 8.88 4.78
CA TRP D 83 2.03 8.59 4.38
C TRP D 83 1.90 7.14 3.89
N THR D 84 2.81 6.74 3.00
CA THR D 84 2.77 5.40 2.39
C THR D 84 2.97 4.29 3.43
N LYS D 85 3.94 4.46 4.31
CA LYS D 85 4.20 3.48 5.39
C LYS D 85 3.03 3.35 6.37
N ASP D 86 2.45 4.48 6.76
CA ASP D 86 1.27 4.47 7.64
C ASP D 86 0.04 3.83 6.97
N SER D 87 -0.11 4.02 5.66
CA SER D 87 -1.18 3.36 4.90
C SER D 87 -0.97 1.84 4.83
N ILE D 88 0.27 1.42 4.56
CA ILE D 88 0.63 -0.01 4.52
C ILE D 88 0.49 -0.64 5.92
N THR D 89 0.87 0.10 6.95
CA THR D 89 0.69 -0.36 8.34
C THR D 89 -0.79 -0.54 8.72
N ASP D 90 -1.65 0.36 8.27
CA ASP D 90 -3.11 0.22 8.49
C ASP D 90 -3.70 -1.00 7.78
N ILE D 91 -3.20 -1.31 6.58
CA ILE D 91 -3.64 -2.49 5.84
C ILE D 91 -3.25 -3.77 6.59
N TRP D 92 -1.98 -3.87 6.98
CA TRP D 92 -1.48 -5.06 7.67
C TRP D 92 -2.08 -5.26 9.06
N THR D 93 -2.30 -4.17 9.79
CA THR D 93 -3.00 -4.21 11.08
C THR D 93 -4.42 -4.77 10.92
N TYR D 94 -5.11 -4.27 9.88
CA TYR D 94 -6.47 -4.73 9.56
C TYR D 94 -6.50 -6.19 9.09
N GLN D 95 -5.55 -6.54 8.22
CA GLN D 95 -5.42 -7.90 7.70
C GLN D 95 -5.13 -8.91 8.82
N ALA D 96 -4.23 -8.53 9.73
CA ALA D 96 -3.88 -9.37 10.87
C ALA D 96 -5.06 -9.57 11.83
N GLU D 97 -5.76 -8.48 12.15
CA GLU D 97 -6.96 -8.54 13.02
C GLU D 97 -8.08 -9.38 12.43
N LEU D 98 -8.32 -9.21 11.12
CA LEU D 98 -9.31 -10.01 10.40
C LEU D 98 -8.92 -11.48 10.33
N LEU D 99 -7.66 -11.75 9.99
CA LEU D 99 -7.14 -13.12 9.86
C LEU D 99 -7.38 -13.92 11.14
N VAL D 100 -6.90 -13.39 12.25
CA VAL D 100 -6.97 -14.08 13.55
C VAL D 100 -8.42 -14.24 14.01
N ALA D 101 -9.24 -13.21 13.81
CA ALA D 101 -10.67 -13.26 14.15
C ALA D 101 -11.41 -14.31 13.31
N MET D 102 -11.15 -14.31 12.01
CA MET D 102 -11.72 -15.30 11.09
C MET D 102 -11.30 -16.73 11.45
N GLU D 103 -9.99 -16.92 11.67
CA GLU D 103 -9.44 -18.25 11.98
C GLU D 103 -9.90 -18.78 13.34
N ASN D 104 -9.95 -17.90 14.35
CA ASN D 104 -10.46 -18.26 15.68
C ASN D 104 -11.91 -18.72 15.63
N GLN D 105 -12.74 -18.03 14.83
CA GLN D 105 -14.13 -18.44 14.62
C GLN D 105 -14.19 -19.83 13.98
N HIS D 106 -13.41 -20.02 12.91
CA HIS D 106 -13.38 -21.30 12.20
C HIS D 106 -12.80 -22.45 13.05
N THR D 107 -11.76 -22.17 13.85
CA THR D 107 -11.17 -23.16 14.74
C THR D 107 -12.16 -23.67 15.79
N ILE D 108 -12.88 -22.73 16.41
CA ILE D 108 -13.91 -23.03 17.41
C ILE D 108 -15.05 -23.85 16.81
N ASP D 109 -15.53 -23.44 15.64
CA ASP D 109 -16.63 -24.14 14.96
C ASP D 109 -16.20 -25.49 14.38
N MET D 110 -14.98 -25.58 13.86
CA MET D 110 -14.40 -26.84 13.41
C MET D 110 -14.37 -27.86 14.53
N ALA D 111 -13.87 -27.45 15.69
CA ALA D 111 -13.81 -28.30 16.89
C ALA D 111 -15.19 -28.77 17.32
N ASP D 112 -16.15 -27.85 17.28
CA ASP D 112 -17.56 -28.14 17.53
C ASP D 112 -18.10 -29.21 16.56
N SER D 113 -17.75 -29.09 15.28
CA SER D 113 -18.19 -30.06 14.26
C SER D 113 -17.63 -31.47 14.47
N GLU D 114 -16.38 -31.58 14.93
CA GLU D 114 -15.77 -32.89 15.22
C GLU D 114 -16.47 -33.61 16.38
N MET D 115 -16.87 -32.85 17.40
CA MET D 115 -17.68 -33.36 18.51
C MET D 115 -19.03 -33.89 18.02
N LEU D 116 -19.67 -33.15 17.12
CA LEU D 116 -20.96 -33.54 16.56
C LEU D 116 -20.86 -34.77 15.65
N ASN D 117 -19.83 -34.83 14.81
CA ASN D 117 -19.63 -35.96 13.88
C ASN D 117 -19.38 -37.29 14.61
N LEU D 118 -18.71 -37.23 15.76
CA LEU D 118 -18.49 -38.41 16.61
C LEU D 118 -19.80 -38.84 17.28
N TYR D 119 -20.50 -37.88 17.86
CA TYR D 119 -21.83 -38.09 18.46
C TYR D 119 -22.81 -38.72 17.48
N GLU D 120 -22.84 -38.18 16.26
CA GLU D 120 -23.72 -38.69 15.19
C GLU D 120 -23.31 -40.07 14.69
N ARG D 121 -22.00 -40.32 14.60
CA ARG D 121 -21.49 -41.65 14.24
C ARG D 121 -21.92 -42.72 15.27
N VAL D 122 -21.89 -42.36 16.55
CA VAL D 122 -22.31 -43.25 17.63
C VAL D 122 -23.84 -43.46 17.61
N ARG D 123 -24.60 -42.40 17.37
CA ARG D 123 -26.07 -42.49 17.27
C ARG D 123 -26.51 -43.48 16.18
N LYS D 124 -25.94 -43.34 14.99
CA LYS D 124 -26.30 -44.21 13.86
C LYS D 124 -25.87 -45.67 14.06
N GLN D 125 -24.75 -45.88 14.77
CA GLN D 125 -24.31 -47.22 15.16
C GLN D 125 -25.31 -47.93 16.07
N LEU D 126 -25.72 -47.21 17.13
CA LEU D 126 -26.63 -47.77 18.13
C LEU D 126 -28.04 -48.05 17.59
N ARG D 127 -28.46 -47.25 16.60
CA ARG D 127 -29.69 -47.49 15.85
C ARG D 127 -30.93 -47.46 16.77
N GLN D 128 -31.64 -48.59 16.94
CA GLN D 128 -32.83 -48.64 17.81
C GLN D 128 -32.54 -49.24 19.18
N ASN D 129 -31.27 -49.49 19.49
CA ASN D 129 -30.87 -50.09 20.76
C ASN D 129 -30.61 -49.05 21.85
N ALA D 130 -30.66 -47.76 21.50
CA ALA D 130 -30.43 -46.68 22.46
C ALA D 130 -31.30 -45.45 22.17
N GLU D 131 -31.39 -44.57 23.16
CA GLU D 131 -32.08 -43.28 23.01
C GLU D 131 -31.21 -42.14 23.53
N GLU D 132 -31.38 -40.97 22.92
CA GLU D 132 -30.66 -39.77 23.30
C GLU D 132 -31.30 -39.15 24.54
N ASP D 133 -30.48 -38.76 25.53
CA ASP D 133 -30.98 -38.13 26.76
C ASP D 133 -30.95 -36.59 26.74
N GLY D 134 -30.47 -35.99 25.65
CA GLY D 134 -30.40 -34.53 25.52
C GLY D 134 -29.09 -33.88 25.93
N LYS D 135 -28.34 -34.52 26.82
CA LYS D 135 -27.09 -33.97 27.36
C LYS D 135 -25.81 -34.49 26.66
N GLY D 136 -25.98 -35.18 25.52
CA GLY D 136 -24.86 -35.79 24.80
C GLY D 136 -24.55 -37.22 25.20
N CYS D 137 -25.44 -37.87 25.96
CA CYS D 137 -25.31 -39.28 26.31
C CYS D 137 -26.35 -40.12 25.60
N PHE D 138 -26.09 -41.42 25.54
CA PHE D 138 -27.02 -42.39 24.98
C PHE D 138 -27.35 -43.41 26.05
N GLU D 139 -28.65 -43.57 26.33
CA GLU D 139 -29.12 -44.61 27.24
C GLU D 139 -29.35 -45.89 26.44
N ILE D 140 -28.55 -46.91 26.74
CA ILE D 140 -28.53 -48.17 25.99
C ILE D 140 -29.46 -49.17 26.68
N TYR D 141 -30.46 -49.67 25.95
CA TYR D 141 -31.51 -50.52 26.53
C TYR D 141 -31.23 -52.03 26.52
N HIS D 142 -29.96 -52.41 26.60
CA HIS D 142 -29.56 -53.80 26.85
C HIS D 142 -28.29 -53.81 27.70
N ALA D 143 -27.92 -54.98 28.20
CA ALA D 143 -26.67 -55.13 28.94
C ALA D 143 -25.49 -54.95 27.98
N CYS D 144 -24.74 -53.86 28.18
CA CYS D 144 -23.60 -53.53 27.33
C CYS D 144 -22.33 -53.53 28.18
N ASP D 145 -21.62 -54.66 28.16
CA ASP D 145 -20.42 -54.86 28.98
C ASP D 145 -19.20 -54.16 28.38
N ASP D 146 -18.02 -54.35 28.99
CA ASP D 146 -16.79 -53.66 28.56
C ASP D 146 -16.43 -53.88 27.09
N SER D 147 -16.61 -55.11 26.60
CA SER D 147 -16.37 -55.43 25.17
C SER D 147 -17.38 -54.73 24.26
N CYS D 148 -18.65 -54.74 24.66
CA CYS D 148 -19.70 -54.00 23.95
C CYS D 148 -19.41 -52.50 23.86
N MET D 149 -19.00 -51.90 24.98
CA MET D 149 -18.63 -50.48 25.02
C MET D 149 -17.42 -50.18 24.14
N GLU D 150 -16.44 -51.08 24.16
CA GLU D 150 -15.25 -50.98 23.30
C GLU D 150 -15.61 -51.03 21.81
N SER D 151 -16.54 -51.91 21.45
CA SER D 151 -17.01 -52.03 20.06
C SER D 151 -17.67 -50.74 19.55
N ILE D 152 -18.35 -50.01 20.43
CA ILE D 152 -18.95 -48.71 20.09
C ILE D 152 -17.84 -47.68 19.82
N ARG D 153 -16.81 -47.66 20.69
CA ARG D 153 -15.65 -46.79 20.50
C ARG D 153 -14.83 -47.16 19.27
N ASN D 154 -14.66 -48.46 19.02
CA ASN D 154 -13.95 -48.97 17.83
C ASN D 154 -14.71 -48.87 16.51
N ASN D 155 -16.00 -48.52 16.55
CA ASN D 155 -16.86 -48.41 15.36
C ASN D 155 -17.16 -49.77 14.71
N THR D 156 -17.23 -50.82 15.54
CA THR D 156 -17.57 -52.18 15.10
C THR D 156 -18.75 -52.76 15.89
N TYR D 157 -19.56 -51.89 16.48
CA TYR D 157 -20.75 -52.32 17.24
C TYR D 157 -21.82 -52.79 16.26
N ASP D 158 -22.30 -54.02 16.47
CA ASP D 158 -23.36 -54.60 15.64
C ASP D 158 -24.70 -54.50 16.38
N HIS D 159 -25.59 -53.67 15.83
CA HIS D 159 -26.90 -53.41 16.47
C HIS D 159 -27.84 -54.62 16.44
N SER D 160 -27.72 -55.47 15.41
CA SER D 160 -28.62 -56.61 15.23
C SER D 160 -28.51 -57.65 16.36
N GLN D 161 -27.32 -57.80 16.93
CA GLN D 161 -27.05 -58.73 18.04
C GLN D 161 -27.95 -58.48 19.26
N TYR D 162 -28.20 -57.21 19.56
CA TYR D 162 -28.95 -56.81 20.76
C TYR D 162 -30.34 -56.21 20.48
N ARG D 163 -30.80 -56.28 19.23
CA ARG D 163 -32.03 -55.55 18.81
C ARG D 163 -33.31 -56.07 19.49
N GLU D 164 -33.46 -57.39 19.56
CA GLU D 164 -34.64 -58.02 20.17
C GLU D 164 -34.75 -57.65 21.65
N GLU D 165 -33.66 -57.85 22.39
CA GLU D 165 -33.58 -57.47 23.82
C GLU D 165 -33.85 -55.98 24.05
N ALA D 166 -33.29 -55.13 23.19
CA ALA D 166 -33.42 -53.68 23.34
C ALA D 166 -34.84 -53.17 23.09
N LEU D 167 -35.49 -53.66 22.03
CA LEU D 167 -36.86 -53.26 21.71
C LEU D 167 -37.88 -53.62 22.80
N LEU D 168 -37.66 -54.74 23.48
CA LEU D 168 -38.53 -55.16 24.59
C LEU D 168 -38.40 -54.23 25.80
N ASN D 169 -37.17 -53.84 26.13
CA ASN D 169 -36.92 -52.90 27.23
C ASN D 169 -37.43 -51.48 26.96
N ARG D 170 -37.34 -51.03 25.71
CA ARG D 170 -37.80 -49.69 25.31
C ARG D 170 -39.34 -49.56 25.34
N LEU D 171 -40.03 -50.59 24.88
CA LEU D 171 -41.50 -50.62 24.88
C LEU D 171 -42.09 -50.94 26.26
N ASN D 172 -41.39 -51.76 27.04
CA ASN D 172 -41.73 -52.05 28.45
C ASN D 172 -43.10 -52.73 28.59
N ASP E 1 -34.38 -58.95 3.89
CA ASP E 1 -35.82 -58.58 4.18
C ASP E 1 -36.20 -57.14 3.77
N PRO E 2 -35.40 -56.12 4.19
CA PRO E 2 -35.76 -54.74 3.86
C PRO E 2 -35.17 -54.24 2.54
N ASP E 3 -35.96 -53.48 1.78
CA ASP E 3 -35.46 -52.77 0.59
C ASP E 3 -34.58 -51.60 1.04
N LYS E 4 -33.70 -51.17 0.15
CA LYS E 4 -32.63 -50.23 0.49
C LYS E 4 -32.58 -49.06 -0.49
N ILE E 5 -32.34 -47.85 0.03
CA ILE E 5 -32.05 -46.67 -0.80
C ILE E 5 -30.85 -45.92 -0.21
N CYS E 6 -29.84 -45.70 -1.05
CA CYS E 6 -28.57 -45.11 -0.66
C CYS E 6 -28.37 -43.75 -1.32
N LEU E 7 -27.94 -42.77 -0.54
CA LEU E 7 -27.51 -41.48 -1.08
C LEU E 7 -26.01 -41.48 -1.30
N GLY E 8 -25.57 -40.71 -2.29
CA GLY E 8 -24.16 -40.59 -2.59
C GLY E 8 -23.84 -39.34 -3.39
N HIS E 9 -22.56 -39.20 -3.70
CA HIS E 9 -22.05 -38.08 -4.49
C HIS E 9 -21.12 -38.60 -5.57
N HIS E 10 -20.86 -37.77 -6.57
CA HIS E 10 -20.01 -38.17 -7.69
C HIS E 10 -18.52 -38.11 -7.35
N ALA E 11 -17.70 -38.62 -8.26
CA ALA E 11 -16.25 -38.60 -8.11
C ALA E 11 -15.58 -38.81 -9.46
N VAL E 12 -14.26 -38.66 -9.48
CA VAL E 12 -13.42 -38.94 -10.66
C VAL E 12 -12.18 -39.73 -10.23
N ALA E 13 -11.53 -40.39 -11.19
CA ALA E 13 -10.40 -41.29 -10.91
C ALA E 13 -9.19 -40.54 -10.35
N ASN E 14 -8.69 -39.56 -11.12
CA ASN E 14 -7.61 -38.66 -10.68
C ASN E 14 -8.13 -37.22 -10.60
N GLY E 15 -8.15 -36.67 -9.40
CA GLY E 15 -8.68 -35.32 -9.16
C GLY E 15 -7.65 -34.23 -9.39
N THR E 16 -7.83 -33.12 -8.68
CA THR E 16 -6.90 -31.98 -8.73
C THR E 16 -6.61 -31.49 -7.32
N ILE E 17 -5.34 -31.18 -7.06
CA ILE E 17 -4.92 -30.71 -5.73
C ILE E 17 -5.19 -29.21 -5.59
N VAL E 18 -5.71 -28.82 -4.43
CA VAL E 18 -5.90 -27.41 -4.07
C VAL E 18 -5.45 -27.18 -2.62
N LYS E 19 -5.30 -25.91 -2.25
CA LYS E 19 -4.96 -25.51 -0.88
C LYS E 19 -6.19 -24.95 -0.17
N THR E 20 -6.29 -25.26 1.12
CA THR E 20 -7.35 -24.74 1.98
C THR E 20 -6.70 -24.09 3.20
N LEU E 21 -7.52 -23.58 4.12
CA LEU E 21 -7.03 -23.01 5.38
C LEU E 21 -6.27 -24.04 6.24
N THR E 22 -6.71 -25.30 6.18
CA THR E 22 -6.20 -26.37 7.05
C THR E 22 -5.39 -27.48 6.35
N ASN E 23 -5.30 -27.45 5.02
CA ASN E 23 -4.71 -28.57 4.25
C ASN E 23 -4.08 -28.09 2.95
N GLU E 24 -2.81 -28.41 2.75
CA GLU E 24 -2.06 -28.06 1.54
C GLU E 24 -2.34 -29.03 0.38
N GLN E 25 -2.49 -30.32 0.69
CA GLN E 25 -2.69 -31.38 -0.31
C GLN E 25 -4.14 -31.88 -0.31
N GLU E 26 -5.09 -30.96 -0.54
CA GLU E 26 -6.51 -31.29 -0.57
C GLU E 26 -6.96 -31.60 -2.01
N GLU E 27 -7.48 -32.81 -2.23
CA GLU E 27 -7.94 -33.23 -3.56
C GLU E 27 -9.41 -32.86 -3.78
N VAL E 28 -9.73 -32.37 -4.99
CA VAL E 28 -11.10 -32.01 -5.39
C VAL E 28 -11.42 -32.52 -6.80
N THR E 29 -12.71 -32.49 -7.16
CA THR E 29 -13.17 -33.02 -8.45
C THR E 29 -12.71 -32.18 -9.64
N ASN E 30 -12.77 -30.86 -9.50
CA ASN E 30 -12.15 -29.94 -10.46
C ASN E 30 -11.71 -28.64 -9.79
N ALA E 31 -10.79 -27.93 -10.44
CA ALA E 31 -10.35 -26.61 -10.01
C ALA E 31 -9.94 -25.76 -11.20
N THR E 32 -9.75 -24.46 -10.97
CA THR E 32 -9.39 -23.52 -12.03
C THR E 32 -8.32 -22.52 -11.56
N GLU E 33 -7.46 -22.13 -12.48
CA GLU E 33 -6.31 -21.25 -12.20
C GLU E 33 -6.77 -19.80 -12.04
N THR E 34 -6.19 -19.11 -11.05
CA THR E 34 -6.45 -17.67 -10.82
C THR E 34 -5.25 -16.75 -11.14
N VAL E 35 -4.05 -17.32 -11.29
CA VAL E 35 -2.84 -16.57 -11.66
C VAL E 35 -2.48 -16.85 -13.11
N GLU E 36 -2.51 -15.80 -13.94
CA GLU E 36 -2.12 -15.89 -15.36
C GLU E 36 -0.59 -16.05 -15.49
N SER E 37 -0.17 -17.08 -16.23
CA SER E 37 1.25 -17.35 -16.49
C SER E 37 1.71 -16.92 -17.89
N THR E 38 0.94 -17.31 -18.91
CA THR E 38 1.30 -17.04 -20.31
C THR E 38 1.01 -15.60 -20.71
N SER E 39 1.59 -15.19 -21.84
CA SER E 39 1.42 -13.84 -22.38
C SER E 39 1.67 -13.82 -23.88
N LEU E 40 0.86 -13.03 -24.59
CA LEU E 40 1.08 -12.79 -26.02
C LEU E 40 2.23 -11.81 -26.17
N ASN E 41 3.31 -12.22 -26.86
CA ASN E 41 4.48 -11.35 -27.08
C ASN E 41 4.24 -10.35 -28.23
N ARG E 42 3.18 -9.56 -28.08
CA ARG E 42 2.68 -8.66 -29.12
C ARG E 42 1.92 -7.49 -28.48
N LEU E 43 1.83 -6.38 -29.20
CA LEU E 43 1.01 -5.24 -28.78
C LEU E 43 -0.35 -5.31 -29.48
N CYS E 44 -1.39 -5.58 -28.69
CA CYS E 44 -2.75 -5.74 -29.21
C CYS E 44 -3.44 -4.38 -29.28
N MET E 45 -3.66 -3.88 -30.50
CA MET E 45 -4.09 -2.48 -30.73
C MET E 45 -5.40 -2.33 -31.51
N LYS E 46 -6.33 -3.28 -31.37
CA LYS E 46 -7.67 -3.13 -31.96
C LYS E 46 -8.49 -2.13 -31.14
N GLY E 47 -9.22 -1.27 -31.83
CA GLY E 47 -9.98 -0.20 -31.19
C GLY E 47 -9.11 0.87 -30.54
N ARG E 48 -7.90 1.07 -31.10
CA ARG E 48 -6.93 2.02 -30.56
C ARG E 48 -6.24 2.78 -31.70
N ASN E 49 -6.48 4.08 -31.77
CA ASN E 49 -5.71 4.97 -32.64
C ASN E 49 -4.29 5.12 -32.08
N HIS E 50 -3.45 4.13 -32.38
CA HIS E 50 -2.10 4.03 -31.80
C HIS E 50 -1.04 4.75 -32.63
N LYS E 51 0.16 4.85 -32.08
CA LYS E 51 1.32 5.46 -32.74
C LYS E 51 2.62 4.80 -32.29
N ASP E 52 3.19 3.97 -33.17
CA ASP E 52 4.50 3.35 -32.94
C ASP E 52 5.59 4.33 -33.38
N LEU E 53 6.38 4.81 -32.41
CA LEU E 53 7.43 5.78 -32.68
C LEU E 53 8.66 5.16 -33.35
N GLY E 54 9.05 3.98 -32.88
CA GLY E 54 10.23 3.28 -33.40
C GLY E 54 11.50 3.92 -32.88
N ASN E 55 12.30 4.47 -33.78
CA ASN E 55 13.58 5.12 -33.42
C ASN E 55 13.39 6.49 -32.73
N CYS E 56 12.23 7.11 -32.91
CA CYS E 56 11.91 8.41 -32.28
C CYS E 56 11.63 8.27 -30.78
N HIS E 57 12.20 9.20 -30.00
CA HIS E 57 11.94 9.30 -28.55
C HIS E 57 10.98 10.47 -28.30
N PRO E 58 10.01 10.32 -27.36
CA PRO E 58 8.99 11.34 -27.06
C PRO E 58 9.45 12.81 -26.99
N ILE E 59 10.60 13.06 -26.39
CA ILE E 59 11.15 14.42 -26.27
C ILE E 59 11.55 14.97 -27.64
N GLY E 60 12.09 14.10 -28.49
CA GLY E 60 12.39 14.44 -29.88
C GLY E 60 11.23 14.96 -30.72
N MET E 61 10.01 14.58 -30.35
CA MET E 61 8.80 15.10 -31.00
C MET E 61 8.60 16.60 -30.76
N LEU E 62 8.98 17.07 -29.56
CA LEU E 62 8.84 18.48 -29.19
C LEU E 62 9.90 19.38 -29.83
N ILE E 63 11.14 18.89 -29.92
CA ILE E 63 12.29 19.67 -30.44
C ILE E 63 12.56 19.46 -31.94
N GLY E 64 12.19 18.30 -32.48
CA GLY E 64 12.26 18.03 -33.91
C GLY E 64 13.58 17.40 -34.33
N THR E 65 13.88 16.25 -33.74
CA THR E 65 15.03 15.44 -34.12
C THR E 65 14.76 14.78 -35.48
N PRO E 66 15.80 14.61 -36.33
CA PRO E 66 15.65 13.92 -37.62
C PRO E 66 14.80 12.66 -37.62
N ALA E 67 15.00 11.80 -36.61
CA ALA E 67 14.20 10.56 -36.46
C ALA E 67 12.71 10.80 -36.17
N CYS E 68 12.39 11.96 -35.59
CA CYS E 68 11.00 12.34 -35.25
C CYS E 68 10.34 13.31 -36.24
N ASP E 69 10.78 13.31 -37.50
CA ASP E 69 10.19 14.20 -38.52
C ASP E 69 8.75 13.82 -38.89
N LEU E 70 8.47 12.52 -38.97
CA LEU E 70 7.11 12.03 -39.24
C LEU E 70 6.16 12.18 -38.04
N HIS E 71 6.72 12.23 -36.82
CA HIS E 71 5.92 12.27 -35.58
C HIS E 71 5.99 13.63 -34.86
N LEU E 72 6.03 14.73 -35.62
CA LEU E 72 6.02 16.08 -35.02
C LEU E 72 4.63 16.49 -34.53
N THR E 73 3.62 16.16 -35.32
CA THR E 73 2.22 16.49 -35.03
C THR E 73 1.37 15.21 -35.12
N GLY E 74 0.25 15.19 -34.42
CA GLY E 74 -0.69 14.06 -34.49
C GLY E 74 -1.60 13.95 -33.29
N THR E 75 -2.53 12.98 -33.36
CA THR E 75 -3.39 12.62 -32.24
C THR E 75 -3.45 11.10 -32.11
N TRP E 76 -3.74 10.65 -30.90
CA TRP E 76 -3.72 9.22 -30.57
C TRP E 76 -4.38 8.96 -29.22
N ASP E 77 -4.68 7.68 -28.96
CA ASP E 77 -5.06 7.22 -27.60
C ASP E 77 -3.96 6.38 -26.94
N THR E 78 -2.98 5.92 -27.72
CA THR E 78 -1.86 5.12 -27.21
C THR E 78 -0.56 5.47 -27.92
N LEU E 79 0.45 5.90 -27.15
CA LEU E 79 1.77 6.23 -27.68
C LEU E 79 2.77 5.16 -27.24
N ILE E 80 3.55 4.65 -28.17
CA ILE E 80 4.47 3.53 -27.92
C ILE E 80 5.93 3.98 -28.09
N GLU E 81 6.74 3.72 -27.06
CA GLU E 81 8.16 4.04 -27.04
C GLU E 81 8.98 2.74 -27.15
N ARG E 82 10.14 2.82 -27.81
CA ARG E 82 11.03 1.65 -28.00
C ARG E 82 12.39 1.88 -27.35
N LYS E 83 13.18 0.80 -27.28
CA LYS E 83 14.52 0.84 -26.70
C LYS E 83 15.50 1.57 -27.61
N ASN E 84 16.46 2.28 -27.00
CA ASN E 84 17.50 3.05 -27.70
C ASN E 84 16.92 4.07 -28.69
N ALA E 85 15.80 4.70 -28.31
CA ALA E 85 15.14 5.68 -29.15
C ALA E 85 15.89 7.00 -29.06
N ILE E 86 16.17 7.61 -30.21
CA ILE E 86 17.02 8.81 -30.29
C ILE E 86 16.20 10.07 -29.98
N ALA E 87 16.59 10.76 -28.90
CA ALA E 87 16.01 12.06 -28.54
C ALA E 87 16.92 13.21 -28.99
N TYR E 88 18.21 13.10 -28.68
CA TYR E 88 19.19 14.14 -28.96
C TYR E 88 20.22 13.66 -30.00
N CYS E 89 20.21 14.27 -31.18
CA CYS E 89 21.25 14.04 -32.18
C CYS E 89 22.55 14.73 -31.76
N TYR E 90 22.44 16.01 -31.41
CA TYR E 90 23.56 16.78 -30.85
C TYR E 90 23.71 16.40 -29.37
N PRO E 91 24.95 16.24 -28.86
CA PRO E 91 25.13 15.79 -27.47
C PRO E 91 24.58 16.76 -26.42
N GLY E 92 23.94 16.22 -25.38
CA GLY E 92 23.30 17.01 -24.33
C GLY E 92 22.18 16.26 -23.64
N ALA E 93 21.39 16.99 -22.85
CA ALA E 93 20.27 16.40 -22.12
C ALA E 93 19.27 17.47 -21.66
N THR E 94 18.10 17.03 -21.22
CA THR E 94 17.04 17.93 -20.76
C THR E 94 16.96 17.94 -19.23
N VAL E 95 16.70 19.12 -18.65
CA VAL E 95 16.48 19.27 -17.21
C VAL E 95 15.03 18.91 -16.90
N ASN E 96 14.84 18.03 -15.90
CA ASN E 96 13.55 17.38 -15.62
C ASN E 96 13.10 16.57 -16.84
N GLU E 97 13.97 15.66 -17.27
CA GLU E 97 13.75 14.85 -18.47
C GLU E 97 12.63 13.84 -18.30
N GLU E 98 12.61 13.14 -17.17
CA GLU E 98 11.60 12.12 -16.91
C GLU E 98 10.20 12.71 -16.69
N ALA E 99 10.13 13.88 -16.06
CA ALA E 99 8.86 14.60 -15.90
C ALA E 99 8.24 15.00 -17.24
N LEU E 100 9.09 15.48 -18.16
CA LEU E 100 8.67 15.85 -19.52
C LEU E 100 8.24 14.63 -20.34
N ARG E 101 9.00 13.53 -20.24
CA ARG E 101 8.70 12.29 -20.96
C ARG E 101 7.36 11.69 -20.52
N GLN E 102 7.10 11.70 -19.21
CA GLN E 102 5.82 11.21 -18.67
C GLN E 102 4.62 12.08 -19.06
N LYS E 103 4.84 13.40 -19.16
CA LYS E 103 3.81 14.32 -19.69
C LYS E 103 3.40 13.98 -21.13
N ILE E 104 4.39 13.69 -21.97
CA ILE E 104 4.16 13.37 -23.39
C ILE E 104 3.51 11.99 -23.53
N MET E 105 3.99 11.02 -22.76
CA MET E 105 3.41 9.67 -22.74
C MET E 105 2.01 9.60 -22.10
N GLU E 106 1.63 10.61 -21.33
CA GLU E 106 0.26 10.76 -20.80
C GLU E 106 -0.73 11.40 -21.77
N SER E 107 -0.24 12.21 -22.70
CA SER E 107 -1.10 12.95 -23.63
C SER E 107 -1.70 12.06 -24.71
N GLY E 108 -2.67 12.62 -25.43
CA GLY E 108 -3.30 11.96 -26.58
C GLY E 108 -3.15 12.75 -27.87
N GLY E 109 -1.97 13.35 -28.07
CA GLY E 109 -1.68 14.14 -29.26
C GLY E 109 -0.80 15.35 -29.00
N ILE E 110 -0.18 15.86 -30.07
CA ILE E 110 0.63 17.08 -30.04
C ILE E 110 0.24 17.98 -31.22
N SER E 111 0.03 19.26 -30.92
CA SER E 111 -0.14 20.31 -31.95
C SER E 111 1.00 21.30 -31.83
N LYS E 112 1.43 21.86 -32.97
CA LYS E 112 2.55 22.80 -33.02
C LYS E 112 2.10 24.20 -33.44
N ILE E 113 2.65 25.22 -32.77
CA ILE E 113 2.32 26.62 -33.02
C ILE E 113 3.62 27.41 -33.20
N ASN E 114 3.67 28.23 -34.24
CA ASN E 114 4.86 29.06 -34.53
C ASN E 114 5.05 30.15 -33.47
N THR E 115 6.30 30.39 -33.11
CA THR E 115 6.67 31.46 -32.16
C THR E 115 6.68 32.83 -32.83
N GLY E 116 7.15 32.87 -34.08
CA GLY E 116 7.24 34.11 -34.83
C GLY E 116 8.41 34.98 -34.39
N PHE E 117 9.57 34.36 -34.21
CA PHE E 117 10.80 35.08 -33.89
C PHE E 117 11.59 35.37 -35.17
N THR E 118 11.55 36.63 -35.60
CA THR E 118 12.44 37.13 -36.65
C THR E 118 13.64 37.82 -36.00
N TYR E 119 14.79 37.76 -36.67
CA TYR E 119 16.04 38.32 -36.16
C TYR E 119 16.66 39.25 -37.20
N GLY E 120 17.45 40.22 -36.72
CA GLY E 120 18.04 41.24 -37.58
C GLY E 120 19.11 40.72 -38.52
N SER E 121 19.64 41.63 -39.35
CA SER E 121 20.63 41.27 -40.39
C SER E 121 22.05 41.00 -39.86
N SER E 122 22.30 41.22 -38.57
CA SER E 122 23.55 40.81 -37.91
C SER E 122 23.37 39.55 -37.05
N ILE E 123 22.49 38.64 -37.49
CA ILE E 123 22.23 37.36 -36.80
C ILE E 123 22.20 36.24 -37.83
N ASN E 124 22.85 35.12 -37.50
CA ASN E 124 22.87 33.93 -38.35
C ASN E 124 21.99 32.84 -37.72
N SER E 125 20.75 32.75 -38.20
CA SER E 125 19.71 31.90 -37.59
C SER E 125 19.79 30.42 -38.00
N ALA E 126 20.11 30.16 -39.27
CA ALA E 126 20.15 28.79 -39.79
C ALA E 126 21.50 28.11 -39.54
N GLY E 127 21.79 27.84 -38.26
CA GLY E 127 23.03 27.19 -37.84
C GLY E 127 22.88 25.68 -37.79
N THR E 128 23.46 25.00 -38.78
CA THR E 128 23.39 23.54 -38.89
C THR E 128 24.51 22.86 -38.10
N THR E 129 24.56 21.52 -38.15
CA THR E 129 25.61 20.73 -37.50
C THR E 129 25.70 19.32 -38.09
N LYS E 130 26.87 18.70 -37.96
CA LYS E 130 27.10 17.33 -38.45
C LYS E 130 26.39 16.24 -37.62
N ALA E 131 26.07 16.54 -36.36
CA ALA E 131 25.41 15.58 -35.48
C ALA E 131 23.97 15.27 -35.89
N CYS E 132 23.25 16.29 -36.35
CA CYS E 132 21.85 16.19 -36.75
C CYS E 132 21.74 16.20 -38.28
N MET E 133 21.92 15.03 -38.89
CA MET E 133 21.91 14.89 -40.34
C MET E 133 20.47 14.81 -40.88
N ARG E 134 20.25 15.41 -42.06
CA ARG E 134 18.94 15.37 -42.73
C ARG E 134 19.12 15.45 -44.25
N ASN E 135 18.64 14.41 -44.95
CA ASN E 135 18.72 14.30 -46.42
C ASN E 135 20.17 14.31 -46.94
N GLY E 136 21.04 13.56 -46.28
CA GLY E 136 22.45 13.45 -46.67
C GLY E 136 23.26 14.73 -46.55
N GLY E 137 23.05 15.46 -45.44
CA GLY E 137 23.74 16.72 -45.20
C GLY E 137 23.54 17.23 -43.78
N ASN E 138 24.27 18.29 -43.43
CA ASN E 138 24.20 18.87 -42.09
C ASN E 138 22.92 19.68 -41.89
N SER E 139 22.32 19.56 -40.71
CA SER E 139 21.07 20.25 -40.36
C SER E 139 20.96 20.47 -38.84
N PHE E 140 19.79 20.90 -38.39
CA PHE E 140 19.54 21.19 -36.97
C PHE E 140 18.17 20.68 -36.52
N TYR E 141 17.91 20.75 -35.21
CA TYR E 141 16.60 20.46 -34.62
C TYR E 141 15.51 21.31 -35.28
N ALA E 142 14.52 20.64 -35.89
CA ALA E 142 13.51 21.29 -36.75
C ALA E 142 12.61 22.32 -36.05
N GLU E 143 12.38 22.16 -34.75
CA GLU E 143 11.54 23.09 -33.99
C GLU E 143 12.34 24.16 -33.22
N LEU E 144 13.63 24.27 -33.50
CA LEU E 144 14.53 25.23 -32.86
C LEU E 144 15.43 25.91 -33.91
N LYS E 145 16.16 26.94 -33.46
CA LYS E 145 17.12 27.65 -34.31
C LYS E 145 18.38 28.03 -33.53
N TRP E 146 19.55 27.72 -34.10
CA TRP E 146 20.83 28.06 -33.50
C TRP E 146 21.21 29.49 -33.90
N LEU E 147 21.17 30.41 -32.94
CA LEU E 147 21.50 31.81 -33.18
C LEU E 147 22.98 32.08 -32.89
N VAL E 148 23.70 32.57 -33.90
CA VAL E 148 25.09 33.00 -33.78
C VAL E 148 25.31 34.30 -34.55
N SER E 149 26.49 34.91 -34.38
CA SER E 149 26.83 36.16 -35.08
C SER E 149 27.13 35.92 -36.56
N LYS E 150 26.79 36.91 -37.39
CA LYS E 150 27.14 36.90 -38.81
C LYS E 150 28.65 36.96 -38.99
N ASN E 151 29.24 37.99 -38.38
CA ASN E 151 30.68 38.23 -38.46
C ASN E 151 31.38 37.41 -37.39
N LYS E 152 32.33 36.56 -37.80
CA LYS E 152 33.08 35.71 -36.88
C LYS E 152 33.94 36.57 -35.97
N GLY E 153 33.77 36.41 -34.65
CA GLY E 153 34.52 37.18 -33.66
C GLY E 153 33.75 38.31 -33.01
N GLN E 154 32.93 39.01 -33.80
CA GLN E 154 32.17 40.16 -33.33
C GLN E 154 31.09 39.73 -32.33
N ASN E 155 30.79 40.62 -31.37
CA ASN E 155 29.86 40.30 -30.27
C ASN E 155 28.43 40.07 -30.76
N PHE E 156 27.74 39.13 -30.12
CA PHE E 156 26.33 38.86 -30.39
C PHE E 156 25.51 39.97 -29.74
N PRO E 157 24.73 40.74 -30.53
CA PRO E 157 23.99 41.86 -29.96
C PRO E 157 22.82 41.38 -29.10
N GLN E 158 22.57 42.08 -27.99
CA GLN E 158 21.53 41.67 -27.04
C GLN E 158 20.13 41.87 -27.63
N THR E 159 19.67 40.85 -28.36
CA THR E 159 18.36 40.85 -28.99
C THR E 159 17.31 40.36 -27.99
N THR E 160 16.06 40.81 -28.18
CA THR E 160 14.92 40.40 -27.36
C THR E 160 13.86 39.73 -28.24
N ASN E 161 13.31 38.61 -27.77
CA ASN E 161 12.25 37.88 -28.46
C ASN E 161 11.17 37.47 -27.45
N THR E 162 9.92 37.79 -27.76
CA THR E 162 8.77 37.49 -26.87
C THR E 162 7.68 36.75 -27.65
N TYR E 163 7.10 35.74 -27.01
CA TYR E 163 6.00 34.95 -27.57
C TYR E 163 4.80 35.00 -26.63
N ARG E 164 3.65 35.46 -27.13
CA ARG E 164 2.41 35.46 -26.37
C ARG E 164 1.55 34.24 -26.75
N ASN E 165 1.01 33.57 -25.74
CA ASN E 165 0.09 32.45 -25.95
C ASN E 165 -1.33 33.00 -26.11
N ALA E 166 -1.85 32.92 -27.34
CA ALA E 166 -3.21 33.40 -27.67
C ALA E 166 -4.13 32.21 -27.93
N ASP E 167 -4.20 31.31 -26.93
CA ASP E 167 -4.95 30.05 -27.04
C ASP E 167 -5.67 29.77 -25.73
N THR E 168 -6.67 28.88 -25.77
CA THR E 168 -7.45 28.50 -24.60
C THR E 168 -6.68 27.61 -23.61
N ALA E 169 -5.81 26.73 -24.14
CA ALA E 169 -5.05 25.76 -23.32
C ALA E 169 -3.60 26.17 -23.09
N GLU E 170 -2.91 25.40 -22.25
CA GLU E 170 -1.48 25.62 -21.96
C GLU E 170 -0.60 25.27 -23.15
N HIS E 171 0.52 25.99 -23.28
CA HIS E 171 1.49 25.77 -24.35
C HIS E 171 2.85 25.43 -23.73
N LEU E 172 3.39 24.27 -24.08
CA LEU E 172 4.71 23.85 -23.62
C LEU E 172 5.77 24.44 -24.55
N ILE E 173 6.71 25.20 -23.98
CA ILE E 173 7.79 25.83 -24.74
C ILE E 173 9.13 25.25 -24.30
N MET E 174 10.01 24.98 -25.26
CA MET E 174 11.34 24.43 -25.01
C MET E 174 12.40 25.30 -25.68
N TRP E 175 13.54 25.44 -25.01
CA TRP E 175 14.70 26.12 -25.57
C TRP E 175 15.97 25.39 -25.15
N GLY E 176 17.08 25.75 -25.79
CA GLY E 176 18.39 25.14 -25.53
C GLY E 176 19.43 26.17 -25.14
N ILE E 177 20.44 25.74 -24.39
CA ILE E 177 21.58 26.57 -24.02
C ILE E 177 22.85 25.86 -24.48
N HIS E 178 23.59 26.49 -25.39
CA HIS E 178 24.83 25.93 -25.92
C HIS E 178 25.97 26.10 -24.91
N HIS E 179 26.77 25.05 -24.75
CA HIS E 179 27.95 25.05 -23.88
C HIS E 179 29.19 24.72 -24.73
N PRO E 180 29.91 25.76 -25.23
CA PRO E 180 31.06 25.56 -26.12
C PRO E 180 32.21 24.71 -25.55
N SER E 181 32.99 24.12 -26.46
CA SER E 181 34.11 23.25 -26.08
C SER E 181 35.36 24.02 -25.63
N SER E 182 35.54 25.25 -26.15
CA SER E 182 36.69 26.09 -25.79
C SER E 182 36.37 27.58 -25.89
N THR E 183 37.28 28.41 -25.40
CA THR E 183 37.17 29.87 -25.50
C THR E 183 37.36 30.36 -26.95
N GLN E 184 38.15 29.63 -27.73
CA GLN E 184 38.30 29.88 -29.18
C GLN E 184 36.96 29.73 -29.89
N GLU E 185 36.26 28.63 -29.61
CA GLU E 185 34.94 28.35 -30.18
C GLU E 185 33.86 29.31 -29.67
N LYS E 186 33.94 29.67 -28.38
CA LYS E 186 33.02 30.62 -27.76
C LYS E 186 33.13 32.03 -28.35
N ASN E 187 34.36 32.51 -28.56
CA ASN E 187 34.59 33.85 -29.10
C ASN E 187 34.21 34.00 -30.59
N ASP E 188 34.32 32.92 -31.37
CA ASP E 188 33.92 32.95 -32.78
C ASP E 188 32.42 33.18 -32.98
N LEU E 189 31.61 32.45 -32.21
CA LEU E 189 30.15 32.49 -32.37
C LEU E 189 29.52 33.69 -31.66
N TYR E 190 29.82 33.85 -30.37
CA TYR E 190 29.15 34.84 -29.51
C TYR E 190 29.99 36.08 -29.15
N GLY E 191 31.32 35.95 -29.17
CA GLY E 191 32.23 37.08 -28.91
C GLY E 191 32.92 37.00 -27.55
N THR E 192 33.76 38.00 -27.29
CA THR E 192 34.52 38.08 -26.03
C THR E 192 33.67 38.52 -24.83
N GLN E 193 32.51 39.13 -25.09
CA GLN E 193 31.58 39.58 -24.04
C GLN E 193 31.09 38.46 -23.11
N SER E 194 30.66 38.87 -21.91
CA SER E 194 30.08 37.94 -20.93
C SER E 194 28.65 37.56 -21.36
N LEU E 195 28.35 36.27 -21.34
CA LEU E 195 27.07 35.75 -21.83
C LEU E 195 26.06 35.60 -20.69
N SER E 196 24.80 35.86 -21.00
CA SER E 196 23.70 35.81 -20.02
C SER E 196 22.35 35.62 -20.72
N ILE E 197 21.71 34.49 -20.45
CA ILE E 197 20.42 34.14 -21.07
C ILE E 197 19.37 34.07 -19.98
N SER E 198 18.57 35.14 -19.86
CA SER E 198 17.52 35.24 -18.85
C SER E 198 16.13 35.14 -19.47
N VAL E 199 15.50 33.98 -19.34
CA VAL E 199 14.10 33.78 -19.74
C VAL E 199 13.18 34.32 -18.64
N GLY E 200 12.09 34.95 -19.05
CA GLY E 200 11.17 35.63 -18.13
C GLY E 200 9.70 35.43 -18.50
N SER E 201 8.90 35.09 -17.50
CA SER E 201 7.46 34.90 -17.66
C SER E 201 6.71 35.41 -16.44
N SER E 202 5.38 35.41 -16.52
CA SER E 202 4.52 35.79 -15.40
C SER E 202 4.48 34.74 -14.29
N THR E 203 4.74 33.47 -14.65
CA THR E 203 4.71 32.35 -13.70
C THR E 203 6.00 31.49 -13.73
N TYR E 204 7.09 32.07 -14.22
CA TYR E 204 8.38 31.37 -14.32
C TYR E 204 9.53 32.35 -14.52
N LYS E 205 10.64 32.09 -13.85
CA LYS E 205 11.86 32.90 -14.00
C LYS E 205 13.10 32.02 -13.78
N ASN E 206 14.08 32.16 -14.66
CA ASN E 206 15.35 31.45 -14.53
C ASN E 206 16.44 32.15 -15.34
N ASN E 207 17.67 32.10 -14.84
CA ASN E 207 18.83 32.71 -15.48
C ASN E 207 19.83 31.61 -15.85
N PHE E 208 20.26 31.61 -17.12
CA PHE E 208 21.20 30.63 -17.66
C PHE E 208 22.45 31.33 -18.17
N VAL E 209 23.59 30.64 -18.04
CA VAL E 209 24.87 31.14 -18.53
C VAL E 209 25.66 29.97 -19.16
N PRO E 210 26.13 30.14 -20.42
CA PRO E 210 26.99 29.13 -21.06
C PRO E 210 28.27 28.77 -20.29
N VAL E 211 28.80 27.59 -20.59
CA VAL E 211 29.89 26.98 -19.83
C VAL E 211 30.98 26.49 -20.79
N VAL E 212 32.10 27.20 -20.82
CA VAL E 212 33.29 26.78 -21.57
C VAL E 212 34.04 25.75 -20.73
N GLY E 213 34.50 24.68 -21.36
CA GLY E 213 35.24 23.62 -20.67
C GLY E 213 35.64 22.45 -21.54
N ALA E 214 36.75 21.82 -21.19
CA ALA E 214 37.25 20.63 -21.90
C ALA E 214 36.41 19.41 -21.53
N ARG E 215 35.94 18.68 -22.55
CA ARG E 215 35.10 17.50 -22.38
C ARG E 215 35.44 16.45 -23.43
N PRO E 216 35.14 15.17 -23.16
CA PRO E 216 35.35 14.13 -24.17
C PRO E 216 34.32 14.20 -25.29
N GLN E 217 34.68 13.66 -26.45
CA GLN E 217 33.81 13.72 -27.64
C GLN E 217 32.65 12.73 -27.55
N VAL E 218 31.45 13.24 -27.78
CA VAL E 218 30.25 12.42 -27.99
C VAL E 218 29.76 12.74 -29.39
N ASN E 219 29.78 11.74 -30.28
CA ASN E 219 29.52 11.91 -31.72
C ASN E 219 30.49 12.91 -32.36
N GLY E 220 31.75 12.86 -31.94
CA GLY E 220 32.80 13.76 -32.45
C GLY E 220 32.72 15.22 -32.03
N LEU E 221 32.01 15.50 -30.93
CA LEU E 221 31.81 16.87 -30.45
C LEU E 221 31.99 16.97 -28.92
N SER E 222 32.86 17.89 -28.48
CA SER E 222 33.11 18.13 -27.06
C SER E 222 32.10 19.08 -26.42
N SER E 223 31.52 19.98 -27.21
CA SER E 223 30.47 20.89 -26.73
C SER E 223 29.13 20.16 -26.54
N ARG E 224 28.21 20.80 -25.81
CA ARG E 224 26.86 20.28 -25.62
C ARG E 224 25.79 21.37 -25.73
N ILE E 225 24.55 20.93 -25.94
CA ILE E 225 23.36 21.80 -25.90
C ILE E 225 22.36 21.19 -24.93
N ASP E 226 22.25 21.79 -23.75
CA ASP E 226 21.26 21.36 -22.75
C ASP E 226 19.93 22.06 -22.99
N PHE E 227 18.84 21.31 -22.80
CA PHE E 227 17.49 21.82 -23.04
C PHE E 227 16.74 22.09 -21.73
N HIS E 228 15.93 23.15 -21.74
CA HIS E 228 15.08 23.53 -20.61
C HIS E 228 13.67 23.80 -21.11
N TRP E 229 12.69 23.66 -20.23
CA TRP E 229 11.28 23.76 -20.62
C TRP E 229 10.37 24.27 -19.51
N THR E 230 9.23 24.84 -19.92
CA THR E 230 8.20 25.30 -18.99
C THR E 230 6.85 25.45 -19.70
N LEU E 231 5.79 25.63 -18.91
CA LEU E 231 4.42 25.75 -19.42
C LEU E 231 4.01 27.22 -19.48
N VAL E 232 3.69 27.68 -20.70
CA VAL E 232 3.17 29.04 -20.90
C VAL E 232 1.65 28.99 -20.81
N GLN E 233 1.08 29.76 -19.89
CA GLN E 233 -0.36 29.70 -19.59
C GLN E 233 -1.20 30.46 -20.64
N PRO E 234 -2.53 30.24 -20.64
CA PRO E 234 -3.44 31.02 -21.51
C PRO E 234 -3.44 32.52 -21.19
N GLY E 235 -3.43 33.35 -22.23
CA GLY E 235 -3.40 34.82 -22.09
C GLY E 235 -2.16 35.32 -21.38
N ASP E 236 -1.01 34.73 -21.73
CA ASP E 236 0.26 34.96 -21.05
C ASP E 236 1.38 34.97 -22.09
N LYS E 237 2.54 35.52 -21.71
CA LYS E 237 3.69 35.56 -22.60
C LYS E 237 5.00 35.18 -21.89
N ILE E 238 6.02 34.88 -22.70
CA ILE E 238 7.34 34.52 -22.21
C ILE E 238 8.40 35.25 -23.05
N THR E 239 9.31 35.96 -22.36
CA THR E 239 10.29 36.83 -23.00
C THR E 239 11.70 36.27 -22.84
N PHE E 240 12.42 36.13 -23.96
CA PHE E 240 13.81 35.70 -23.98
C PHE E 240 14.72 36.91 -24.21
N SER E 241 15.44 37.32 -23.17
CA SER E 241 16.49 38.34 -23.29
C SER E 241 17.86 37.66 -23.24
N HIS E 242 18.57 37.69 -24.37
CA HIS E 242 19.80 36.91 -24.56
C HIS E 242 20.84 37.66 -25.37
N ASN E 243 22.12 37.29 -25.17
CA ASN E 243 23.24 37.89 -25.90
C ASN E 243 24.21 36.80 -26.42
N GLY E 244 23.63 35.76 -27.04
CA GLY E 244 24.40 34.65 -27.59
C GLY E 244 24.43 33.46 -26.64
N GLY E 245 24.26 32.26 -27.19
CA GLY E 245 24.23 31.01 -26.42
C GLY E 245 22.86 30.34 -26.40
N LEU E 246 21.80 31.15 -26.57
CA LEU E 246 20.43 30.66 -26.54
C LEU E 246 20.07 30.00 -27.88
N ILE E 247 19.50 28.79 -27.80
CA ILE E 247 18.94 28.09 -28.96
C ILE E 247 17.43 28.35 -28.94
N ALA E 248 16.99 29.27 -29.78
CA ALA E 248 15.62 29.79 -29.71
C ALA E 248 14.62 28.86 -30.41
N PRO E 249 13.39 28.72 -29.84
CA PRO E 249 12.36 27.91 -30.49
C PRO E 249 11.69 28.64 -31.65
N SER E 250 11.61 27.98 -32.81
CA SER E 250 10.81 28.46 -33.94
C SER E 250 9.33 28.07 -33.77
N ARG E 251 9.06 26.98 -33.04
CA ARG E 251 7.70 26.54 -32.71
C ARG E 251 7.59 26.08 -31.25
N VAL E 252 6.35 26.01 -30.74
CA VAL E 252 6.06 25.48 -29.41
C VAL E 252 5.01 24.38 -29.50
N SER E 253 4.82 23.64 -28.41
CA SER E 253 3.95 22.46 -28.39
C SER E 253 2.71 22.64 -27.51
N LYS E 254 1.69 21.82 -27.78
CA LYS E 254 0.45 21.77 -27.00
C LYS E 254 0.00 20.32 -26.89
N LEU E 255 -0.04 19.81 -25.65
CA LEU E 255 -0.44 18.41 -25.39
C LEU E 255 -1.96 18.29 -25.34
N ILE E 256 -2.50 17.46 -26.25
CA ILE E 256 -3.95 17.36 -26.47
C ILE E 256 -4.51 16.13 -25.73
N GLY E 257 -5.56 16.34 -24.94
CA GLY E 257 -6.29 15.25 -24.28
C GLY E 257 -5.42 14.33 -23.44
N ARG E 258 -5.76 13.04 -23.44
CA ARG E 258 -5.01 12.02 -22.71
C ARG E 258 -4.92 10.69 -23.46
N GLY E 259 -3.91 9.90 -23.10
CA GLY E 259 -3.66 8.61 -23.71
C GLY E 259 -2.77 7.74 -22.83
N LEU E 260 -2.50 6.52 -23.28
CA LEU E 260 -1.75 5.53 -22.50
C LEU E 260 -0.34 5.32 -23.07
N GLY E 261 0.68 5.57 -22.24
CA GLY E 261 2.08 5.37 -22.63
C GLY E 261 2.56 3.96 -22.38
N ILE E 262 3.07 3.30 -23.42
CA ILE E 262 3.61 1.94 -23.33
C ILE E 262 5.08 1.93 -23.76
N GLN E 263 5.96 1.49 -22.86
CA GLN E 263 7.36 1.22 -23.18
C GLN E 263 7.53 -0.29 -23.35
N SER E 264 7.68 -0.72 -24.60
CA SER E 264 7.78 -2.16 -24.93
C SER E 264 8.55 -2.39 -26.23
N GLU E 265 9.17 -3.57 -26.32
CA GLU E 265 9.96 -3.98 -27.50
C GLU E 265 9.16 -4.82 -28.50
N ALA E 266 8.03 -5.40 -28.07
CA ALA E 266 7.24 -6.32 -28.90
C ALA E 266 6.50 -5.58 -30.04
N PRO E 267 6.25 -6.28 -31.17
CA PRO E 267 5.63 -5.64 -32.34
C PRO E 267 4.12 -5.46 -32.23
N ILE E 268 3.57 -4.59 -33.08
CA ILE E 268 2.13 -4.31 -33.13
C ILE E 268 1.38 -5.48 -33.80
N ASP E 269 0.18 -5.77 -33.29
CA ASP E 269 -0.74 -6.71 -33.92
C ASP E 269 -2.17 -6.13 -33.84
N ASN E 270 -2.74 -5.78 -35.00
CA ASN E 270 -4.02 -5.09 -35.06
C ASN E 270 -5.26 -5.99 -34.93
N SER E 271 -5.08 -7.31 -35.04
CA SER E 271 -6.19 -8.26 -34.95
C SER E 271 -6.68 -8.47 -33.51
N CYS E 272 -5.75 -8.55 -32.57
CA CYS E 272 -6.06 -8.74 -31.14
C CYS E 272 -6.42 -7.43 -30.44
N GLU E 273 -7.05 -7.56 -29.27
CA GLU E 273 -7.34 -6.43 -28.37
C GLU E 273 -6.88 -6.77 -26.95
N SER E 274 -6.48 -5.73 -26.21
CA SER E 274 -6.04 -5.89 -24.82
C SER E 274 -6.04 -4.55 -24.07
N LYS E 275 -6.26 -4.61 -22.76
CA LYS E 275 -6.26 -3.43 -21.89
C LYS E 275 -5.04 -3.35 -20.95
N CYS E 276 -4.17 -4.37 -20.96
CA CYS E 276 -2.99 -4.42 -20.10
C CYS E 276 -1.74 -4.71 -20.93
N PHE E 277 -0.66 -3.95 -20.68
CA PHE E 277 0.57 -4.05 -21.46
C PHE E 277 1.79 -4.06 -20.55
N TRP E 278 2.87 -4.68 -21.02
CA TRP E 278 4.17 -4.67 -20.34
C TRP E 278 5.30 -4.73 -21.37
N ARG E 279 6.55 -4.68 -20.90
CA ARG E 279 7.74 -4.67 -21.77
C ARG E 279 7.72 -5.73 -22.89
N GLY E 280 7.26 -6.94 -22.54
CA GLY E 280 7.19 -8.06 -23.48
C GLY E 280 5.79 -8.43 -23.96
N GLY E 281 5.00 -7.42 -24.33
CA GLY E 281 3.71 -7.62 -25.00
C GLY E 281 2.48 -7.27 -24.19
N SER E 282 1.39 -8.00 -24.42
CA SER E 282 0.08 -7.71 -23.84
C SER E 282 -0.43 -8.86 -22.95
N ILE E 283 -1.29 -8.52 -22.00
CA ILE E 283 -1.93 -9.48 -21.09
C ILE E 283 -3.44 -9.41 -21.32
N ASN E 284 -3.98 -10.42 -22.01
CA ASN E 284 -5.39 -10.45 -22.42
C ASN E 284 -6.28 -11.33 -21.53
N THR E 285 -5.80 -11.67 -20.32
CA THR E 285 -6.49 -12.62 -19.45
C THR E 285 -7.69 -12.01 -18.72
N ARG E 286 -8.64 -12.88 -18.36
CA ARG E 286 -9.79 -12.51 -17.53
C ARG E 286 -9.53 -12.73 -16.03
N LEU E 287 -8.41 -13.38 -15.71
CA LEU E 287 -8.10 -13.79 -14.34
C LEU E 287 -7.69 -12.61 -13.45
N PRO E 288 -7.88 -12.73 -12.12
CA PRO E 288 -7.59 -11.61 -11.20
C PRO E 288 -6.10 -11.31 -10.98
N PHE E 289 -5.24 -12.32 -11.10
CA PHE E 289 -3.82 -12.19 -10.78
C PHE E 289 -2.90 -12.64 -11.92
N GLN E 290 -1.64 -12.23 -11.85
CA GLN E 290 -0.61 -12.62 -12.83
C GLN E 290 0.79 -12.56 -12.23
N ASN E 291 1.72 -13.33 -12.79
CA ASN E 291 3.12 -13.37 -12.32
C ASN E 291 4.14 -13.12 -13.46
N LEU E 292 3.75 -12.30 -14.44
CA LEU E 292 4.61 -11.97 -15.56
C LEU E 292 5.60 -10.88 -15.19
N SER E 293 5.08 -9.75 -14.72
CA SER E 293 5.91 -8.62 -14.32
C SER E 293 5.17 -7.68 -13.35
N PRO E 294 5.90 -7.12 -12.37
CA PRO E 294 5.31 -6.07 -11.53
C PRO E 294 5.16 -4.72 -12.25
N ARG E 295 5.90 -4.53 -13.35
CA ARG E 295 5.84 -3.29 -14.15
C ARG E 295 4.85 -3.46 -15.31
N THR E 296 3.62 -2.99 -15.10
CA THR E 296 2.57 -3.01 -16.13
C THR E 296 1.85 -1.67 -16.20
N VAL E 297 1.08 -1.48 -17.28
CA VAL E 297 0.30 -0.26 -17.51
C VAL E 297 -1.10 -0.60 -18.04
N GLY E 298 -2.07 0.24 -17.65
CA GLY E 298 -3.48 0.05 -18.05
C GLY E 298 -4.31 -0.60 -16.96
N GLN E 299 -5.43 -1.20 -17.38
CA GLN E 299 -6.32 -1.93 -16.47
C GLN E 299 -5.85 -3.38 -16.40
N CYS E 300 -5.09 -3.70 -15.35
CA CYS E 300 -4.34 -4.95 -15.26
C CYS E 300 -4.75 -5.86 -14.10
N PRO E 301 -4.49 -7.18 -14.23
CA PRO E 301 -4.51 -8.06 -13.06
C PRO E 301 -3.37 -7.72 -12.11
N LYS E 302 -3.58 -7.95 -10.83
CA LYS E 302 -2.59 -7.59 -9.81
C LYS E 302 -1.44 -8.60 -9.77
N TYR E 303 -0.21 -8.09 -9.63
CA TYR E 303 0.98 -8.93 -9.63
C TYR E 303 1.13 -9.68 -8.30
N VAL E 304 1.51 -10.95 -8.38
CA VAL E 304 1.71 -11.80 -7.20
C VAL E 304 2.95 -12.68 -7.36
N ASN E 305 3.67 -12.93 -6.26
CA ASN E 305 4.83 -13.84 -6.26
C ASN E 305 4.35 -15.28 -6.07
N LYS E 306 3.67 -15.81 -7.09
CA LYS E 306 3.06 -17.14 -7.04
C LYS E 306 3.04 -17.73 -8.45
N LYS E 307 3.49 -18.97 -8.58
CA LYS E 307 3.41 -19.70 -9.84
C LYS E 307 1.98 -20.11 -10.16
N SER E 308 1.28 -20.64 -9.15
CA SER E 308 -0.09 -21.14 -9.30
C SER E 308 -0.95 -20.90 -8.06
N LEU E 309 -2.24 -20.69 -8.27
CA LEU E 309 -3.25 -20.68 -7.21
C LEU E 309 -4.56 -21.26 -7.74
N MET E 310 -4.82 -22.53 -7.43
CA MET E 310 -5.99 -23.24 -7.94
C MET E 310 -7.21 -23.00 -7.05
N LEU E 311 -8.27 -22.46 -7.65
CA LEU E 311 -9.56 -22.26 -6.98
C LEU E 311 -10.44 -23.48 -7.26
N ALA E 312 -10.98 -24.08 -6.21
CA ALA E 312 -11.79 -25.29 -6.33
C ALA E 312 -13.15 -24.97 -6.93
N THR E 313 -13.57 -25.77 -7.91
CA THR E 313 -14.88 -25.64 -8.56
C THR E 313 -15.70 -26.92 -8.36
N GLY E 314 -15.45 -27.61 -7.25
CA GLY E 314 -16.18 -28.83 -6.91
C GLY E 314 -15.83 -29.38 -5.54
N MET E 315 -16.55 -30.42 -5.15
CA MET E 315 -16.39 -31.08 -3.83
C MET E 315 -15.09 -31.86 -3.69
N ARG E 316 -14.82 -32.33 -2.48
CA ARG E 316 -13.73 -33.28 -2.21
C ARG E 316 -13.86 -34.51 -3.11
N ASN E 317 -12.76 -34.92 -3.72
CA ASN E 317 -12.74 -36.14 -4.52
C ASN E 317 -12.39 -37.30 -3.60
N VAL E 318 -13.37 -38.17 -3.35
CA VAL E 318 -13.19 -39.38 -2.55
C VAL E 318 -13.34 -40.56 -3.51
N PRO E 319 -12.23 -40.98 -4.16
CA PRO E 319 -12.33 -42.00 -5.20
C PRO E 319 -12.60 -43.40 -4.66
N GLU E 320 -13.15 -44.26 -5.52
CA GLU E 320 -13.38 -45.67 -5.18
C GLU E 320 -12.03 -46.39 -5.05
N LEU E 321 -11.99 -47.41 -4.20
CA LEU E 321 -10.75 -48.14 -3.91
C LEU E 321 -10.15 -48.81 -5.14
N VAL E 322 -8.82 -48.92 -5.15
CA VAL E 322 -8.06 -49.51 -6.26
C VAL E 322 -7.13 -50.60 -5.73
N GLN E 323 -6.97 -51.67 -6.52
CA GLN E 323 -6.23 -52.86 -6.09
C GLN E 323 -4.76 -52.74 -6.47
N GLY F 1 -15.32 -34.02 7.36
CA GLY F 1 -15.46 -32.54 7.22
C GLY F 1 -16.51 -31.95 8.13
N LEU F 2 -16.83 -30.66 7.93
CA LEU F 2 -17.71 -29.91 8.82
C LEU F 2 -19.09 -30.54 9.03
N PHE F 3 -19.70 -31.02 7.96
CA PHE F 3 -21.05 -31.60 8.03
C PHE F 3 -21.06 -33.13 8.04
N GLY F 4 -19.90 -33.76 7.92
CA GLY F 4 -19.75 -35.19 8.19
C GLY F 4 -20.19 -36.16 7.12
N ALA F 5 -20.70 -35.69 5.99
CA ALA F 5 -21.23 -36.57 4.94
C ALA F 5 -20.15 -36.93 3.92
N ILE F 6 -19.65 -35.95 3.17
CA ILE F 6 -18.62 -36.18 2.15
C ILE F 6 -17.28 -36.34 2.84
N ALA F 7 -16.55 -37.42 2.49
CA ALA F 7 -15.36 -37.86 3.22
C ALA F 7 -15.64 -38.09 4.71
N GLY F 8 -16.81 -38.66 5.00
CA GLY F 8 -17.27 -38.90 6.37
C GLY F 8 -18.09 -40.18 6.44
N PHE F 9 -19.38 -40.06 6.77
CA PHE F 9 -20.24 -41.25 6.88
C PHE F 9 -20.57 -41.90 5.52
N ILE F 10 -20.49 -41.12 4.44
CA ILE F 10 -20.52 -41.67 3.08
C ILE F 10 -19.08 -42.03 2.71
N GLU F 11 -18.81 -43.33 2.58
CA GLU F 11 -17.45 -43.88 2.49
C GLU F 11 -16.64 -43.35 1.31
N ASN F 12 -17.28 -43.27 0.15
CA ASN F 12 -16.64 -42.75 -1.06
C ASN F 12 -17.67 -42.29 -2.10
N GLY F 13 -17.20 -41.52 -3.06
CA GLY F 13 -18.04 -41.04 -4.17
C GLY F 13 -18.20 -42.09 -5.26
N TRP F 14 -19.21 -41.92 -6.09
CA TRP F 14 -19.51 -42.82 -7.20
C TRP F 14 -18.95 -42.27 -8.50
N GLU F 15 -17.92 -42.93 -9.04
CA GLU F 15 -17.32 -42.54 -10.33
C GLU F 15 -18.23 -42.77 -11.52
N GLY F 16 -19.14 -43.74 -11.41
CA GLY F 16 -20.13 -44.04 -12.45
C GLY F 16 -21.17 -42.95 -12.70
N MET F 17 -21.49 -42.17 -11.66
CA MET F 17 -22.48 -41.09 -11.80
C MET F 17 -21.85 -39.87 -12.49
N VAL F 18 -22.28 -39.63 -13.73
CA VAL F 18 -21.73 -38.55 -14.58
C VAL F 18 -22.83 -37.64 -15.16
N ASP F 19 -23.98 -37.59 -14.51
CA ASP F 19 -25.10 -36.73 -14.92
C ASP F 19 -25.65 -35.96 -13.70
N GLY F 20 -24.76 -35.64 -12.76
CA GLY F 20 -25.16 -35.03 -11.50
C GLY F 20 -24.08 -35.13 -10.44
N TRP F 21 -24.18 -34.28 -9.43
CA TRP F 21 -23.20 -34.22 -8.33
C TRP F 21 -23.65 -35.07 -7.15
N TYR F 22 -24.96 -35.10 -6.90
CA TYR F 22 -25.57 -35.93 -5.85
C TYR F 22 -26.65 -36.81 -6.46
N GLY F 23 -26.90 -37.97 -5.86
CA GLY F 23 -27.90 -38.90 -6.38
C GLY F 23 -28.26 -40.06 -5.48
N PHE F 24 -29.11 -40.93 -6.01
CA PHE F 24 -29.66 -42.08 -5.31
C PHE F 24 -29.26 -43.38 -5.98
N ARG F 25 -29.03 -44.42 -5.18
CA ARG F 25 -28.97 -45.80 -5.65
C ARG F 25 -29.95 -46.62 -4.80
N HIS F 26 -30.69 -47.53 -5.43
CA HIS F 26 -31.68 -48.34 -4.71
C HIS F 26 -31.57 -49.82 -5.02
N GLN F 27 -32.18 -50.63 -4.15
CA GLN F 27 -32.27 -52.08 -4.32
C GLN F 27 -33.62 -52.52 -3.76
N ASN F 28 -34.46 -53.10 -4.62
CA ASN F 28 -35.74 -53.66 -4.22
C ASN F 28 -35.91 -55.04 -4.88
N ALA F 29 -37.10 -55.64 -4.74
CA ALA F 29 -37.38 -56.95 -5.33
C ALA F 29 -37.30 -56.99 -6.87
N GLN F 30 -37.54 -55.85 -7.52
CA GLN F 30 -37.51 -55.75 -9.00
C GLN F 30 -36.11 -55.62 -9.58
N GLY F 31 -35.23 -54.85 -8.93
CA GLY F 31 -33.86 -54.67 -9.41
C GLY F 31 -33.08 -53.57 -8.71
N THR F 32 -32.01 -53.13 -9.39
CA THR F 32 -31.18 -52.01 -8.94
C THR F 32 -31.32 -50.83 -9.91
N GLY F 33 -30.77 -49.69 -9.53
CA GLY F 33 -30.81 -48.49 -10.38
C GLY F 33 -30.07 -47.31 -9.79
N GLN F 34 -29.81 -46.32 -10.63
CA GLN F 34 -29.13 -45.08 -10.23
C GLN F 34 -29.84 -43.87 -10.83
N ALA F 35 -29.92 -42.78 -10.07
CA ALA F 35 -30.59 -41.56 -10.51
C ALA F 35 -30.08 -40.33 -9.76
N ALA F 36 -29.61 -39.33 -10.50
CA ALA F 36 -29.09 -38.09 -9.91
C ALA F 36 -30.21 -37.17 -9.45
N ASP F 37 -29.93 -36.39 -8.40
CA ASP F 37 -30.86 -35.38 -7.89
C ASP F 37 -30.53 -34.04 -8.55
N TYR F 38 -31.52 -33.43 -9.20
CA TYR F 38 -31.32 -32.18 -9.93
C TYR F 38 -31.18 -30.97 -9.00
N LYS F 39 -32.05 -30.88 -8.00
CA LYS F 39 -32.17 -29.69 -7.15
C LYS F 39 -30.92 -29.41 -6.31
N SER F 40 -30.39 -30.45 -5.68
CA SER F 40 -29.18 -30.34 -4.85
C SER F 40 -27.93 -30.09 -5.70
N THR F 41 -27.83 -30.78 -6.84
CA THR F 41 -26.75 -30.57 -7.81
C THR F 41 -26.71 -29.13 -8.32
N GLN F 42 -27.87 -28.60 -8.67
CA GLN F 42 -27.97 -27.24 -9.21
C GLN F 42 -27.67 -26.19 -8.14
N ALA F 43 -28.06 -26.46 -6.88
CA ALA F 43 -27.73 -25.58 -5.76
C ALA F 43 -26.21 -25.46 -5.53
N ALA F 44 -25.51 -26.58 -5.63
CA ALA F 44 -24.04 -26.60 -5.53
C ALA F 44 -23.35 -25.86 -6.69
N ILE F 45 -23.83 -26.10 -7.91
CA ILE F 45 -23.27 -25.47 -9.11
C ILE F 45 -23.54 -23.96 -9.14
N ASP F 46 -24.75 -23.55 -8.77
CA ASP F 46 -25.13 -22.13 -8.75
C ASP F 46 -24.30 -21.31 -7.77
N GLN F 47 -24.02 -21.88 -6.59
CA GLN F 47 -23.17 -21.24 -5.59
C GLN F 47 -21.71 -21.09 -6.07
N ILE F 48 -21.18 -22.14 -6.71
CA ILE F 48 -19.83 -22.10 -7.28
C ILE F 48 -19.73 -21.13 -8.46
N THR F 49 -20.78 -21.04 -9.28
CA THR F 49 -20.87 -20.05 -10.35
C THR F 49 -20.80 -18.61 -9.82
N GLY F 50 -21.47 -18.36 -8.69
CA GLY F 50 -21.43 -17.06 -8.01
C GLY F 50 -20.06 -16.66 -7.48
N LYS F 51 -19.28 -17.64 -7.03
CA LYS F 51 -17.89 -17.41 -6.61
C LYS F 51 -16.99 -17.01 -7.79
N LEU F 52 -17.13 -17.74 -8.90
CA LEU F 52 -16.34 -17.47 -10.11
C LEU F 52 -16.67 -16.10 -10.73
N ASN F 53 -17.95 -15.75 -10.75
CA ASN F 53 -18.37 -14.42 -11.22
C ASN F 53 -17.81 -13.29 -10.36
N ARG F 54 -17.74 -13.53 -9.05
CA ARG F 54 -17.23 -12.56 -8.09
C ARG F 54 -15.70 -12.48 -8.07
N ILE F 55 -15.03 -13.64 -8.17
CA ILE F 55 -13.56 -13.73 -8.04
C ILE F 55 -12.83 -13.48 -9.36
N ILE F 56 -13.31 -14.07 -10.45
CA ILE F 56 -12.62 -13.98 -11.75
C ILE F 56 -12.93 -12.63 -12.41
N LYS F 57 -12.20 -11.61 -11.96
CA LYS F 57 -12.30 -10.25 -12.51
C LYS F 57 -11.14 -9.37 -12.03
N LYS F 58 -10.99 -8.22 -12.67
CA LYS F 58 -9.95 -7.24 -12.33
C LYS F 58 -10.57 -5.88 -12.03
N THR F 59 -9.78 -4.97 -11.49
CA THR F 59 -10.24 -3.60 -11.20
C THR F 59 -10.29 -2.77 -12.47
N ASN F 60 -11.19 -1.77 -12.49
CA ASN F 60 -11.31 -0.83 -13.60
C ASN F 60 -10.30 0.33 -13.54
N THR F 61 -9.52 0.42 -12.46
CA THR F 61 -8.55 1.51 -12.29
C THR F 61 -7.40 1.41 -13.29
N GLU F 62 -7.21 2.49 -14.06
CA GLU F 62 -6.12 2.57 -15.03
C GLU F 62 -4.86 3.13 -14.36
N PHE F 63 -3.80 2.34 -14.38
CA PHE F 63 -2.51 2.75 -13.83
C PHE F 63 -1.57 3.16 -14.96
N GLU F 64 -0.74 4.16 -14.68
CA GLU F 64 0.28 4.65 -15.61
C GLU F 64 1.65 4.17 -15.18
N SER F 65 2.61 4.30 -16.08
CA SER F 65 4.00 3.94 -15.80
C SER F 65 4.63 5.00 -14.88
N ILE F 66 5.17 4.55 -13.74
CA ILE F 66 6.02 5.39 -12.87
C ILE F 66 7.50 4.95 -12.87
N GLU F 67 7.82 3.85 -13.56
CA GLU F 67 9.18 3.39 -13.76
C GLU F 67 9.47 3.36 -15.26
N SER F 68 10.61 3.93 -15.66
CA SER F 68 11.04 3.89 -17.05
C SER F 68 11.75 2.57 -17.35
N GLU F 69 11.34 1.91 -18.44
CA GLU F 69 11.95 0.65 -18.89
C GLU F 69 13.32 0.89 -19.53
N PHE F 70 13.39 1.85 -20.45
CA PHE F 70 14.57 2.06 -21.30
C PHE F 70 15.50 3.19 -20.85
N SER F 71 15.33 3.69 -19.62
CA SER F 71 16.23 4.70 -19.07
C SER F 71 16.21 4.72 -17.54
N GLU F 72 17.24 5.31 -16.96
CA GLU F 72 17.38 5.39 -15.50
C GLU F 72 16.58 6.57 -14.94
N ILE F 73 16.27 6.46 -13.65
CA ILE F 73 15.55 7.50 -12.90
C ILE F 73 16.37 7.88 -11.67
N ASP F 74 15.92 8.92 -10.96
CA ASP F 74 16.59 9.38 -9.73
C ASP F 74 16.72 8.22 -8.71
N HIS F 75 17.84 8.19 -8.00
CA HIS F 75 18.18 7.06 -7.13
C HIS F 75 17.24 6.95 -5.92
N GLN F 76 16.99 8.08 -5.25
CA GLN F 76 16.15 8.09 -4.04
C GLN F 76 14.67 7.84 -4.35
N ILE F 77 14.16 8.37 -5.46
CA ILE F 77 12.77 8.12 -5.88
C ILE F 77 12.58 6.67 -6.36
N GLY F 78 13.63 6.10 -6.97
CA GLY F 78 13.62 4.70 -7.40
C GLY F 78 13.59 3.70 -6.25
N ASN F 79 14.29 4.02 -5.16
CA ASN F 79 14.23 3.23 -3.92
C ASN F 79 12.84 3.26 -3.28
N VAL F 80 12.21 4.43 -3.26
CA VAL F 80 10.86 4.59 -2.70
C VAL F 80 9.84 3.80 -3.52
N ILE F 81 9.93 3.91 -4.84
CA ILE F 81 9.04 3.16 -5.76
C ILE F 81 9.24 1.65 -5.60
N ASN F 82 10.49 1.21 -5.48
CA ASN F 82 10.80 -0.21 -5.26
C ASN F 82 10.29 -0.72 -3.91
N TRP F 83 10.39 0.11 -2.88
CA TRP F 83 9.85 -0.23 -1.55
C TRP F 83 8.33 -0.34 -1.58
N THR F 84 7.68 0.62 -2.24
CA THR F 84 6.22 0.67 -2.32
C THR F 84 5.67 -0.50 -3.14
N LYS F 85 6.25 -0.75 -4.31
CA LYS F 85 5.79 -1.84 -5.18
C LYS F 85 5.93 -3.23 -4.54
N ASP F 86 7.07 -3.48 -3.88
CA ASP F 86 7.28 -4.73 -3.14
C ASP F 86 6.32 -4.87 -1.95
N SER F 87 6.04 -3.75 -1.27
CA SER F 87 5.06 -3.74 -0.18
C SER F 87 3.64 -4.01 -0.67
N ILE F 88 3.27 -3.40 -1.80
CA ILE F 88 1.97 -3.64 -2.44
C ILE F 88 1.88 -5.09 -2.94
N THR F 89 2.97 -5.59 -3.53
CA THR F 89 3.02 -6.97 -4.04
C THR F 89 2.93 -8.02 -2.91
N ASP F 90 3.53 -7.74 -1.76
CA ASP F 90 3.37 -8.58 -0.57
C ASP F 90 1.92 -8.65 -0.08
N ILE F 91 1.21 -7.52 -0.18
CA ILE F 91 -0.21 -7.47 0.22
C ILE F 91 -1.09 -8.28 -0.72
N TRP F 92 -0.92 -8.09 -2.03
CA TRP F 92 -1.72 -8.83 -3.02
C TRP F 92 -1.42 -10.32 -3.10
N THR F 93 -0.16 -10.69 -2.85
CA THR F 93 0.22 -12.11 -2.78
C THR F 93 -0.44 -12.77 -1.58
N TYR F 94 -0.41 -12.08 -0.44
CA TYR F 94 -1.03 -12.56 0.79
C TYR F 94 -2.55 -12.65 0.68
N GLN F 95 -3.15 -11.61 0.10
CA GLN F 95 -4.60 -11.56 -0.08
C GLN F 95 -5.10 -12.64 -1.04
N ALA F 96 -4.37 -12.86 -2.14
CA ALA F 96 -4.69 -13.91 -3.11
C ALA F 96 -4.63 -15.31 -2.49
N GLU F 97 -3.57 -15.58 -1.73
CA GLU F 97 -3.41 -16.86 -1.03
C GLU F 97 -4.49 -17.07 0.03
N LEU F 98 -4.83 -16.01 0.76
CA LEU F 98 -5.90 -16.06 1.77
C LEU F 98 -7.28 -16.21 1.14
N LEU F 99 -7.52 -15.50 0.04
CA LEU F 99 -8.79 -15.58 -0.68
C LEU F 99 -9.08 -17.02 -1.12
N VAL F 100 -8.17 -17.59 -1.89
CA VAL F 100 -8.39 -18.91 -2.49
C VAL F 100 -8.41 -20.02 -1.44
N ALA F 101 -7.56 -19.91 -0.42
CA ALA F 101 -7.58 -20.85 0.72
C ALA F 101 -8.92 -20.83 1.47
N MET F 102 -9.43 -19.62 1.71
CA MET F 102 -10.73 -19.42 2.37
C MET F 102 -11.90 -19.91 1.50
N GLU F 103 -11.85 -19.59 0.21
CA GLU F 103 -12.91 -20.02 -0.74
C GLU F 103 -12.95 -21.53 -0.96
N ASN F 104 -11.78 -22.17 -0.99
CA ASN F 104 -11.70 -23.62 -1.18
C ASN F 104 -12.26 -24.39 0.02
N GLN F 105 -11.94 -23.92 1.23
CA GLN F 105 -12.50 -24.48 2.46
C GLN F 105 -14.03 -24.40 2.45
N HIS F 106 -14.55 -23.22 2.10
CA HIS F 106 -15.99 -22.98 2.07
C HIS F 106 -16.71 -23.76 0.95
N THR F 107 -16.11 -23.84 -0.24
CA THR F 107 -16.66 -24.62 -1.35
C THR F 107 -16.80 -26.10 -0.99
N ILE F 108 -15.76 -26.64 -0.35
CA ILE F 108 -15.74 -28.02 0.12
C ILE F 108 -16.82 -28.27 1.20
N ASP F 109 -16.89 -27.39 2.19
CA ASP F 109 -17.88 -27.50 3.27
C ASP F 109 -19.32 -27.21 2.79
N MET F 110 -19.47 -26.35 1.79
CA MET F 110 -20.78 -26.07 1.18
C MET F 110 -21.33 -27.30 0.46
N ALA F 111 -20.49 -27.98 -0.31
CA ALA F 111 -20.88 -29.20 -1.02
C ALA F 111 -21.19 -30.35 -0.07
N ASP F 112 -20.42 -30.41 1.03
CA ASP F 112 -20.66 -31.35 2.12
C ASP F 112 -22.05 -31.13 2.75
N SER F 113 -22.44 -29.88 2.93
CA SER F 113 -23.73 -29.54 3.53
C SER F 113 -24.92 -29.88 2.63
N GLU F 114 -24.76 -29.70 1.32
CA GLU F 114 -25.80 -30.06 0.35
C GLU F 114 -26.04 -31.57 0.27
N MET F 115 -24.98 -32.36 0.46
CA MET F 115 -25.11 -33.82 0.61
C MET F 115 -25.90 -34.16 1.88
N LEU F 116 -25.57 -33.48 2.99
CA LEU F 116 -26.28 -33.67 4.26
C LEU F 116 -27.75 -33.23 4.19
N ASN F 117 -28.01 -32.10 3.53
CA ASN F 117 -29.38 -31.58 3.38
C ASN F 117 -30.30 -32.51 2.56
N LEU F 118 -29.73 -33.17 1.55
CA LEU F 118 -30.47 -34.17 0.77
C LEU F 118 -30.74 -35.43 1.60
N TYR F 119 -29.74 -35.87 2.35
CA TYR F 119 -29.87 -36.97 3.31
C TYR F 119 -30.93 -36.68 4.37
N GLU F 120 -30.98 -35.44 4.85
CA GLU F 120 -31.92 -35.06 5.91
C GLU F 120 -33.37 -34.99 5.43
N ARG F 121 -33.62 -34.42 4.24
CA ARG F 121 -34.98 -34.33 3.71
C ARG F 121 -35.57 -35.72 3.41
N VAL F 122 -34.72 -36.64 2.95
CA VAL F 122 -35.14 -38.04 2.71
C VAL F 122 -35.49 -38.75 4.02
N ARG F 123 -34.65 -38.55 5.06
CA ARG F 123 -34.90 -39.12 6.40
C ARG F 123 -36.23 -38.66 6.97
N LYS F 124 -36.48 -37.35 6.93
CA LYS F 124 -37.73 -36.78 7.44
C LYS F 124 -38.97 -37.25 6.67
N GLN F 125 -38.79 -37.46 5.36
CA GLN F 125 -39.87 -37.95 4.50
C GLN F 125 -40.23 -39.42 4.79
N LEU F 126 -39.22 -40.28 4.90
CA LEU F 126 -39.42 -41.70 5.23
C LEU F 126 -40.00 -41.91 6.64
N ARG F 127 -39.68 -41.00 7.56
CA ARG F 127 -40.28 -40.96 8.90
C ARG F 127 -40.01 -42.25 9.70
N GLN F 128 -41.04 -43.05 10.01
CA GLN F 128 -40.87 -44.28 10.80
C GLN F 128 -40.88 -45.53 9.93
N ASN F 129 -40.88 -45.37 8.60
CA ASN F 129 -40.90 -46.50 7.68
C ASN F 129 -39.51 -47.00 7.29
N ALA F 130 -38.47 -46.33 7.77
CA ALA F 130 -37.08 -46.71 7.47
C ALA F 130 -36.15 -46.43 8.65
N GLU F 131 -34.97 -47.03 8.60
CA GLU F 131 -33.90 -46.80 9.59
C GLU F 131 -32.57 -46.58 8.89
N GLU F 132 -31.72 -45.75 9.50
CA GLU F 132 -30.41 -45.40 8.96
C GLU F 132 -29.42 -46.52 9.25
N ASP F 133 -28.68 -46.96 8.22
CA ASP F 133 -27.61 -47.97 8.41
C ASP F 133 -26.25 -47.36 8.80
N GLY F 134 -26.12 -46.04 8.74
CA GLY F 134 -24.89 -45.34 9.14
C GLY F 134 -23.93 -45.00 8.01
N LYS F 135 -24.16 -45.55 6.82
CA LYS F 135 -23.27 -45.36 5.67
C LYS F 135 -23.95 -44.55 4.55
N GLY F 136 -24.93 -43.72 4.91
CA GLY F 136 -25.67 -42.92 3.95
C GLY F 136 -26.83 -43.62 3.27
N CYS F 137 -27.25 -44.77 3.80
CA CYS F 137 -28.40 -45.52 3.26
C CYS F 137 -29.53 -45.64 4.28
N PHE F 138 -30.74 -45.87 3.76
CA PHE F 138 -31.92 -46.13 4.57
C PHE F 138 -32.44 -47.52 4.25
N GLU F 139 -32.55 -48.36 5.27
CA GLU F 139 -33.18 -49.67 5.14
C GLU F 139 -34.68 -49.47 5.34
N ILE F 140 -35.44 -49.67 4.27
CA ILE F 140 -36.88 -49.44 4.25
C ILE F 140 -37.59 -50.74 4.62
N TYR F 141 -38.50 -50.68 5.58
CA TYR F 141 -39.14 -51.87 6.15
C TYR F 141 -40.51 -52.23 5.50
N HIS F 142 -40.61 -52.02 4.19
CA HIS F 142 -41.78 -52.45 3.43
C HIS F 142 -41.43 -52.65 1.96
N ALA F 143 -42.33 -53.30 1.22
CA ALA F 143 -42.17 -53.47 -0.22
C ALA F 143 -42.27 -52.10 -0.89
N CYS F 144 -41.14 -51.59 -1.36
CA CYS F 144 -41.06 -50.30 -2.04
C CYS F 144 -40.62 -50.54 -3.49
N ASP F 145 -41.60 -50.59 -4.39
CA ASP F 145 -41.35 -50.80 -5.82
C ASP F 145 -40.76 -49.56 -6.51
N ASP F 146 -40.47 -49.66 -7.81
CA ASP F 146 -39.86 -48.56 -8.58
C ASP F 146 -40.66 -47.25 -8.55
N SER F 147 -41.99 -47.36 -8.52
CA SER F 147 -42.87 -46.20 -8.37
C SER F 147 -42.74 -45.57 -6.98
N CYS F 148 -42.63 -46.42 -5.96
CA CYS F 148 -42.36 -45.99 -4.57
C CYS F 148 -40.98 -45.33 -4.45
N MET F 149 -39.98 -45.89 -5.12
CA MET F 149 -38.62 -45.33 -5.15
C MET F 149 -38.58 -43.97 -5.86
N GLU F 150 -39.38 -43.83 -6.92
CA GLU F 150 -39.51 -42.56 -7.65
C GLU F 150 -40.13 -41.47 -6.77
N SER F 151 -41.13 -41.83 -5.96
CA SER F 151 -41.78 -40.88 -5.05
C SER F 151 -40.84 -40.36 -3.94
N ILE F 152 -39.83 -41.14 -3.59
CA ILE F 152 -38.79 -40.71 -2.64
C ILE F 152 -37.89 -39.65 -3.30
N ARG F 153 -37.47 -39.92 -4.54
CA ARG F 153 -36.60 -38.99 -5.30
C ARG F 153 -37.32 -37.70 -5.72
N ASN F 154 -38.58 -37.84 -6.16
CA ASN F 154 -39.40 -36.68 -6.59
C ASN F 154 -40.10 -35.96 -5.42
N ASN F 155 -39.95 -36.49 -4.19
CA ASN F 155 -40.44 -35.84 -2.97
C ASN F 155 -41.98 -35.87 -2.85
N THR F 156 -42.58 -37.00 -3.26
CA THR F 156 -44.04 -37.22 -3.16
C THR F 156 -44.38 -38.49 -2.35
N TYR F 157 -43.41 -39.01 -1.59
CA TYR F 157 -43.59 -40.21 -0.77
C TYR F 157 -44.41 -39.88 0.48
N ASP F 158 -45.59 -40.50 0.59
CA ASP F 158 -46.47 -40.35 1.75
C ASP F 158 -46.20 -41.51 2.71
N HIS F 159 -45.71 -41.20 3.90
CA HIS F 159 -45.31 -42.22 4.88
C HIS F 159 -46.49 -43.02 5.44
N SER F 160 -47.66 -42.38 5.55
CA SER F 160 -48.85 -42.98 6.14
C SER F 160 -49.42 -44.15 5.34
N GLN F 161 -49.16 -44.16 4.03
CA GLN F 161 -49.56 -45.27 3.14
C GLN F 161 -48.93 -46.59 3.57
N TYR F 162 -47.64 -46.56 3.91
CA TYR F 162 -46.87 -47.76 4.25
C TYR F 162 -46.56 -47.94 5.75
N ARG F 163 -47.14 -47.09 6.60
CA ARG F 163 -46.79 -47.04 8.04
C ARG F 163 -47.16 -48.31 8.81
N GLU F 164 -48.37 -48.83 8.56
CA GLU F 164 -48.86 -50.03 9.23
C GLU F 164 -47.97 -51.25 8.98
N GLU F 165 -47.64 -51.47 7.70
CA GLU F 165 -46.75 -52.58 7.29
C GLU F 165 -45.33 -52.42 7.85
N ALA F 166 -44.82 -51.19 7.85
CA ALA F 166 -43.43 -50.92 8.24
C ALA F 166 -43.16 -51.12 9.73
N LEU F 167 -44.07 -50.66 10.58
CA LEU F 167 -43.93 -50.82 12.03
C LEU F 167 -43.98 -52.29 12.49
N LEU F 168 -44.79 -53.12 11.81
CA LEU F 168 -44.84 -54.56 12.09
C LEU F 168 -43.52 -55.26 11.72
N ASN F 169 -42.92 -54.86 10.60
CA ASN F 169 -41.61 -55.37 10.19
C ASN F 169 -40.47 -54.88 11.10
N ARG F 170 -40.57 -53.65 11.60
CA ARG F 170 -39.56 -53.10 12.53
C ARG F 170 -39.63 -53.71 13.92
N LEU F 171 -40.85 -53.86 14.45
CA LEU F 171 -41.06 -54.48 15.77
C LEU F 171 -40.74 -55.98 15.77
N ASN F 172 -41.20 -56.68 14.73
CA ASN F 172 -40.93 -58.12 14.53
C ASN F 172 -41.40 -58.98 15.70
C1 NAG G . 7.50 51.52 -17.43
C2 NAG G . 6.13 51.95 -16.89
C3 NAG G . 6.25 52.52 -15.47
C4 NAG G . 7.09 51.63 -14.56
C5 NAG G . 8.40 51.21 -15.24
C6 NAG G . 9.20 50.23 -14.39
C7 NAG G . 4.65 52.96 -18.60
C8 NAG G . 4.36 54.22 -19.36
N2 NAG G . 5.67 53.04 -17.74
O1 NAG G . 7.32 50.85 -18.69
O3 NAG G . 4.94 52.66 -14.92
O4 NAG G . 7.39 52.36 -13.37
O5 NAG G . 8.13 50.62 -16.51
O6 NAG G . 8.45 49.02 -14.17
O7 NAG G . 3.99 51.95 -18.77
C1 GAL G . 6.76 51.83 -12.20
C2 GAL G . 7.24 52.63 -10.99
C3 GAL G . 6.52 52.16 -9.72
C4 GAL G . 5.01 52.17 -9.93
C5 GAL G . 4.65 51.37 -11.18
C6 GAL G . 3.14 51.36 -11.42
O2 GAL G . 8.65 52.45 -10.83
O3 GAL G . 6.86 53.01 -8.62
O4 GAL G . 4.57 53.53 -10.06
O5 GAL G . 5.34 51.92 -12.31
O6 GAL G . 2.69 52.68 -11.76
C1 SIA G . 6.35 51.42 -6.84
C2 SIA G . 7.37 52.41 -7.42
C3 SIA G . 7.65 53.57 -6.46
C4 SIA G . 8.46 53.12 -5.24
C5 SIA G . 9.75 52.45 -5.69
C6 SIA G . 9.44 51.29 -6.65
C7 SIA G . 10.67 50.58 -7.23
C8 SIA G . 10.33 49.59 -8.34
C9 SIA G . 11.53 48.70 -8.64
C10 SIA G . 11.67 51.77 -4.26
C11 SIA G . 12.04 51.18 -2.94
N5 SIA G . 10.35 51.89 -4.49
O1A SIA G . 5.37 51.85 -6.19
O1B SIA G . 6.50 50.19 -7.05
O4 SIA G . 8.74 54.25 -4.40
O6 SIA G . 8.61 51.75 -7.73
O7 SIA G . 11.60 51.54 -7.75
O8 SIA G . 9.22 48.76 -7.98
O9 SIA G . 11.18 47.76 -9.67
O10 SIA G . 12.51 52.09 -5.08
C1 NAG H . 41.02 33.87 11.60
C2 NAG H . 41.27 32.98 12.82
C3 NAG H . 42.48 32.07 12.59
C4 NAG H . 42.34 31.31 11.27
C5 NAG H . 41.98 32.26 10.12
C6 NAG H . 41.72 31.51 8.82
C7 NAG H . 40.87 33.99 15.04
C8 NAG H . 41.42 34.95 16.06
N2 NAG H . 41.62 33.85 13.94
O1 NAG H . 39.85 34.67 11.82
O3 NAG H . 42.60 31.13 13.66
O4 NAG H . 43.58 30.66 10.97
O5 NAG H . 40.85 33.05 10.45
O6 NAG H . 40.58 30.65 8.96
O7 NAG H . 39.82 33.39 15.24
C1 GAL H . 43.50 29.24 10.86
C2 GAL H . 44.75 28.72 10.16
C3 GAL H . 44.74 27.20 10.11
C4 GAL H . 44.53 26.62 11.51
C5 GAL H . 43.27 27.22 12.13
C6 GAL H . 43.01 26.67 13.53
O2 GAL H . 44.83 29.24 8.84
O3 GAL H . 45.97 26.73 9.54
O4 GAL H . 45.67 26.90 12.32
O5 GAL H . 43.38 28.65 12.16
O6 GAL H . 41.64 26.25 13.65
C1 SIA H . 45.23 24.52 8.94
C2 SIA H . 45.93 25.79 8.45
C3 SIA H . 47.38 25.53 8.03
C4 SIA H . 47.49 24.76 6.72
C5 SIA H . 46.70 25.47 5.63
C6 SIA H . 45.26 25.69 6.08
C7 SIA H . 44.40 26.45 5.06
C8 SIA H . 43.04 26.89 5.62
C9 SIA H . 42.12 27.39 4.52
C10 SIA H . 46.74 24.92 3.22
C11 SIA H . 46.70 23.82 2.21
N5 SIA H . 46.69 24.55 4.49
O1A SIA H . 45.86 23.74 9.70
O1B SIA H . 44.06 24.28 8.58
O4 SIA H . 48.86 24.59 6.33
O6 SIA H . 45.23 26.38 7.34
O7 SIA H . 45.10 27.61 4.59
O8 SIA H . 42.40 25.81 6.31
O9 SIA H . 41.01 28.05 5.12
O10 SIA H . 46.81 26.10 2.86
C1 NAG I . 7.95 11.21 9.51
C2 NAG I . 8.24 12.70 9.75
C3 NAG I . 9.31 12.85 10.82
C4 NAG I . 8.95 12.09 12.10
C5 NAG I . 8.58 10.64 11.76
C6 NAG I . 8.07 9.84 12.96
C7 NAG I . 8.26 14.49 8.05
C8 NAG I . 8.87 14.94 6.75
N2 NAG I . 8.69 13.31 8.51
O3 NAG I . 9.48 14.25 11.11
O4 NAG I . 10.08 12.10 13.00
O5 NAG I . 7.56 10.63 10.76
O6 NAG I . 6.74 10.24 13.31
O7 NAG I . 7.44 15.19 8.63
C1 NAG I . 9.78 12.66 14.30
C2 NAG I . 10.77 12.13 15.34
C3 NAG I . 10.50 12.76 16.71
C4 NAG I . 10.38 14.27 16.64
C5 NAG I . 9.43 14.71 15.51
C6 NAG I . 9.44 16.22 15.31
C7 NAG I . 11.46 9.83 14.74
C8 NAG I . 11.24 8.38 15.05
N2 NAG I . 10.71 10.68 15.46
O3 NAG I . 11.56 12.40 17.60
O4 NAG I . 9.89 14.75 17.89
O5 NAG I . 9.81 14.09 14.27
O6 NAG I . 8.29 16.62 14.55
O7 NAG I . 12.26 10.19 13.90
C1 NAG J . 39.74 24.56 -38.89
C2 NAG J . 39.74 23.10 -38.46
C3 NAG J . 38.31 22.55 -38.44
C4 NAG J . 37.39 23.45 -37.61
C5 NAG J . 37.55 24.93 -38.00
C6 NAG J . 36.76 25.84 -37.07
C7 NAG J . 41.55 21.61 -39.27
C8 NAG J . 42.12 20.95 -40.50
N2 NAG J . 40.46 22.35 -39.50
O1 NAG J . 41.08 25.08 -38.89
O3 NAG J . 38.30 21.23 -37.89
O4 NAG J . 36.05 23.02 -37.87
O5 NAG J . 38.93 25.30 -37.97
O6 NAG J . 37.12 27.22 -37.27
O7 NAG J . 42.07 21.48 -38.18
C1 GAL J . 35.21 22.85 -36.73
C2 GAL J . 33.80 22.57 -37.25
C3 GAL J . 32.82 22.21 -36.13
C4 GAL J . 33.43 21.21 -35.14
C5 GAL J . 34.84 21.62 -34.73
C6 GAL J . 35.48 20.61 -33.79
O2 GAL J . 33.32 23.73 -37.95
O3 GAL J . 31.65 21.62 -36.74
O4 GAL J . 33.44 19.89 -35.71
O5 GAL J . 35.64 21.76 -35.92
O6 GAL J . 35.78 19.39 -34.48
C1 SIA J . 29.41 21.03 -36.24
C2 SIA J . 30.35 22.20 -36.53
C3 SIA J . 29.97 22.94 -37.82
C4 SIA J . 28.72 23.81 -37.66
C5 SIA J . 28.90 24.76 -36.47
C6 SIA J . 29.20 23.95 -35.20
C7 SIA J . 29.46 24.79 -33.95
C8 SIA J . 30.00 23.96 -32.78
C9 SIA J . 29.89 24.75 -31.48
C10 SIA J . 27.46 26.71 -35.98
C11 SIA J . 26.04 27.18 -35.84
N5 SIA J . 27.61 25.42 -36.29
O1A SIA J . 29.11 20.78 -35.06
O1B SIA J . 28.98 20.33 -37.19
O4 SIA J . 28.50 24.56 -38.85
O6 SIA J . 30.35 23.12 -35.42
O7 SIA J . 30.41 25.82 -34.23
O8 SIA J . 29.30 22.71 -32.65
O9 SIA J . 30.25 23.93 -30.37
O10 SIA J . 28.39 27.47 -35.81
C1 NAG K . -31.38 -2.88 11.47
C2 NAG K . -32.09 -2.66 12.80
C3 NAG K . -31.75 -1.26 13.34
C4 NAG K . -30.23 -1.14 13.50
C5 NAG K . -29.49 -1.58 12.23
C6 NAG K . -27.99 -1.71 12.48
C7 NAG K . -34.41 -2.23 11.99
C8 NAG K . -35.83 -2.71 12.09
N2 NAG K . -33.53 -2.92 12.73
O3 NAG K . -32.38 -1.05 14.60
O4 NAG K . -29.90 0.21 13.82
O5 NAG K . -29.98 -2.85 11.73
O6 NAG K . -27.41 -0.41 12.59
O7 NAG K . -34.11 -1.28 11.27
C1 EDO L . -1.61 18.09 7.45
O1 EDO L . -1.99 18.15 6.07
C2 EDO L . -0.27 18.76 7.66
O2 EDO L . -0.17 19.15 9.02
C1 EDO M . -7.47 17.22 2.18
O1 EDO M . -6.90 17.62 0.94
C2 EDO M . -7.78 18.44 3.05
O2 EDO M . -6.63 19.29 3.15
CA CA N . 5.13 14.99 8.79
C1 NAG O . -3.45 12.72 -10.32
C2 NAG O . -2.91 13.50 -11.52
C3 NAG O . -3.73 14.78 -11.73
C4 NAG O . -5.22 14.45 -11.85
C5 NAG O . -5.69 13.56 -10.69
C6 NAG O . -7.10 13.04 -10.93
C7 NAG O . -0.59 13.71 -12.34
C8 NAG O . 0.81 14.11 -11.96
N2 NAG O . -1.51 13.83 -11.35
O3 NAG O . -3.27 15.46 -12.89
O4 NAG O . -5.97 15.67 -11.88
O5 NAG O . -4.83 12.42 -10.53
O6 NAG O . -8.02 14.14 -11.06
O7 NAG O . -0.84 13.32 -13.46
C1 EDO P . -6.88 25.45 -8.06
O1 EDO P . -7.85 25.24 -7.02
C2 EDO P . -5.95 24.24 -8.15
O2 EDO P . -6.64 23.12 -8.72
C1 NAG Q . -0.55 -24.60 22.74
C2 NAG Q . 0.11 -25.93 23.12
C3 NAG Q . 1.58 -26.01 22.70
C4 NAG Q . 1.80 -25.51 21.27
C5 NAG Q . 1.12 -24.16 21.07
C6 NAG Q . 1.30 -23.60 19.65
C7 NAG Q . -0.60 -27.16 25.14
C8 NAG Q . -0.59 -27.14 26.64
N2 NAG Q . 0.00 -26.12 24.55
O3 NAG Q . 2.03 -27.36 22.79
O4 NAG Q . 3.20 -25.44 20.98
O5 NAG Q . -0.28 -24.28 21.37
O6 NAG Q . 0.83 -24.52 18.67
O7 NAG Q . -1.12 -28.09 24.53
C1 EDO R . 29.16 32.64 0.40
O1 EDO R . 29.81 31.37 0.19
C2 EDO R . 28.68 32.75 1.83
O2 EDO R . 29.79 32.82 2.73
CA CA S . 17.54 -0.14 -4.21
C1 NAG T . -14.36 -28.17 -13.98
C2 NAG T . -14.56 -27.16 -15.12
C3 NAG T . -14.48 -27.82 -16.51
C4 NAG T . -14.67 -29.33 -16.45
C5 NAG T . -15.69 -29.72 -15.38
C6 NAG T . -15.96 -31.23 -15.34
C7 NAG T . -15.95 -25.21 -14.46
C8 NAG T . -17.35 -24.68 -14.42
N2 NAG T . -15.83 -26.45 -14.98
O3 NAG T . -13.20 -27.53 -17.10
O4 NAG T . -15.11 -29.78 -17.74
O5 NAG T . -15.28 -29.27 -14.07
O6 NAG T . -14.74 -31.97 -15.21
O7 NAG T . -15.01 -24.55 -14.06
CA CA U . -0.71 11.08 -14.08
C1 NAG V . 14.78 -1.01 -8.20
C2 NAG V . 16.27 -0.71 -8.07
C3 NAG V . 17.05 -1.10 -9.33
C4 NAG V . 16.68 -2.51 -9.81
C5 NAG V . 15.17 -2.63 -9.92
C6 NAG V . 14.72 -4.02 -10.38
C7 NAG V . 17.38 1.19 -6.94
C8 NAG V . 17.40 2.68 -6.78
N2 NAG V . 16.45 0.70 -7.77
O3 NAG V . 18.46 -1.05 -9.06
O4 NAG V . 17.32 -2.78 -11.06
O5 NAG V . 14.57 -2.35 -8.66
O6 NAG V . 14.99 -4.99 -9.35
O7 NAG V . 18.19 0.49 -6.34
#